data_3SLC
#
_entry.id   3SLC
#
_cell.length_a   283.159
_cell.length_b   62.168
_cell.length_c   91.695
_cell.angle_alpha   90.00
_cell.angle_beta   93.57
_cell.angle_gamma   90.00
#
_symmetry.space_group_name_H-M   'C 1 2 1'
#
loop_
_entity.id
_entity.type
_entity.pdbx_description
1 polymer 'Acetate kinase'
2 non-polymer 1,2-ETHANEDIOL
3 water water
#
_entity_poly.entity_id   1
_entity_poly.type   'polypeptide(L)'
_entity_poly.pdbx_seq_one_letter_code
;MRGSHHHHHHGMASHMSSKLVLVLNCGSSSLKFAIIDAVNGDEYLSGLAECFHLPEARIKWKMDGSKQEAALGAGAAHSE
ALNFIVNTILAQKPELSAQLTAIGHRIVHGGEKYTSSVVIDESVIQGIKDSASFAPLHNPAHLIGIAEALKSFPQLKDKN
VAVFDTAFHQTMPEESYLYALPYSLYKEHGVRRYGAHGTSHFYVTQEAAKMLNKPVEELNIITCHLGNGGSVSAIRNGKC
VDTSMGLTPLEGLVMGTRSGDIDPAIIFHLHDTLGMSVDQINKMLTKESGLLGLTEVTSDCRYVEDNYATKEDAKRAMDV
YCHRLAKYIGSYTALMDGRLDAVVFTGGIGENAAMVRELSLGKLGVLGFEVDHERNLAARFGKSGFINKEGTRPAVVIPT
NEELVIAQDASRLTA
;
_entity_poly.pdbx_strand_id   A,B,C,D
#
loop_
_chem_comp.id
_chem_comp.type
_chem_comp.name
_chem_comp.formula
EDO non-polymer 1,2-ETHANEDIOL 'C2 H6 O2'
#
# COMPACT_ATOMS: atom_id res chain seq x y z
N HIS A 15 -3.75 -29.29 -32.51
CA HIS A 15 -4.18 -30.32 -31.52
C HIS A 15 -4.15 -29.78 -30.09
N MET A 16 -3.16 -28.93 -29.82
CA MET A 16 -3.00 -28.28 -28.53
C MET A 16 -3.93 -27.07 -28.40
N SER A 17 -4.30 -26.73 -27.17
CA SER A 17 -5.20 -25.59 -26.93
C SER A 17 -4.95 -24.89 -25.59
N SER A 18 -5.30 -23.61 -25.56
CA SER A 18 -5.26 -22.79 -24.34
C SER A 18 -6.68 -22.44 -23.96
N LYS A 19 -6.95 -22.44 -22.65
CA LYS A 19 -8.23 -22.00 -22.12
C LYS A 19 -7.99 -21.10 -20.91
N LEU A 20 -7.78 -19.81 -21.18
CA LEU A 20 -7.45 -18.82 -20.16
C LEU A 20 -8.66 -18.46 -19.28
N VAL A 21 -8.46 -18.52 -17.96
CA VAL A 21 -9.50 -18.20 -17.00
C VAL A 21 -9.01 -17.13 -16.02
N LEU A 22 -9.85 -16.15 -15.74
CA LEU A 22 -9.58 -15.12 -14.74
C LEU A 22 -10.02 -15.61 -13.36
N VAL A 23 -9.05 -15.79 -12.48
CA VAL A 23 -9.31 -16.23 -11.11
C VAL A 23 -9.41 -15.00 -10.21
N LEU A 24 -10.53 -14.89 -9.50
CA LEU A 24 -10.76 -13.78 -8.59
C LEU A 24 -11.06 -14.28 -7.18
N ASN A 25 -10.43 -13.63 -6.20
CA ASN A 25 -10.58 -13.95 -4.79
C ASN A 25 -10.86 -12.66 -4.03
N CYS A 26 -12.15 -12.38 -3.80
CA CYS A 26 -12.58 -11.08 -3.29
C CYS A 26 -12.90 -11.02 -1.80
N GLY A 27 -12.20 -10.13 -1.09
CA GLY A 27 -12.52 -9.78 0.29
C GLY A 27 -13.06 -8.36 0.38
N SER A 28 -13.44 -7.94 1.59
CA SER A 28 -14.05 -6.62 1.79
C SER A 28 -13.09 -5.45 1.59
N SER A 29 -11.78 -5.74 1.66
CA SER A 29 -10.75 -4.73 1.48
C SER A 29 -9.63 -5.21 0.56
N SER A 30 -9.79 -6.41 0.00
CA SER A 30 -8.79 -7.01 -0.89
C SER A 30 -9.41 -7.65 -2.12
N LEU A 31 -8.58 -7.79 -3.16
CA LEU A 31 -8.96 -8.53 -4.37
C LEU A 31 -7.72 -9.18 -4.97
N LYS A 32 -7.58 -10.49 -4.75
CA LYS A 32 -6.54 -11.29 -5.38
C LYS A 32 -7.02 -11.77 -6.74
N PHE A 33 -6.27 -11.41 -7.79
CA PHE A 33 -6.62 -11.77 -9.16
C PHE A 33 -5.48 -12.51 -9.87
N ALA A 34 -5.84 -13.37 -10.81
CA ALA A 34 -4.86 -14.10 -11.62
C ALA A 34 -5.46 -14.54 -12.95
N ILE A 35 -4.61 -14.67 -13.98
CA ILE A 35 -5.03 -15.26 -15.24
C ILE A 35 -4.24 -16.55 -15.47
N ILE A 36 -4.95 -17.66 -15.43
CA ILE A 36 -4.33 -18.98 -15.58
C ILE A 36 -4.88 -19.67 -16.82
N ASP A 37 -3.99 -20.32 -17.57
CA ASP A 37 -4.39 -21.22 -18.64
C ASP A 37 -4.72 -22.55 -17.98
N ALA A 38 -6.02 -22.88 -17.93
CA ALA A 38 -6.51 -24.06 -17.22
C ALA A 38 -5.95 -25.37 -17.74
N VAL A 39 -5.53 -25.37 -19.01
CA VAL A 39 -5.05 -26.57 -19.69
C VAL A 39 -3.70 -27.06 -19.13
N ASN A 40 -2.73 -26.16 -19.03
CA ASN A 40 -1.37 -26.50 -18.58
C ASN A 40 -0.91 -25.81 -17.29
N GLY A 41 -1.62 -24.76 -16.89
CA GLY A 41 -1.33 -24.05 -15.64
C GLY A 41 -0.50 -22.78 -15.78
N ASP A 42 -0.27 -22.34 -17.01
CA ASP A 42 0.53 -21.14 -17.28
C ASP A 42 -0.13 -19.89 -16.71
N GLU A 43 0.65 -19.14 -15.93
CA GLU A 43 0.18 -17.89 -15.35
C GLU A 43 0.59 -16.69 -16.21
N TYR A 44 -0.40 -15.99 -16.75
CA TYR A 44 -0.14 -14.83 -17.60
C TYR A 44 -0.12 -13.52 -16.81
N LEU A 45 -0.86 -13.48 -15.71
CA LEU A 45 -0.94 -12.31 -14.83
C LEU A 45 -1.34 -12.74 -13.42
N SER A 46 -0.79 -12.06 -12.42
CA SER A 46 -1.25 -12.18 -11.03
C SER A 46 -1.05 -10.88 -10.27
N GLY A 47 -1.97 -10.57 -9.36
CA GLY A 47 -1.86 -9.36 -8.56
C GLY A 47 -2.73 -9.29 -7.33
N LEU A 48 -2.73 -8.12 -6.70
CA LEU A 48 -3.44 -7.87 -5.45
C LEU A 48 -3.79 -6.39 -5.29
N ALA A 49 -5.08 -6.09 -5.26
CA ALA A 49 -5.57 -4.74 -4.96
C ALA A 49 -6.00 -4.69 -3.49
N GLU A 50 -5.38 -3.79 -2.73
CA GLU A 50 -5.54 -3.75 -1.28
C GLU A 50 -5.86 -2.36 -0.73
N CYS A 51 -6.13 -2.31 0.58
CA CYS A 51 -6.43 -1.07 1.31
C CYS A 51 -7.61 -0.31 0.72
N PHE A 52 -8.76 -0.99 0.68
CA PHE A 52 -9.98 -0.45 0.09
C PHE A 52 -10.66 0.53 1.04
N HIS A 53 -11.22 1.59 0.46
CA HIS A 53 -11.90 2.68 1.19
C HIS A 53 -10.94 3.49 2.09
N LEU A 54 -9.69 3.60 1.64
CA LEU A 54 -8.63 4.33 2.37
C LEU A 54 -7.81 5.18 1.41
N PRO A 55 -7.01 6.14 1.93
CA PRO A 55 -6.15 6.93 1.03
C PRO A 55 -5.03 6.10 0.38
N GLU A 56 -4.65 5.01 1.02
CA GLU A 56 -3.54 4.17 0.56
C GLU A 56 -3.87 3.30 -0.66
N ALA A 57 -5.16 3.12 -0.91
CA ALA A 57 -5.70 2.22 -1.95
C ALA A 57 -4.78 2.01 -3.17
N ARG A 58 -4.17 0.82 -3.23
CA ARG A 58 -3.19 0.49 -4.25
C ARG A 58 -3.43 -0.88 -4.89
N ILE A 59 -2.81 -1.09 -6.05
CA ILE A 59 -2.91 -2.36 -6.78
C ILE A 59 -1.52 -2.81 -7.28
N LYS A 60 -1.11 -4.00 -6.88
CA LYS A 60 0.17 -4.58 -7.28
C LYS A 60 -0.05 -5.72 -8.26
N TRP A 61 0.83 -5.88 -9.25
CA TRP A 61 0.77 -7.01 -10.18
C TRP A 61 2.10 -7.39 -10.83
N LYS A 62 2.25 -8.70 -11.06
CA LYS A 62 3.35 -9.24 -11.84
C LYS A 62 2.75 -9.84 -13.10
N MET A 63 3.25 -9.43 -14.26
CA MET A 63 2.63 -9.85 -15.52
C MET A 63 3.53 -10.72 -16.40
N ASP A 64 4.54 -10.12 -17.01
CA ASP A 64 5.30 -10.80 -18.09
C ASP A 64 6.50 -11.70 -17.76
N GLY A 65 6.98 -11.76 -16.51
CA GLY A 65 6.40 -11.07 -15.35
C GLY A 65 7.38 -10.29 -14.48
N SER A 66 7.20 -8.97 -14.45
CA SER A 66 7.94 -8.08 -13.55
C SER A 66 6.96 -7.28 -12.67
N LYS A 67 7.46 -6.77 -11.55
CA LYS A 67 6.63 -6.12 -10.52
C LYS A 67 6.24 -4.67 -10.85
N GLN A 68 4.93 -4.40 -10.82
CA GLN A 68 4.39 -3.06 -11.02
C GLN A 68 3.47 -2.69 -9.84
N GLU A 69 3.57 -1.46 -9.37
CA GLU A 69 2.70 -0.95 -8.30
C GLU A 69 2.08 0.40 -8.66
N ALA A 70 0.77 0.49 -8.47
CA ALA A 70 0.02 1.74 -8.72
C ALA A 70 -1.10 1.91 -7.71
N ALA A 71 -1.51 3.16 -7.48
CA ALA A 71 -2.63 3.48 -6.61
C ALA A 71 -3.89 3.77 -7.42
N LEU A 72 -5.03 3.23 -6.97
CA LEU A 72 -6.30 3.38 -7.67
C LEU A 72 -7.01 4.66 -7.27
N GLY A 73 -6.53 5.30 -6.21
CA GLY A 73 -7.08 6.55 -5.70
C GLY A 73 -7.67 6.40 -4.32
N ALA A 74 -7.63 7.47 -3.55
CA ALA A 74 -8.17 7.50 -2.18
C ALA A 74 -9.65 7.08 -2.16
N GLY A 75 -9.94 6.02 -1.41
CA GLY A 75 -11.28 5.46 -1.33
C GLY A 75 -11.67 4.68 -2.57
N ALA A 76 -10.87 3.66 -2.90
CA ALA A 76 -11.12 2.82 -4.07
C ALA A 76 -11.89 1.56 -3.71
N ALA A 77 -12.87 1.22 -4.54
CA ALA A 77 -13.68 0.03 -4.38
C ALA A 77 -13.29 -1.06 -5.38
N HIS A 78 -14.04 -2.15 -5.39
CA HIS A 78 -13.83 -3.27 -6.29
C HIS A 78 -14.05 -2.88 -7.76
N SER A 79 -14.91 -1.89 -7.99
CA SER A 79 -15.24 -1.43 -9.34
C SER A 79 -14.01 -0.91 -10.06
N GLU A 80 -13.31 0.04 -9.45
CA GLU A 80 -12.05 0.57 -9.99
C GLU A 80 -10.92 -0.45 -9.94
N ALA A 81 -11.06 -1.43 -9.05
CA ALA A 81 -10.11 -2.54 -8.97
C ALA A 81 -10.19 -3.42 -10.21
N LEU A 82 -11.40 -3.61 -10.73
CA LEU A 82 -11.59 -4.29 -11.99
C LEU A 82 -11.43 -3.32 -13.16
N ASN A 83 -11.72 -2.04 -12.91
CA ASN A 83 -11.46 -0.98 -13.88
C ASN A 83 -9.98 -0.92 -14.26
N PHE A 84 -9.11 -0.92 -13.25
CA PHE A 84 -7.68 -0.87 -13.46
C PHE A 84 -7.15 -2.09 -14.22
N ILE A 85 -7.73 -3.26 -13.94
CA ILE A 85 -7.40 -4.49 -14.65
C ILE A 85 -7.84 -4.41 -16.12
N VAL A 86 -9.08 -3.99 -16.35
CA VAL A 86 -9.62 -3.88 -17.71
C VAL A 86 -9.00 -2.73 -18.49
N ASN A 87 -9.08 -1.52 -17.93
CA ASN A 87 -8.75 -0.29 -18.65
C ASN A 87 -7.27 0.10 -18.64
N THR A 88 -6.51 -0.43 -17.69
CA THR A 88 -5.09 -0.14 -17.63
C THR A 88 -4.26 -1.38 -17.99
N ILE A 89 -4.38 -2.44 -17.19
CA ILE A 89 -3.57 -3.66 -17.38
C ILE A 89 -3.92 -4.42 -18.66
N LEU A 90 -5.18 -4.84 -18.79
CA LEU A 90 -5.64 -5.64 -19.93
C LEU A 90 -5.68 -4.86 -21.26
N ALA A 91 -5.78 -3.53 -21.14
CA ALA A 91 -5.87 -2.67 -22.32
C ALA A 91 -4.56 -2.65 -23.12
N GLN A 92 -3.44 -2.75 -22.42
CA GLN A 92 -2.10 -2.80 -23.04
C GLN A 92 -1.92 -4.10 -23.85
N LYS A 93 -2.39 -5.21 -23.28
CA LYS A 93 -2.32 -6.51 -23.93
C LYS A 93 -3.72 -6.99 -24.30
N PRO A 94 -4.31 -6.43 -25.38
CA PRO A 94 -5.69 -6.78 -25.76
C PRO A 94 -5.81 -8.21 -26.28
N GLU A 95 -4.71 -8.73 -26.83
CA GLU A 95 -4.63 -10.12 -27.28
C GLU A 95 -4.82 -11.08 -26.11
N LEU A 96 -4.45 -10.64 -24.90
CA LEU A 96 -4.64 -11.41 -23.68
C LEU A 96 -6.09 -11.34 -23.22
N SER A 97 -6.68 -10.15 -23.29
CA SER A 97 -8.06 -9.89 -22.89
C SER A 97 -9.07 -10.74 -23.68
N ALA A 98 -8.90 -10.76 -25.00
CA ALA A 98 -9.78 -11.53 -25.89
C ALA A 98 -9.72 -13.03 -25.63
N GLN A 99 -8.54 -13.51 -25.22
CA GLN A 99 -8.29 -14.94 -24.98
C GLN A 99 -9.02 -15.53 -23.77
N LEU A 100 -9.67 -14.69 -22.97
CA LEU A 100 -10.37 -15.13 -21.78
C LEU A 100 -11.65 -15.89 -22.12
N THR A 101 -11.82 -17.07 -21.53
CA THR A 101 -12.97 -17.94 -21.82
C THR A 101 -13.92 -18.14 -20.63
N ALA A 102 -13.49 -17.71 -19.44
CA ALA A 102 -14.29 -17.85 -18.20
C ALA A 102 -13.72 -17.04 -17.04
N ILE A 103 -14.52 -16.86 -16.00
CA ILE A 103 -14.08 -16.22 -14.76
C ILE A 103 -14.45 -17.08 -13.54
N GLY A 104 -13.44 -17.45 -12.76
CA GLY A 104 -13.65 -18.24 -11.55
C GLY A 104 -13.67 -17.38 -10.29
N HIS A 105 -14.60 -17.68 -9.39
CA HIS A 105 -14.71 -16.99 -8.11
C HIS A 105 -14.54 -17.95 -6.95
N ARG A 106 -13.65 -17.63 -6.01
CA ARG A 106 -13.52 -18.44 -4.81
C ARG A 106 -14.56 -18.00 -3.79
N ILE A 107 -15.26 -18.98 -3.23
CA ILE A 107 -16.24 -18.74 -2.19
C ILE A 107 -15.82 -19.48 -0.92
N VAL A 108 -15.78 -18.76 0.19
CA VAL A 108 -15.38 -19.29 1.49
C VAL A 108 -16.34 -20.37 1.98
N HIS A 109 -17.64 -20.15 1.81
CA HIS A 109 -18.63 -21.06 2.37
C HIS A 109 -19.81 -21.34 1.45
N GLY A 110 -20.00 -22.63 1.13
CA GLY A 110 -21.05 -23.05 0.22
C GLY A 110 -22.16 -23.86 0.87
N GLY A 111 -22.15 -23.94 2.21
CA GLY A 111 -23.15 -24.69 2.96
C GLY A 111 -23.24 -26.14 2.53
N GLU A 112 -24.42 -26.74 2.72
CA GLU A 112 -24.67 -28.11 2.29
C GLU A 112 -25.19 -28.18 0.86
N LYS A 113 -25.65 -27.04 0.34
CA LYS A 113 -26.24 -26.98 -1.00
C LYS A 113 -25.20 -27.31 -2.09
N TYR A 114 -23.99 -26.79 -1.94
CA TYR A 114 -22.98 -26.90 -3.00
C TYR A 114 -21.86 -27.90 -2.68
N THR A 115 -21.94 -29.06 -3.32
CA THR A 115 -21.00 -30.15 -3.08
C THR A 115 -19.85 -30.12 -4.06
N SER A 116 -19.95 -29.27 -5.07
CA SER A 116 -18.94 -29.13 -6.12
C SER A 116 -19.05 -27.74 -6.74
N SER A 117 -18.05 -27.36 -7.53
CA SER A 117 -18.07 -26.09 -8.26
C SER A 117 -19.28 -26.02 -9.18
N VAL A 118 -19.84 -24.82 -9.30
CA VAL A 118 -21.07 -24.60 -10.05
C VAL A 118 -20.94 -23.34 -10.93
N VAL A 119 -21.77 -23.25 -11.97
CA VAL A 119 -21.85 -22.05 -12.81
C VAL A 119 -22.77 -21.05 -12.13
N ILE A 120 -22.32 -19.80 -12.05
CA ILE A 120 -23.04 -18.76 -11.31
C ILE A 120 -24.28 -18.26 -12.07
N ASP A 121 -25.44 -18.42 -11.42
CA ASP A 121 -26.70 -17.84 -11.89
C ASP A 121 -27.44 -17.19 -10.71
N GLU A 122 -28.67 -16.73 -10.95
CA GLU A 122 -29.49 -16.10 -9.90
C GLU A 122 -29.65 -16.97 -8.65
N SER A 123 -29.80 -18.29 -8.84
CA SER A 123 -29.96 -19.22 -7.72
C SER A 123 -28.66 -19.45 -6.93
N VAL A 124 -27.52 -19.32 -7.61
CA VAL A 124 -26.21 -19.42 -6.93
C VAL A 124 -25.92 -18.15 -6.14
N ILE A 125 -26.26 -17.00 -6.70
CA ILE A 125 -26.21 -15.73 -5.97
C ILE A 125 -26.98 -15.86 -4.66
N GLN A 126 -28.17 -16.46 -4.73
CA GLN A 126 -28.98 -16.70 -3.54
C GLN A 126 -28.35 -17.72 -2.61
N GLY A 127 -27.78 -18.79 -3.17
CA GLY A 127 -27.11 -19.83 -2.40
C GLY A 127 -25.96 -19.28 -1.57
N ILE A 128 -25.14 -18.45 -2.20
CA ILE A 128 -24.05 -17.74 -1.52
C ILE A 128 -24.61 -16.79 -0.46
N LYS A 129 -25.71 -16.11 -0.78
CA LYS A 129 -26.37 -15.21 0.17
C LYS A 129 -26.93 -15.95 1.38
N ASP A 130 -27.46 -17.15 1.14
CA ASP A 130 -28.02 -17.96 2.22
C ASP A 130 -26.93 -18.57 3.11
N SER A 131 -25.79 -18.92 2.49
CA SER A 131 -24.62 -19.42 3.21
C SER A 131 -23.86 -18.31 3.93
N ALA A 132 -24.20 -17.06 3.62
CA ALA A 132 -23.57 -15.88 4.22
C ALA A 132 -23.67 -15.90 5.75
N SER A 133 -24.71 -16.53 6.27
CA SER A 133 -24.89 -16.77 7.71
C SER A 133 -23.64 -17.39 8.34
N PHE A 134 -22.97 -18.28 7.60
CA PHE A 134 -21.78 -18.97 8.09
C PHE A 134 -20.47 -18.24 7.77
N ALA A 135 -20.50 -17.37 6.76
CA ALA A 135 -19.37 -16.50 6.45
C ALA A 135 -19.87 -15.07 6.28
N PRO A 136 -20.17 -14.38 7.41
CA PRO A 136 -20.85 -13.08 7.42
C PRO A 136 -20.01 -11.93 6.85
N LEU A 137 -18.70 -12.12 6.82
CA LEU A 137 -17.80 -11.06 6.37
C LEU A 137 -17.28 -11.34 4.95
N HIS A 138 -16.96 -12.61 4.69
CA HIS A 138 -16.37 -13.01 3.41
C HIS A 138 -17.39 -13.14 2.27
N ASN A 139 -18.48 -13.86 2.51
CA ASN A 139 -19.48 -14.13 1.47
C ASN A 139 -20.12 -12.89 0.82
N PRO A 140 -20.47 -11.86 1.63
CA PRO A 140 -20.97 -10.61 1.04
C PRO A 140 -19.97 -9.96 0.08
N ALA A 141 -18.68 -10.07 0.40
CA ALA A 141 -17.62 -9.48 -0.41
C ALA A 141 -17.45 -10.20 -1.75
N HIS A 142 -17.64 -11.52 -1.74
CA HIS A 142 -17.62 -12.31 -2.98
C HIS A 142 -18.66 -11.79 -3.96
N LEU A 143 -19.87 -11.55 -3.45
CA LEU A 143 -21.01 -11.09 -4.25
C LEU A 143 -20.79 -9.72 -4.90
N ILE A 144 -20.12 -8.82 -4.18
CA ILE A 144 -19.69 -7.53 -4.74
C ILE A 144 -18.77 -7.79 -5.94
N GLY A 145 -17.74 -8.63 -5.72
CA GLY A 145 -16.81 -9.04 -6.77
C GLY A 145 -17.48 -9.75 -7.93
N ILE A 146 -18.45 -10.60 -7.61
CA ILE A 146 -19.26 -11.28 -8.62
C ILE A 146 -20.07 -10.27 -9.44
N ALA A 147 -20.67 -9.29 -8.75
CA ALA A 147 -21.46 -8.24 -9.40
C ALA A 147 -20.64 -7.33 -10.30
N GLU A 148 -19.37 -7.13 -9.94
CA GLU A 148 -18.48 -6.26 -10.71
C GLU A 148 -17.91 -6.97 -11.93
N ALA A 149 -17.70 -8.28 -11.82
CA ALA A 149 -17.19 -9.09 -12.93
C ALA A 149 -18.21 -9.24 -14.05
N LEU A 150 -19.49 -9.18 -13.68
CA LEU A 150 -20.57 -9.20 -14.67
C LEU A 150 -20.69 -7.86 -15.39
N LYS A 151 -20.34 -6.77 -14.70
CA LYS A 151 -20.38 -5.43 -15.28
C LYS A 151 -19.12 -5.05 -16.05
N SER A 152 -17.98 -5.53 -15.57
CA SER A 152 -16.70 -5.24 -16.21
C SER A 152 -16.40 -6.20 -17.37
N PHE A 153 -16.94 -7.41 -17.29
CA PHE A 153 -16.81 -8.39 -18.36
C PHE A 153 -18.20 -8.86 -18.81
N PRO A 154 -18.88 -8.04 -19.66
CA PRO A 154 -20.21 -8.40 -20.14
C PRO A 154 -20.19 -9.71 -20.93
N GLN A 155 -19.13 -9.90 -21.73
CA GLN A 155 -18.99 -11.06 -22.60
C GLN A 155 -19.01 -12.39 -21.86
N LEU A 156 -18.54 -12.37 -20.61
CA LEU A 156 -18.43 -13.59 -19.81
C LEU A 156 -19.49 -13.64 -18.70
N LYS A 157 -20.65 -13.05 -18.96
CA LYS A 157 -21.71 -12.99 -17.94
C LYS A 157 -22.40 -14.33 -17.66
N ASP A 158 -22.34 -15.24 -18.63
CA ASP A 158 -22.90 -16.57 -18.47
C ASP A 158 -21.79 -17.61 -18.29
N LYS A 159 -20.57 -17.13 -18.09
CA LYS A 159 -19.39 -17.98 -17.95
C LYS A 159 -18.65 -17.74 -16.63
N ASN A 160 -19.39 -17.30 -15.63
CA ASN A 160 -18.87 -17.13 -14.26
C ASN A 160 -19.09 -18.40 -13.46
N VAL A 161 -18.05 -18.86 -12.78
CA VAL A 161 -18.13 -20.09 -11.99
C VAL A 161 -17.76 -19.83 -10.53
N ALA A 162 -18.50 -20.47 -9.62
CA ALA A 162 -18.20 -20.41 -8.19
C ALA A 162 -17.46 -21.66 -7.76
N VAL A 163 -16.43 -21.48 -6.94
CA VAL A 163 -15.60 -22.58 -6.45
C VAL A 163 -15.50 -22.48 -4.93
N PHE A 164 -16.04 -23.48 -4.24
CA PHE A 164 -16.26 -23.40 -2.79
C PHE A 164 -15.19 -24.07 -1.95
N ASP A 165 -14.67 -23.31 -0.99
CA ASP A 165 -13.70 -23.79 -0.01
C ASP A 165 -14.22 -25.01 0.75
N THR A 166 -15.54 -25.15 0.78
CA THR A 166 -16.20 -26.18 1.57
C THR A 166 -16.66 -27.38 0.75
N ALA A 167 -16.77 -27.20 -0.56
CA ALA A 167 -17.31 -28.23 -1.47
C ALA A 167 -16.72 -29.61 -1.25
N PHE A 168 -15.38 -29.66 -1.18
CA PHE A 168 -14.63 -30.92 -1.07
C PHE A 168 -14.94 -31.70 0.21
N HIS A 169 -15.38 -30.99 1.24
CA HIS A 169 -15.63 -31.60 2.53
C HIS A 169 -17.07 -32.13 2.67
N GLN A 170 -17.87 -31.98 1.62
CA GLN A 170 -19.26 -32.42 1.67
C GLN A 170 -19.43 -33.93 1.55
N THR A 171 -18.36 -34.63 1.18
CA THR A 171 -18.39 -36.10 1.14
C THR A 171 -18.34 -36.73 2.53
N MET A 172 -18.04 -35.91 3.55
CA MET A 172 -18.02 -36.37 4.95
C MET A 172 -19.33 -37.07 5.35
N PRO A 173 -19.22 -38.21 6.05
CA PRO A 173 -20.39 -38.87 6.63
C PRO A 173 -20.89 -38.11 7.85
N GLU A 174 -22.13 -38.40 8.25
CA GLU A 174 -22.75 -37.79 9.43
C GLU A 174 -21.87 -37.93 10.66
N GLU A 175 -21.26 -39.10 10.80
CA GLU A 175 -20.35 -39.41 11.91
CA GLU A 175 -20.36 -39.40 11.90
C GLU A 175 -19.35 -38.26 12.14
N SER A 176 -18.84 -37.69 11.05
CA SER A 176 -17.85 -36.62 11.12
C SER A 176 -18.42 -35.20 11.18
N TYR A 177 -19.51 -34.94 10.47
CA TYR A 177 -20.02 -33.55 10.40
C TYR A 177 -20.87 -33.11 11.59
N LEU A 178 -21.43 -34.07 12.33
CA LEU A 178 -22.28 -33.75 13.47
C LEU A 178 -21.48 -33.46 14.72
N TYR A 179 -21.82 -32.36 15.40
CA TYR A 179 -21.34 -32.10 16.74
C TYR A 179 -22.30 -32.72 17.75
N ALA A 180 -21.81 -32.97 18.97
CA ALA A 180 -22.65 -33.53 20.02
C ALA A 180 -23.49 -32.43 20.67
N LEU A 181 -24.25 -31.74 19.82
CA LEU A 181 -25.14 -30.67 20.23
C LEU A 181 -26.57 -31.14 19.95
N PRO A 182 -27.58 -30.34 20.35
CA PRO A 182 -28.96 -30.67 19.96
C PRO A 182 -29.05 -30.89 18.45
N TYR A 183 -29.62 -32.03 18.05
CA TYR A 183 -29.75 -32.38 16.63
C TYR A 183 -30.60 -31.37 15.86
N SER A 184 -31.56 -30.74 16.55
CA SER A 184 -32.39 -29.69 15.97
C SER A 184 -31.55 -28.53 15.44
N LEU A 185 -30.41 -28.29 16.08
CA LEU A 185 -29.49 -27.24 15.67
C LEU A 185 -28.94 -27.50 14.28
N TYR A 186 -28.77 -28.77 13.94
CA TYR A 186 -28.41 -29.16 12.57
C TYR A 186 -29.62 -29.11 11.65
N LYS A 187 -30.70 -29.78 12.05
CA LYS A 187 -31.91 -29.91 11.23
C LYS A 187 -32.48 -28.60 10.69
N GLU A 188 -32.50 -27.57 11.54
CA GLU A 188 -33.15 -26.30 11.18
C GLU A 188 -32.23 -25.09 11.07
N HIS A 189 -30.97 -25.24 11.44
CA HIS A 189 -30.00 -24.13 11.41
C HIS A 189 -28.69 -24.44 10.68
N GLY A 190 -28.53 -25.70 10.27
CA GLY A 190 -27.38 -26.11 9.47
C GLY A 190 -26.05 -26.18 10.20
N VAL A 191 -26.10 -26.17 11.54
CA VAL A 191 -24.90 -26.26 12.37
C VAL A 191 -24.24 -27.61 12.11
N ARG A 192 -23.05 -27.53 11.51
CA ARG A 192 -22.41 -28.69 10.91
C ARG A 192 -20.93 -28.37 10.79
N ARG A 193 -20.12 -29.41 10.65
CA ARG A 193 -18.72 -29.23 10.27
C ARG A 193 -18.64 -29.04 8.76
N TYR A 194 -18.04 -27.94 8.33
CA TYR A 194 -17.93 -27.60 6.90
C TYR A 194 -16.49 -27.53 6.39
N GLY A 195 -15.56 -27.21 7.29
CA GLY A 195 -14.15 -27.09 6.94
C GLY A 195 -13.80 -25.94 6.03
N ALA A 196 -12.56 -25.97 5.53
CA ALA A 196 -12.06 -25.01 4.55
C ALA A 196 -10.82 -25.59 3.86
N HIS A 197 -10.17 -24.78 3.02
CA HIS A 197 -9.02 -25.22 2.20
C HIS A 197 -9.38 -26.39 1.28
N GLY A 198 -10.68 -26.61 1.05
CA GLY A 198 -11.16 -27.75 0.27
C GLY A 198 -10.51 -27.85 -1.10
N THR A 199 -10.32 -26.70 -1.73
CA THR A 199 -9.70 -26.61 -3.04
C THR A 199 -8.24 -27.10 -3.00
N SER A 200 -7.52 -26.73 -1.94
CA SER A 200 -6.15 -27.19 -1.74
C SER A 200 -6.12 -28.65 -1.35
N HIS A 201 -7.03 -29.07 -0.48
CA HIS A 201 -7.11 -30.46 -0.04
C HIS A 201 -7.36 -31.40 -1.21
N PHE A 202 -8.23 -30.95 -2.13
CA PHE A 202 -8.51 -31.67 -3.37
C PHE A 202 -7.24 -31.81 -4.22
N TYR A 203 -6.56 -30.69 -4.43
CA TYR A 203 -5.38 -30.61 -5.30
C TYR A 203 -4.28 -31.57 -4.88
N VAL A 204 -3.92 -31.56 -3.59
CA VAL A 204 -2.83 -32.40 -3.10
C VAL A 204 -3.17 -33.89 -3.08
N THR A 205 -4.47 -34.19 -2.96
CA THR A 205 -4.97 -35.56 -3.11
C THR A 205 -4.72 -36.07 -4.53
N GLN A 206 -5.07 -35.27 -5.53
CA GLN A 206 -4.89 -35.66 -6.93
C GLN A 206 -3.40 -35.86 -7.25
N GLU A 207 -2.55 -35.01 -6.68
CA GLU A 207 -1.12 -35.10 -6.89
C GLU A 207 -0.50 -36.28 -6.17
N ALA A 208 -0.98 -36.56 -4.96
CA ALA A 208 -0.48 -37.71 -4.18
C ALA A 208 -0.70 -39.02 -4.92
N ALA A 209 -1.74 -39.06 -5.75
CA ALA A 209 -1.99 -40.21 -6.61
C ALA A 209 -0.83 -40.41 -7.59
N LYS A 210 -0.41 -39.33 -8.25
CA LYS A 210 0.75 -39.36 -9.16
C LYS A 210 2.02 -39.81 -8.43
N MET A 211 2.26 -39.24 -7.26
CA MET A 211 3.46 -39.52 -6.48
C MET A 211 3.49 -40.92 -5.88
N LEU A 212 2.32 -41.47 -5.57
CA LEU A 212 2.23 -42.83 -5.05
C LEU A 212 1.92 -43.86 -6.14
N ASN A 213 1.79 -43.39 -7.38
CA ASN A 213 1.61 -44.25 -8.56
C ASN A 213 0.40 -45.18 -8.45
N LYS A 214 -0.68 -44.63 -7.91
CA LYS A 214 -1.91 -45.40 -7.68
C LYS A 214 -3.14 -44.54 -7.97
N PRO A 215 -4.31 -45.17 -8.19
CA PRO A 215 -5.52 -44.42 -8.49
C PRO A 215 -5.99 -43.56 -7.33
N VAL A 216 -6.46 -42.35 -7.64
CA VAL A 216 -7.05 -41.46 -6.65
C VAL A 216 -8.23 -42.12 -5.92
N GLU A 217 -8.87 -43.08 -6.61
CA GLU A 217 -10.01 -43.83 -6.06
CA GLU A 217 -10.01 -43.81 -6.05
C GLU A 217 -9.60 -44.75 -4.90
N GLU A 218 -8.32 -45.10 -4.86
CA GLU A 218 -7.79 -46.04 -3.85
C GLU A 218 -6.89 -45.36 -2.81
N LEU A 219 -7.05 -44.05 -2.67
CA LEU A 219 -6.11 -43.26 -1.90
C LEU A 219 -6.57 -42.98 -0.47
N ASN A 220 -5.78 -43.46 0.49
CA ASN A 220 -6.01 -43.24 1.89
C ASN A 220 -4.89 -42.39 2.47
N ILE A 221 -5.10 -41.08 2.51
CA ILE A 221 -4.08 -40.15 2.99
C ILE A 221 -4.63 -39.17 4.02
N ILE A 222 -3.72 -38.57 4.79
CA ILE A 222 -4.06 -37.52 5.74
C ILE A 222 -3.38 -36.24 5.24
N THR A 223 -4.18 -35.26 4.87
CA THR A 223 -3.65 -34.05 4.21
C THR A 223 -3.58 -32.84 5.15
N CYS A 224 -2.44 -32.15 5.14
CA CYS A 224 -2.22 -31.02 6.02
C CYS A 224 -1.93 -29.76 5.22
N HIS A 225 -2.92 -28.89 5.11
CA HIS A 225 -2.70 -27.56 4.54
C HIS A 225 -2.37 -26.60 5.68
N LEU A 226 -1.13 -26.10 5.67
CA LEU A 226 -0.64 -25.21 6.72
C LEU A 226 -0.09 -23.94 6.09
N GLY A 227 -0.79 -22.83 6.31
CA GLY A 227 -0.37 -21.54 5.77
C GLY A 227 -1.25 -20.42 6.27
N ASN A 228 -1.97 -19.79 5.35
CA ASN A 228 -3.00 -18.83 5.69
C ASN A 228 -4.17 -19.64 6.24
N GLY A 229 -4.17 -19.79 7.55
CA GLY A 229 -5.02 -20.76 8.22
C GLY A 229 -4.36 -22.13 8.12
N GLY A 230 -4.87 -23.08 8.90
CA GLY A 230 -4.33 -24.43 8.92
C GLY A 230 -5.43 -25.46 9.09
N SER A 231 -5.39 -26.48 8.25
CA SER A 231 -6.37 -27.56 8.34
C SER A 231 -5.76 -28.90 7.97
N VAL A 232 -6.20 -29.94 8.68
CA VAL A 232 -5.85 -31.31 8.36
C VAL A 232 -7.13 -32.03 7.92
N SER A 233 -7.02 -32.88 6.91
CA SER A 233 -8.15 -33.66 6.43
C SER A 233 -7.84 -35.15 6.33
N ALA A 234 -8.85 -35.97 6.59
CA ALA A 234 -8.75 -37.41 6.44
C ALA A 234 -9.38 -37.86 5.12
N ILE A 235 -8.54 -38.36 4.22
CA ILE A 235 -8.96 -38.82 2.90
C ILE A 235 -9.05 -40.34 2.91
N ARG A 236 -10.24 -40.87 2.58
CA ARG A 236 -10.42 -42.31 2.41
C ARG A 236 -10.93 -42.59 1.00
N ASN A 237 -10.18 -43.42 0.28
CA ASN A 237 -10.48 -43.73 -1.12
C ASN A 237 -10.78 -42.48 -1.96
N GLY A 238 -9.90 -41.49 -1.87
CA GLY A 238 -9.98 -40.28 -2.67
C GLY A 238 -10.98 -39.24 -2.20
N LYS A 239 -11.84 -39.62 -1.27
CA LYS A 239 -12.88 -38.73 -0.76
C LYS A 239 -12.57 -38.28 0.67
N CYS A 240 -12.97 -37.05 0.98
CA CYS A 240 -12.76 -36.51 2.33
C CYS A 240 -13.81 -37.05 3.28
N VAL A 241 -13.35 -37.65 4.37
CA VAL A 241 -14.24 -38.26 5.36
C VAL A 241 -14.17 -37.58 6.73
N ASP A 242 -13.29 -36.59 6.85
CA ASP A 242 -13.16 -35.74 8.05
C ASP A 242 -12.16 -34.62 7.79
N THR A 243 -12.37 -33.48 8.47
CA THR A 243 -11.46 -32.33 8.35
C THR A 243 -11.41 -31.56 9.67
N SER A 244 -10.36 -30.76 9.86
CA SER A 244 -10.07 -30.14 11.15
C SER A 244 -10.88 -28.87 11.45
N MET A 245 -11.06 -28.02 10.44
CA MET A 245 -11.92 -26.85 10.58
C MET A 245 -13.38 -27.26 10.69
N GLY A 246 -14.20 -26.41 11.28
CA GLY A 246 -15.57 -26.78 11.62
C GLY A 246 -16.63 -25.99 10.89
N LEU A 247 -17.56 -25.42 11.66
CA LEU A 247 -18.56 -24.50 11.14
C LEU A 247 -17.82 -23.42 10.39
N THR A 248 -16.78 -22.91 11.05
CA THR A 248 -15.96 -21.83 10.56
C THR A 248 -14.50 -22.29 10.50
N PRO A 249 -13.60 -21.45 9.95
CA PRO A 249 -12.17 -21.76 9.95
C PRO A 249 -11.48 -21.67 11.32
N LEU A 250 -12.24 -21.40 12.39
CA LEU A 250 -11.66 -21.21 13.72
C LEU A 250 -11.16 -22.51 14.36
N GLU A 251 -11.82 -23.63 14.06
CA GLU A 251 -11.53 -24.89 14.74
C GLU A 251 -10.29 -25.61 14.20
N GLY A 252 -9.62 -26.35 15.08
CA GLY A 252 -8.59 -27.31 14.67
C GLY A 252 -7.17 -26.96 15.06
N LEU A 253 -6.34 -26.70 14.06
CA LEU A 253 -4.92 -26.47 14.25
C LEU A 253 -4.60 -25.13 14.89
N VAL A 254 -3.38 -25.02 15.41
CA VAL A 254 -2.82 -23.74 15.82
C VAL A 254 -2.51 -22.98 14.53
N MET A 255 -3.01 -21.75 14.43
CA MET A 255 -2.80 -20.95 13.23
C MET A 255 -2.01 -19.69 13.53
N GLY A 256 -1.81 -18.85 12.51
CA GLY A 256 -1.03 -17.62 12.65
C GLY A 256 -1.58 -16.66 13.69
N THR A 257 -2.90 -16.51 13.70
CA THR A 257 -3.58 -15.57 14.57
C THR A 257 -4.78 -16.21 15.28
N ARG A 258 -5.19 -17.39 14.78
CA ARG A 258 -6.34 -18.11 15.32
C ARG A 258 -5.96 -19.22 16.31
N SER A 259 -6.79 -19.39 17.34
CA SER A 259 -6.51 -20.29 18.45
C SER A 259 -6.63 -21.75 18.08
N GLY A 260 -7.62 -22.07 17.26
CA GLY A 260 -7.98 -23.46 17.01
C GLY A 260 -8.71 -24.00 18.23
N ASP A 261 -8.52 -25.29 18.48
CA ASP A 261 -9.15 -25.98 19.60
C ASP A 261 -8.90 -25.32 20.94
N ILE A 262 -9.97 -25.09 21.69
CA ILE A 262 -9.92 -24.61 23.07
C ILE A 262 -11.01 -25.31 23.86
N ASP A 263 -10.89 -25.31 25.19
CA ASP A 263 -12.00 -25.71 26.03
C ASP A 263 -13.11 -24.69 25.75
N PRO A 264 -14.26 -25.14 25.23
CA PRO A 264 -15.34 -24.20 24.91
C PRO A 264 -15.67 -23.34 26.13
N ALA A 265 -15.50 -23.92 27.32
CA ALA A 265 -15.80 -23.26 28.59
C ALA A 265 -14.89 -22.05 28.86
N ILE A 266 -13.75 -22.00 28.20
CA ILE A 266 -12.85 -20.86 28.29
C ILE A 266 -13.60 -19.57 27.92
N ILE A 267 -14.33 -19.60 26.81
CA ILE A 267 -15.18 -18.48 26.40
C ILE A 267 -16.04 -17.97 27.57
N PHE A 268 -16.67 -18.90 28.29
CA PHE A 268 -17.49 -18.55 29.44
C PHE A 268 -16.67 -18.03 30.63
N HIS A 269 -15.44 -18.53 30.76
CA HIS A 269 -14.53 -18.08 31.82
C HIS A 269 -13.97 -16.68 31.53
N LEU A 270 -13.78 -16.39 30.24
CA LEU A 270 -13.37 -15.06 29.81
C LEU A 270 -14.49 -14.05 29.99
N HIS A 271 -15.73 -14.51 29.80
CA HIS A 271 -16.91 -13.65 29.90
C HIS A 271 -17.32 -13.40 31.36
N ASP A 272 -17.46 -14.47 32.14
CA ASP A 272 -18.01 -14.37 33.50
C ASP A 272 -16.99 -14.08 34.59
N THR A 273 -15.76 -14.54 34.40
CA THR A 273 -14.71 -14.34 35.40
C THR A 273 -13.80 -13.15 35.04
N LEU A 274 -13.51 -13.02 33.75
CA LEU A 274 -12.57 -12.00 33.28
C LEU A 274 -13.23 -10.78 32.65
N GLY A 275 -14.57 -10.78 32.59
CA GLY A 275 -15.36 -9.61 32.21
C GLY A 275 -15.33 -9.20 30.74
N MET A 276 -14.79 -10.07 29.91
CA MET A 276 -14.69 -9.82 28.46
C MET A 276 -16.01 -10.04 27.74
N SER A 277 -16.33 -9.14 26.82
CA SER A 277 -17.57 -9.24 26.03
C SER A 277 -17.40 -10.31 24.96
N VAL A 278 -18.52 -10.80 24.45
CA VAL A 278 -18.54 -11.78 23.36
C VAL A 278 -17.67 -11.28 22.21
N ASP A 279 -17.84 -10.01 21.86
CA ASP A 279 -17.09 -9.37 20.78
C ASP A 279 -15.60 -9.23 21.09
N GLN A 280 -15.28 -9.00 22.37
CA GLN A 280 -13.88 -8.96 22.81
C GLN A 280 -13.23 -10.33 22.70
N ILE A 281 -13.94 -11.36 23.17
CA ILE A 281 -13.46 -12.74 23.11
C ILE A 281 -13.32 -13.22 21.67
N ASN A 282 -14.28 -12.82 20.83
CA ASN A 282 -14.28 -13.17 19.42
C ASN A 282 -13.05 -12.63 18.72
N LYS A 283 -12.71 -11.38 19.02
CA LYS A 283 -11.55 -10.70 18.45
C LYS A 283 -10.24 -11.27 18.97
N MET A 284 -10.26 -11.81 20.19
CA MET A 284 -9.08 -12.42 20.78
C MET A 284 -8.75 -13.77 20.14
N LEU A 285 -9.76 -14.64 20.04
CA LEU A 285 -9.59 -15.96 19.46
C LEU A 285 -9.24 -15.92 17.99
N THR A 286 -9.59 -14.80 17.34
CA THR A 286 -9.48 -14.64 15.89
C THR A 286 -8.28 -13.77 15.47
N LYS A 287 -8.04 -12.70 16.21
CA LYS A 287 -6.98 -11.74 15.86
C LYS A 287 -5.76 -11.73 16.79
N GLU A 288 -5.89 -12.31 17.98
CA GLU A 288 -4.88 -12.16 19.03
C GLU A 288 -4.32 -13.48 19.58
N SER A 289 -4.80 -14.60 19.04
CA SER A 289 -4.39 -15.92 19.53
C SER A 289 -3.39 -16.62 18.63
N GLY A 290 -3.34 -17.94 18.71
CA GLY A 290 -2.46 -18.75 17.89
C GLY A 290 -0.98 -18.50 18.11
N LEU A 291 -0.27 -18.23 17.02
CA LEU A 291 1.18 -18.08 17.06
C LEU A 291 1.57 -16.70 17.59
N LEU A 292 0.67 -15.74 17.43
CA LEU A 292 0.80 -14.41 18.03
C LEU A 292 0.53 -14.52 19.53
N GLY A 293 -0.39 -15.42 19.90
CA GLY A 293 -0.70 -15.68 21.29
C GLY A 293 0.45 -16.33 22.04
N LEU A 294 0.98 -17.40 21.47
CA LEU A 294 2.05 -18.18 22.08
C LEU A 294 3.35 -17.40 22.20
N THR A 295 3.85 -16.90 21.07
CA THR A 295 4.95 -15.93 21.07
C THR A 295 4.30 -14.57 21.17
N GLU A 296 4.52 -13.86 22.26
CA GLU A 296 3.97 -12.53 22.45
C GLU A 296 4.67 -11.51 21.53
N VAL A 297 4.88 -11.91 20.27
CA VAL A 297 5.69 -11.15 19.32
C VAL A 297 5.03 -11.08 17.93
N THR A 298 4.83 -12.23 17.28
CA THR A 298 4.41 -12.24 15.88
C THR A 298 3.53 -13.43 15.46
N SER A 299 2.85 -13.24 14.33
CA SER A 299 2.03 -14.25 13.69
C SER A 299 2.84 -15.14 12.73
N ASP A 300 4.02 -14.67 12.36
CA ASP A 300 4.85 -15.30 11.33
C ASP A 300 5.50 -16.60 11.77
N CYS A 301 5.22 -17.68 11.04
CA CYS A 301 5.79 -18.99 11.34
C CYS A 301 7.28 -19.07 11.04
N ARG A 302 7.75 -18.19 10.15
CA ARG A 302 9.17 -18.08 9.82
C ARG A 302 10.01 -17.71 11.04
N TYR A 303 9.46 -16.84 11.89
CA TYR A 303 10.10 -16.43 13.13
C TYR A 303 10.29 -17.60 14.10
N VAL A 304 9.26 -18.42 14.23
CA VAL A 304 9.28 -19.60 15.10
C VAL A 304 10.23 -20.67 14.55
N GLU A 305 10.13 -20.92 13.25
CA GLU A 305 10.99 -21.89 12.54
C GLU A 305 12.48 -21.64 12.74
N ASP A 306 12.86 -20.37 12.81
CA ASP A 306 14.27 -20.00 12.90
C ASP A 306 14.78 -19.89 14.33
N ASN A 307 13.91 -19.45 15.25
CA ASN A 307 14.36 -19.08 16.59
C ASN A 307 14.01 -20.04 17.73
N TYR A 308 13.39 -21.18 17.42
CA TYR A 308 12.93 -22.11 18.46
C TYR A 308 14.07 -22.77 19.25
N ALA A 309 15.27 -22.76 18.68
CA ALA A 309 16.45 -23.32 19.33
C ALA A 309 17.15 -22.31 20.23
N THR A 310 16.84 -21.03 20.05
CA THR A 310 17.53 -19.95 20.78
C THR A 310 16.64 -19.06 21.64
N LYS A 311 15.34 -19.07 21.39
CA LYS A 311 14.40 -18.23 22.14
C LYS A 311 13.26 -19.03 22.78
N GLU A 312 12.97 -18.73 24.03
CA GLU A 312 11.95 -19.44 24.82
C GLU A 312 10.55 -19.31 24.21
N ASP A 313 10.14 -18.08 23.90
CA ASP A 313 8.83 -17.83 23.31
C ASP A 313 8.61 -18.53 21.96
N ALA A 314 9.67 -18.64 21.17
CA ALA A 314 9.62 -19.35 19.89
C ALA A 314 9.53 -20.86 20.08
N LYS A 315 10.17 -21.37 21.13
CA LYS A 315 10.16 -22.81 21.41
C LYS A 315 8.81 -23.27 21.92
N ARG A 316 8.19 -22.47 22.80
CA ARG A 316 6.89 -22.80 23.35
C ARG A 316 5.82 -22.78 22.27
N ALA A 317 5.97 -21.88 21.30
CA ALA A 317 5.05 -21.77 20.17
C ALA A 317 5.18 -22.97 19.24
N MET A 318 6.42 -23.30 18.89
CA MET A 318 6.71 -24.43 18.01
C MET A 318 6.18 -25.74 18.59
N ASP A 319 6.46 -25.97 19.87
CA ASP A 319 6.05 -27.19 20.55
C ASP A 319 4.54 -27.36 20.63
N VAL A 320 3.83 -26.30 21.01
CA VAL A 320 2.37 -26.33 21.03
C VAL A 320 1.85 -26.57 19.60
N TYR A 321 2.40 -25.82 18.63
CA TYR A 321 2.00 -25.98 17.23
C TYR A 321 2.13 -27.42 16.79
N CYS A 322 3.35 -27.96 16.90
CA CYS A 322 3.64 -29.32 16.46
C CYS A 322 2.89 -30.38 17.25
N HIS A 323 2.64 -30.09 18.53
CA HIS A 323 1.84 -30.96 19.39
C HIS A 323 0.44 -31.10 18.81
N ARG A 324 -0.16 -29.96 18.48
CA ARG A 324 -1.50 -29.90 17.89
C ARG A 324 -1.56 -30.64 16.55
N LEU A 325 -0.57 -30.40 15.69
CA LEU A 325 -0.55 -31.02 14.38
C LEU A 325 -0.40 -32.54 14.45
N ALA A 326 0.53 -33.01 15.27
CA ALA A 326 0.78 -34.45 15.44
C ALA A 326 -0.45 -35.21 15.92
N LYS A 327 -1.23 -34.59 16.81
CA LYS A 327 -2.41 -35.23 17.36
C LYS A 327 -3.53 -35.34 16.34
N TYR A 328 -3.62 -34.35 15.46
CA TYR A 328 -4.61 -34.37 14.37
C TYR A 328 -4.33 -35.47 13.35
N ILE A 329 -3.10 -35.54 12.88
CA ILE A 329 -2.64 -36.65 12.03
C ILE A 329 -3.00 -37.98 12.70
N GLY A 330 -2.58 -38.12 13.95
CA GLY A 330 -2.84 -39.32 14.75
C GLY A 330 -4.32 -39.62 14.93
N SER A 331 -5.12 -38.58 15.07
CA SER A 331 -6.56 -38.75 15.28
C SER A 331 -7.26 -39.31 14.05
N TYR A 332 -6.72 -39.02 12.88
CA TYR A 332 -7.38 -39.44 11.63
C TYR A 332 -7.11 -40.90 11.24
N THR A 333 -6.32 -41.59 12.05
CA THR A 333 -6.15 -43.05 11.93
C THR A 333 -7.51 -43.73 12.15
N ALA A 334 -8.37 -43.07 12.92
CA ALA A 334 -9.73 -43.54 13.18
C ALA A 334 -10.62 -43.46 11.94
N LEU A 335 -10.15 -42.77 10.90
CA LEU A 335 -10.88 -42.64 9.65
C LEU A 335 -10.27 -43.44 8.50
N MET A 336 -9.22 -44.22 8.79
CA MET A 336 -8.44 -44.85 7.72
C MET A 336 -8.82 -46.29 7.41
N ASP A 337 -9.67 -46.87 8.25
CA ASP A 337 -10.17 -48.24 8.05
C ASP A 337 -9.06 -49.27 7.78
N GLY A 338 -7.95 -49.11 8.49
CA GLY A 338 -6.87 -50.10 8.49
C GLY A 338 -5.70 -49.83 7.55
N ARG A 339 -5.75 -48.72 6.82
CA ARG A 339 -4.72 -48.41 5.84
C ARG A 339 -4.44 -46.92 5.70
N LEU A 340 -3.17 -46.56 5.88
CA LEU A 340 -2.71 -45.20 5.69
C LEU A 340 -1.52 -45.21 4.75
N ASP A 341 -1.74 -44.68 3.55
CA ASP A 341 -0.74 -44.71 2.48
C ASP A 341 0.39 -43.73 2.71
N ALA A 342 0.04 -42.53 3.19
CA ALA A 342 0.99 -41.42 3.35
C ALA A 342 0.37 -40.25 4.10
N VAL A 343 1.22 -39.38 4.63
CA VAL A 343 0.80 -38.06 5.09
C VAL A 343 1.29 -36.99 4.09
N VAL A 344 0.48 -35.98 3.87
CA VAL A 344 0.81 -34.92 2.90
C VAL A 344 0.92 -33.56 3.60
N PHE A 345 1.99 -32.83 3.27
CA PHE A 345 2.15 -31.46 3.76
C PHE A 345 2.07 -30.46 2.61
N THR A 346 1.34 -29.38 2.85
CA THR A 346 1.19 -28.32 1.84
C THR A 346 0.87 -26.97 2.48
N GLY A 347 0.88 -25.93 1.65
CA GLY A 347 0.60 -24.56 2.10
C GLY A 347 1.88 -23.79 2.35
N GLY A 348 1.75 -22.48 2.57
CA GLY A 348 2.89 -21.62 2.87
C GLY A 348 3.87 -22.22 3.88
N ILE A 349 3.34 -22.62 5.04
CA ILE A 349 4.12 -23.28 6.08
C ILE A 349 4.50 -24.71 5.66
N GLY A 350 3.50 -25.49 5.24
CA GLY A 350 3.69 -26.90 4.92
C GLY A 350 4.72 -27.22 3.86
N GLU A 351 4.95 -26.26 2.95
CA GLU A 351 5.92 -26.42 1.87
C GLU A 351 7.31 -25.93 2.26
N ASN A 352 7.37 -24.99 3.19
CA ASN A 352 8.63 -24.30 3.51
C ASN A 352 9.24 -24.62 4.88
N ALA A 353 8.39 -24.87 5.88
CA ALA A 353 8.85 -25.08 7.25
C ALA A 353 9.31 -26.52 7.54
N ALA A 354 10.58 -26.80 7.28
CA ALA A 354 11.16 -28.13 7.45
C ALA A 354 11.01 -28.73 8.85
N MET A 355 11.39 -27.96 9.88
CA MET A 355 11.38 -28.48 11.25
C MET A 355 9.97 -28.74 11.78
N VAL A 356 8.99 -27.94 11.35
CA VAL A 356 7.60 -28.17 11.71
C VAL A 356 7.18 -29.57 11.26
N ARG A 357 7.61 -29.93 10.06
CA ARG A 357 7.36 -31.26 9.50
C ARG A 357 8.14 -32.34 10.27
N GLU A 358 9.41 -32.05 10.56
CA GLU A 358 10.28 -32.97 11.28
C GLU A 358 9.85 -33.20 12.74
N LEU A 359 9.54 -32.12 13.44
CA LEU A 359 9.20 -32.17 14.86
C LEU A 359 7.82 -32.77 15.14
N SER A 360 6.86 -32.53 14.24
CA SER A 360 5.51 -33.03 14.46
C SER A 360 5.36 -34.50 14.07
N LEU A 361 6.02 -34.90 12.98
CA LEU A 361 6.02 -36.30 12.54
C LEU A 361 6.86 -37.18 13.46
N GLY A 362 7.90 -36.60 14.04
CA GLY A 362 8.78 -37.30 14.97
C GLY A 362 8.07 -37.79 16.23
N LYS A 363 6.93 -37.16 16.53
CA LYS A 363 6.11 -37.56 17.68
C LYS A 363 5.21 -38.76 17.35
N LEU A 364 5.23 -39.20 16.09
CA LEU A 364 4.34 -40.25 15.64
C LEU A 364 5.07 -41.53 15.23
N GLY A 365 6.04 -41.92 16.05
CA GLY A 365 6.77 -43.17 15.85
C GLY A 365 5.89 -44.41 15.93
N VAL A 366 4.85 -44.36 16.76
CA VAL A 366 3.90 -45.46 16.90
C VAL A 366 3.25 -45.82 15.56
N LEU A 367 2.92 -44.80 14.78
CA LEU A 367 2.32 -44.98 13.44
C LEU A 367 3.33 -45.44 12.39
N GLY A 368 4.62 -45.21 12.66
CA GLY A 368 5.67 -45.52 11.69
C GLY A 368 6.19 -44.28 10.97
N PHE A 369 6.11 -43.13 11.64
CA PHE A 369 6.60 -41.88 11.06
C PHE A 369 7.95 -41.44 11.63
N GLU A 370 8.86 -41.09 10.72
CA GLU A 370 10.15 -40.50 11.04
C GLU A 370 10.70 -39.80 9.79
N VAL A 371 11.09 -38.54 9.96
CA VAL A 371 11.56 -37.72 8.87
C VAL A 371 13.07 -37.88 8.65
N ASP A 372 13.49 -37.87 7.39
CA ASP A 372 14.91 -37.77 7.06
C ASP A 372 15.27 -36.30 6.92
N HIS A 373 16.27 -35.85 7.67
CA HIS A 373 16.65 -34.44 7.69
C HIS A 373 17.09 -33.94 6.31
N GLU A 374 17.96 -34.70 5.64
CA GLU A 374 18.48 -34.35 4.32
C GLU A 374 17.38 -34.17 3.28
N ARG A 375 16.43 -35.12 3.26
CA ARG A 375 15.28 -35.09 2.36
C ARG A 375 14.29 -33.99 2.70
N ASN A 376 14.08 -33.78 4.00
CA ASN A 376 13.17 -32.74 4.49
C ASN A 376 13.58 -31.34 4.05
N LEU A 377 14.88 -31.04 4.18
CA LEU A 377 15.42 -29.75 3.75
C LEU A 377 15.32 -29.57 2.25
N ALA A 378 15.57 -30.65 1.51
CA ALA A 378 15.52 -30.64 0.04
C ALA A 378 14.14 -30.31 -0.50
N ALA A 379 13.10 -30.67 0.26
CA ALA A 379 11.72 -30.44 -0.16
C ALA A 379 11.20 -29.11 0.37
N ARG A 380 11.77 -28.03 -0.14
CA ARG A 380 11.40 -26.67 0.26
C ARG A 380 11.36 -25.72 -0.92
N PHE A 381 10.64 -24.61 -0.73
CA PHE A 381 10.64 -23.48 -1.66
C PHE A 381 10.15 -23.84 -3.07
N GLY A 382 9.16 -24.73 -3.14
CA GLY A 382 8.57 -25.13 -4.42
C GLY A 382 8.85 -26.56 -4.83
N LYS A 383 9.93 -27.14 -4.30
CA LYS A 383 10.25 -28.54 -4.55
C LYS A 383 9.27 -29.48 -3.83
N SER A 384 8.83 -30.50 -4.55
CA SER A 384 8.00 -31.56 -3.99
C SER A 384 8.87 -32.79 -3.74
N GLY A 385 8.57 -33.54 -2.70
CA GLY A 385 9.35 -34.74 -2.40
C GLY A 385 8.86 -35.57 -1.24
N PHE A 386 9.40 -36.78 -1.13
CA PHE A 386 9.18 -37.64 0.01
C PHE A 386 10.21 -37.32 1.07
N ILE A 387 9.76 -37.09 2.30
CA ILE A 387 10.65 -36.63 3.36
C ILE A 387 10.86 -37.70 4.44
N ASN A 388 10.14 -38.80 4.32
CA ASN A 388 10.23 -39.92 5.26
C ASN A 388 11.57 -40.64 5.20
N LYS A 389 12.02 -41.19 6.33
CA LYS A 389 13.20 -42.06 6.34
C LYS A 389 12.85 -43.36 5.65
N GLU A 390 13.82 -44.00 5.02
CA GLU A 390 13.54 -45.21 4.25
C GLU A 390 13.03 -46.34 5.14
N GLY A 391 11.99 -47.02 4.68
CA GLY A 391 11.35 -48.07 5.46
C GLY A 391 10.21 -47.57 6.32
N THR A 392 10.16 -46.26 6.51
CA THR A 392 9.10 -45.64 7.30
C THR A 392 7.92 -45.29 6.41
N ARG A 393 6.77 -45.02 7.03
CA ARG A 393 5.55 -44.65 6.33
C ARG A 393 5.76 -43.37 5.50
N PRO A 394 5.34 -43.39 4.22
CA PRO A 394 5.54 -42.28 3.29
C PRO A 394 5.03 -40.93 3.81
N ALA A 395 5.77 -39.88 3.47
CA ALA A 395 5.43 -38.52 3.85
C ALA A 395 5.84 -37.59 2.73
N VAL A 396 4.89 -36.82 2.20
CA VAL A 396 5.12 -36.01 1.01
C VAL A 396 4.88 -34.52 1.22
N VAL A 397 5.80 -33.73 0.68
CA VAL A 397 5.59 -32.31 0.52
C VAL A 397 5.10 -32.12 -0.91
N ILE A 398 3.90 -31.56 -1.05
CA ILE A 398 3.34 -31.23 -2.35
C ILE A 398 2.86 -29.77 -2.36
N PRO A 399 3.58 -28.89 -3.07
CA PRO A 399 3.10 -27.51 -3.19
C PRO A 399 1.69 -27.46 -3.77
N THR A 400 0.84 -26.65 -3.16
CA THR A 400 -0.55 -26.53 -3.59
C THR A 400 -0.74 -25.47 -4.67
N ASN A 401 -1.88 -25.52 -5.34
CA ASN A 401 -2.22 -24.53 -6.35
C ASN A 401 -3.74 -24.38 -6.45
N GLU A 402 -4.28 -23.61 -5.52
CA GLU A 402 -5.71 -23.36 -5.42
C GLU A 402 -6.24 -22.56 -6.61
N GLU A 403 -5.44 -21.61 -7.06
CA GLU A 403 -5.76 -20.79 -8.23
C GLU A 403 -5.99 -21.67 -9.47
N LEU A 404 -5.15 -22.69 -9.64
CA LEU A 404 -5.25 -23.60 -10.78
C LEU A 404 -6.54 -24.42 -10.78
N VAL A 405 -6.94 -24.87 -9.60
CA VAL A 405 -8.17 -25.66 -9.44
C VAL A 405 -9.41 -24.85 -9.83
N ILE A 406 -9.44 -23.59 -9.39
CA ILE A 406 -10.51 -22.67 -9.77
C ILE A 406 -10.55 -22.48 -11.29
N ALA A 407 -9.37 -22.33 -11.90
CA ALA A 407 -9.27 -22.16 -13.35
C ALA A 407 -9.73 -23.41 -14.10
N GLN A 408 -9.31 -24.57 -13.64
CA GLN A 408 -9.70 -25.84 -14.23
C GLN A 408 -11.20 -26.08 -14.16
N ASP A 409 -11.77 -25.84 -12.97
CA ASP A 409 -13.21 -26.00 -12.75
C ASP A 409 -14.03 -25.02 -13.57
N ALA A 410 -13.61 -23.76 -13.58
CA ALA A 410 -14.30 -22.72 -14.33
C ALA A 410 -14.31 -23.03 -15.81
N SER A 411 -13.20 -23.59 -16.30
CA SER A 411 -13.07 -23.97 -17.71
C SER A 411 -13.92 -25.18 -18.06
N ARG A 412 -13.83 -26.24 -17.25
CA ARG A 412 -14.57 -27.48 -17.50
C ARG A 412 -16.09 -27.30 -17.59
N LEU A 413 -16.65 -26.51 -16.68
CA LEU A 413 -18.10 -26.30 -16.58
C LEU A 413 -18.65 -25.29 -17.60
N THR A 414 -17.78 -24.44 -18.14
CA THR A 414 -18.21 -23.43 -19.11
C THR A 414 -17.84 -23.79 -20.54
N ALA A 415 -16.54 -24.01 -20.78
CA ALA A 415 -16.03 -24.29 -22.12
C ALA A 415 -16.39 -25.69 -22.61
N SER B 18 -6.01 -53.58 59.03
CA SER B 18 -7.32 -52.88 58.96
C SER B 18 -7.15 -51.37 59.14
N LYS B 19 -7.04 -50.66 58.02
CA LYS B 19 -6.89 -49.20 58.03
C LYS B 19 -8.16 -48.53 57.48
N LEU B 20 -9.06 -48.16 58.37
CA LEU B 20 -10.34 -47.59 57.98
C LEU B 20 -10.31 -46.08 57.74
N VAL B 21 -10.92 -45.67 56.63
CA VAL B 21 -10.94 -44.26 56.20
C VAL B 21 -12.37 -43.86 55.83
N LEU B 22 -12.78 -42.68 56.27
CA LEU B 22 -14.05 -42.10 55.84
C LEU B 22 -13.83 -41.27 54.58
N VAL B 23 -14.43 -41.71 53.48
CA VAL B 23 -14.31 -41.03 52.20
C VAL B 23 -15.52 -40.12 52.00
N LEU B 24 -15.25 -38.83 51.80
CA LEU B 24 -16.31 -37.83 51.63
C LEU B 24 -16.24 -37.16 50.28
N ASN B 25 -17.41 -37.00 49.65
CA ASN B 25 -17.53 -36.29 48.38
C ASN B 25 -18.68 -35.29 48.46
N CYS B 26 -18.33 -34.03 48.72
CA CYS B 26 -19.31 -32.99 48.98
C CYS B 26 -19.60 -32.15 47.74
N GLY B 27 -20.86 -31.73 47.62
CA GLY B 27 -21.30 -30.90 46.51
C GLY B 27 -22.22 -29.79 47.01
N SER B 28 -22.91 -29.14 46.07
CA SER B 28 -23.83 -28.06 46.39
C SER B 28 -24.98 -28.56 47.26
N SER B 29 -25.64 -29.64 46.83
CA SER B 29 -26.83 -30.15 47.51
C SER B 29 -26.71 -31.60 48.00
N SER B 30 -25.57 -32.24 47.75
CA SER B 30 -25.41 -33.65 48.08
C SER B 30 -24.04 -34.03 48.64
N LEU B 31 -24.05 -34.75 49.75
CA LEU B 31 -22.83 -35.32 50.33
C LEU B 31 -22.83 -36.82 50.10
N LYS B 32 -21.86 -37.31 49.32
CA LYS B 32 -21.66 -38.74 49.12
C LYS B 32 -20.56 -39.23 50.06
N PHE B 33 -20.84 -40.30 50.82
CA PHE B 33 -19.88 -40.79 51.81
C PHE B 33 -19.72 -42.32 51.86
N ALA B 34 -18.51 -42.75 52.21
CA ALA B 34 -18.19 -44.17 52.37
C ALA B 34 -17.06 -44.41 53.37
N ILE B 35 -17.14 -45.52 54.11
CA ILE B 35 -16.03 -45.98 54.94
C ILE B 35 -15.36 -47.17 54.26
N ILE B 36 -14.11 -46.98 53.83
CA ILE B 36 -13.38 -48.02 53.12
C ILE B 36 -12.12 -48.43 53.89
N ASP B 37 -11.83 -49.72 53.88
CA ASP B 37 -10.59 -50.24 54.41
C ASP B 37 -9.49 -50.04 53.37
N ALA B 38 -8.50 -49.22 53.73
CA ALA B 38 -7.43 -48.84 52.80
C ALA B 38 -6.40 -49.95 52.59
N VAL B 39 -6.59 -51.08 53.25
CA VAL B 39 -5.69 -52.22 53.13
C VAL B 39 -6.13 -53.14 51.98
N ASN B 40 -7.44 -53.40 51.89
CA ASN B 40 -7.98 -54.38 50.96
C ASN B 40 -9.19 -53.93 50.14
N GLY B 41 -9.63 -52.68 50.34
CA GLY B 41 -10.75 -52.12 49.58
C GLY B 41 -12.12 -52.44 50.14
N ASP B 42 -12.17 -53.12 51.28
CA ASP B 42 -13.44 -53.50 51.90
C ASP B 42 -14.29 -52.30 52.28
N GLU B 43 -15.49 -52.25 51.71
CA GLU B 43 -16.49 -51.24 52.07
C GLU B 43 -17.21 -51.68 53.33
N TYR B 44 -17.30 -50.78 54.31
CA TYR B 44 -18.02 -51.05 55.54
C TYR B 44 -19.29 -50.20 55.63
N LEU B 45 -19.33 -49.13 54.83
CA LEU B 45 -20.46 -48.21 54.78
C LEU B 45 -20.49 -47.45 53.46
N SER B 46 -21.71 -47.14 53.01
CA SER B 46 -21.95 -46.24 51.89
C SER B 46 -23.05 -45.25 52.26
N GLY B 47 -23.21 -44.21 51.45
CA GLY B 47 -24.24 -43.21 51.72
C GLY B 47 -24.34 -42.06 50.74
N LEU B 48 -25.43 -41.30 50.87
CA LEU B 48 -25.74 -40.15 50.03
C LEU B 48 -26.77 -39.30 50.77
N ALA B 49 -26.41 -38.06 51.05
CA ALA B 49 -27.31 -37.15 51.77
C ALA B 49 -27.73 -35.98 50.87
N GLU B 50 -28.50 -36.31 49.82
CA GLU B 50 -28.86 -35.34 48.79
C GLU B 50 -30.01 -34.42 49.20
N CYS B 51 -30.40 -33.53 48.27
CA CYS B 51 -31.52 -32.59 48.44
C CYS B 51 -31.36 -31.66 49.64
N PHE B 52 -30.19 -31.02 49.74
CA PHE B 52 -29.94 -30.03 50.77
C PHE B 52 -30.72 -28.75 50.49
N HIS B 53 -31.15 -28.08 51.56
CA HIS B 53 -31.98 -26.86 51.49
C HIS B 53 -33.33 -27.08 50.80
N LEU B 54 -33.86 -28.31 50.91
CA LEU B 54 -35.13 -28.69 50.27
C LEU B 54 -35.93 -29.66 51.14
N PRO B 55 -37.26 -29.74 50.91
CA PRO B 55 -38.11 -30.71 51.62
C PRO B 55 -37.76 -32.17 51.35
N GLU B 56 -37.16 -32.43 50.18
CA GLU B 56 -36.79 -33.79 49.79
C GLU B 56 -35.51 -34.28 50.47
N ALA B 57 -35.09 -33.60 51.54
CA ALA B 57 -33.85 -33.92 52.26
C ALA B 57 -33.87 -35.32 52.88
N ARG B 58 -33.12 -36.23 52.26
CA ARG B 58 -33.13 -37.65 52.63
C ARG B 58 -31.75 -38.30 52.53
N ILE B 59 -31.64 -39.51 53.09
CA ILE B 59 -30.38 -40.26 53.08
C ILE B 59 -30.60 -41.69 52.57
N LYS B 60 -29.57 -42.27 51.95
CA LYS B 60 -29.62 -43.63 51.44
C LYS B 60 -28.34 -44.38 51.80
N TRP B 61 -28.30 -44.91 53.03
CA TRP B 61 -27.06 -45.47 53.58
C TRP B 61 -27.00 -47.00 53.58
N LYS B 62 -26.28 -47.56 52.61
CA LYS B 62 -26.00 -48.99 52.57
C LYS B 62 -24.84 -49.29 53.51
N MET B 63 -24.85 -50.49 54.09
CA MET B 63 -23.84 -50.90 55.05
C MET B 63 -23.51 -52.38 54.93
N ASP B 64 -22.52 -52.84 55.71
CA ASP B 64 -22.19 -54.26 55.83
C ASP B 64 -23.46 -55.03 56.23
N GLY B 65 -24.10 -54.57 57.30
CA GLY B 65 -25.50 -54.94 57.61
C GLY B 65 -26.40 -54.21 56.64
N SER B 66 -27.41 -54.92 56.12
CA SER B 66 -28.17 -54.48 54.94
C SER B 66 -28.66 -53.02 54.91
N LYS B 67 -28.83 -52.51 53.70
CA LYS B 67 -29.16 -51.12 53.43
C LYS B 67 -30.49 -50.63 54.01
N GLN B 68 -30.70 -49.31 53.91
CA GLN B 68 -31.98 -48.66 54.21
C GLN B 68 -31.94 -47.23 53.73
N GLU B 69 -33.11 -46.58 53.71
CA GLU B 69 -33.21 -45.15 53.39
C GLU B 69 -34.07 -44.42 54.40
N ALA B 70 -33.59 -43.27 54.87
CA ALA B 70 -34.32 -42.42 55.80
C ALA B 70 -34.44 -41.01 55.24
N ALA B 71 -35.03 -40.11 56.02
CA ALA B 71 -35.15 -38.71 55.62
C ALA B 71 -34.43 -37.79 56.62
N LEU B 72 -33.54 -36.96 56.08
CA LEU B 72 -32.74 -36.02 56.87
C LEU B 72 -33.61 -34.93 57.49
N GLY B 73 -34.53 -34.39 56.69
CA GLY B 73 -35.47 -33.36 57.15
C GLY B 73 -36.01 -32.53 55.99
N ALA B 74 -36.18 -31.23 56.26
CA ALA B 74 -36.63 -30.27 55.25
C ALA B 74 -35.78 -29.01 55.32
N GLY B 75 -34.98 -28.78 54.28
CA GLY B 75 -34.04 -27.67 54.27
C GLY B 75 -32.80 -28.00 55.10
N ALA B 76 -32.11 -29.05 54.70
CA ALA B 76 -30.95 -29.55 55.45
C ALA B 76 -29.61 -29.06 54.89
N ALA B 77 -28.55 -29.25 55.68
CA ALA B 77 -27.19 -28.83 55.32
C ALA B 77 -26.16 -29.87 55.72
N HIS B 78 -24.93 -29.70 55.22
CA HIS B 78 -23.81 -30.62 55.47
C HIS B 78 -23.58 -30.89 56.96
N SER B 79 -23.78 -29.87 57.78
CA SER B 79 -23.59 -29.96 59.23
C SER B 79 -24.48 -31.03 59.86
N GLU B 80 -25.70 -31.15 59.35
CA GLU B 80 -26.67 -32.12 59.83
C GLU B 80 -26.36 -33.51 59.30
N ALA B 81 -25.91 -33.57 58.04
CA ALA B 81 -25.56 -34.83 57.38
C ALA B 81 -24.47 -35.57 58.15
N LEU B 82 -23.32 -34.92 58.32
CA LEU B 82 -22.19 -35.51 59.03
C LEU B 82 -22.49 -35.81 60.50
N ASN B 83 -23.34 -35.00 61.11
CA ASN B 83 -23.81 -35.26 62.48
C ASN B 83 -24.73 -36.47 62.55
N PHE B 84 -25.57 -36.63 61.52
CA PHE B 84 -26.45 -37.79 61.41
C PHE B 84 -25.63 -39.09 61.30
N ILE B 85 -24.48 -38.99 60.63
CA ILE B 85 -23.51 -40.09 60.55
C ILE B 85 -22.94 -40.43 61.93
N VAL B 86 -22.68 -39.41 62.74
CA VAL B 86 -22.10 -39.59 64.08
C VAL B 86 -23.14 -40.08 65.11
N ASN B 87 -24.31 -39.45 65.11
CA ASN B 87 -25.32 -39.67 66.15
C ASN B 87 -26.29 -40.84 65.88
N THR B 88 -26.39 -41.26 64.63
CA THR B 88 -27.36 -42.28 64.23
C THR B 88 -26.72 -43.44 63.46
N ILE B 89 -26.01 -43.11 62.38
CA ILE B 89 -25.37 -44.12 61.51
C ILE B 89 -24.28 -44.89 62.25
N LEU B 90 -23.41 -44.16 62.94
CA LEU B 90 -22.33 -44.77 63.73
C LEU B 90 -22.74 -45.07 65.17
N ALA B 91 -24.02 -44.84 65.48
CA ALA B 91 -24.56 -45.16 66.80
C ALA B 91 -24.88 -46.65 66.93
N GLN B 92 -25.53 -47.19 65.89
CA GLN B 92 -25.86 -48.61 65.82
C GLN B 92 -24.60 -49.48 65.69
N LYS B 93 -23.63 -48.99 64.90
CA LYS B 93 -22.35 -49.66 64.73
C LYS B 93 -21.22 -48.81 65.34
N PRO B 94 -20.92 -49.02 66.64
CA PRO B 94 -19.87 -48.25 67.33
C PRO B 94 -18.50 -48.93 67.33
N GLU B 95 -18.43 -50.12 66.74
CA GLU B 95 -17.18 -50.88 66.66
C GLU B 95 -16.22 -50.26 65.66
N LEU B 96 -16.76 -49.69 64.58
CA LEU B 96 -15.96 -49.12 63.51
C LEU B 96 -15.65 -47.64 63.70
N SER B 97 -16.29 -47.02 64.68
CA SER B 97 -16.06 -45.60 64.97
C SER B 97 -14.66 -45.35 65.53
N ALA B 98 -14.24 -46.22 66.46
CA ALA B 98 -12.90 -46.19 67.02
C ALA B 98 -11.86 -46.65 65.98
N GLN B 99 -12.32 -47.42 65.00
CA GLN B 99 -11.45 -47.94 63.93
C GLN B 99 -11.06 -46.89 62.88
N LEU B 100 -11.72 -45.73 62.89
CA LEU B 100 -11.44 -44.68 61.92
C LEU B 100 -10.09 -44.01 62.16
N THR B 101 -9.25 -43.98 61.12
CA THR B 101 -7.89 -43.48 61.23
C THR B 101 -7.66 -42.18 60.47
N ALA B 102 -8.47 -41.94 59.44
CA ALA B 102 -8.34 -40.75 58.59
C ALA B 102 -9.64 -40.42 57.87
N ILE B 103 -9.69 -39.24 57.27
CA ILE B 103 -10.82 -38.82 56.44
C ILE B 103 -10.33 -38.31 55.09
N GLY B 104 -11.00 -38.73 54.02
CA GLY B 104 -10.59 -38.35 52.66
C GLY B 104 -11.61 -37.47 51.97
N HIS B 105 -11.12 -36.36 51.42
CA HIS B 105 -11.99 -35.39 50.75
C HIS B 105 -11.69 -35.31 49.27
N ARG B 106 -12.73 -35.50 48.47
CA ARG B 106 -12.61 -35.34 47.03
C ARG B 106 -12.67 -33.86 46.69
N ILE B 107 -11.63 -33.36 46.04
CA ILE B 107 -11.57 -31.96 45.60
C ILE B 107 -11.54 -31.93 44.07
N VAL B 108 -12.38 -31.09 43.48
CA VAL B 108 -12.51 -31.02 42.03
C VAL B 108 -11.31 -30.32 41.38
N HIS B 109 -10.86 -29.22 41.96
CA HIS B 109 -9.78 -28.44 41.38
C HIS B 109 -8.66 -28.12 42.37
N GLY B 110 -7.47 -28.60 42.09
CA GLY B 110 -6.30 -28.33 42.90
C GLY B 110 -5.43 -27.24 42.31
N GLY B 111 -5.86 -26.69 41.17
CA GLY B 111 -5.10 -25.68 40.44
C GLY B 111 -3.75 -26.19 39.97
N GLU B 112 -2.76 -25.31 39.94
CA GLU B 112 -1.39 -25.68 39.61
C GLU B 112 -0.60 -26.11 40.84
N LYS B 113 -1.06 -25.72 42.02
CA LYS B 113 -0.34 -25.95 43.28
C LYS B 113 -0.16 -27.44 43.65
N TYR B 114 -1.22 -28.22 43.51
CA TYR B 114 -1.24 -29.58 44.08
C TYR B 114 -1.08 -30.68 43.04
N THR B 115 0.06 -31.36 43.11
CA THR B 115 0.43 -32.41 42.17
C THR B 115 0.12 -33.80 42.72
N SER B 116 -0.06 -33.88 44.03
CA SER B 116 -0.46 -35.11 44.70
C SER B 116 -1.41 -34.77 45.85
N SER B 117 -1.97 -35.80 46.48
CA SER B 117 -2.84 -35.62 47.64
C SER B 117 -2.05 -35.09 48.82
N VAL B 118 -2.70 -34.26 49.65
CA VAL B 118 -2.03 -33.62 50.78
C VAL B 118 -2.86 -33.69 52.06
N VAL B 119 -2.18 -33.54 53.20
CA VAL B 119 -2.84 -33.44 54.50
C VAL B 119 -3.41 -32.03 54.63
N ILE B 120 -4.67 -31.94 55.04
CA ILE B 120 -5.37 -30.65 55.12
C ILE B 120 -4.95 -29.81 56.32
N ASP B 121 -4.24 -28.72 56.03
CA ASP B 121 -4.03 -27.65 57.00
C ASP B 121 -4.64 -26.36 56.44
N GLU B 122 -4.35 -25.22 57.05
CA GLU B 122 -4.98 -23.96 56.66
C GLU B 122 -4.56 -23.46 55.28
N SER B 123 -3.33 -23.77 54.88
CA SER B 123 -2.83 -23.39 53.56
C SER B 123 -3.49 -24.18 52.44
N VAL B 124 -3.93 -25.41 52.76
CA VAL B 124 -4.67 -26.23 51.81
C VAL B 124 -6.09 -25.69 51.64
N ILE B 125 -6.74 -25.35 52.75
CA ILE B 125 -8.02 -24.66 52.72
C ILE B 125 -7.89 -23.40 51.87
N GLN B 126 -6.83 -22.64 52.11
CA GLN B 126 -6.54 -21.43 51.35
C GLN B 126 -6.28 -21.74 49.87
N GLY B 127 -5.59 -22.86 49.62
CA GLY B 127 -5.30 -23.30 48.26
C GLY B 127 -6.53 -23.68 47.46
N ILE B 128 -7.48 -24.34 48.13
CA ILE B 128 -8.76 -24.73 47.52
C ILE B 128 -9.61 -23.50 47.25
N LYS B 129 -9.52 -22.51 48.15
CA LYS B 129 -10.21 -21.23 47.97
C LYS B 129 -9.71 -20.52 46.72
N ASP B 130 -8.39 -20.51 46.53
CA ASP B 130 -7.77 -19.82 45.41
C ASP B 130 -8.09 -20.51 44.08
N SER B 131 -8.20 -21.83 44.12
CA SER B 131 -8.52 -22.63 42.94
C SER B 131 -10.01 -22.55 42.58
N ALA B 132 -10.83 -22.16 43.56
CA ALA B 132 -12.29 -22.08 43.40
C ALA B 132 -12.73 -21.22 42.22
N SER B 133 -11.81 -20.42 41.67
CA SER B 133 -12.05 -19.67 40.45
C SER B 133 -12.33 -20.62 39.27
N PHE B 134 -11.70 -21.80 39.31
CA PHE B 134 -11.82 -22.80 38.25
C PHE B 134 -12.99 -23.77 38.46
N ALA B 135 -13.36 -23.98 39.72
CA ALA B 135 -14.56 -24.77 40.06
C ALA B 135 -15.44 -23.98 41.04
N PRO B 136 -16.13 -22.94 40.53
CA PRO B 136 -16.88 -22.01 41.40
C PRO B 136 -18.08 -22.65 42.12
N LEU B 137 -18.57 -23.75 41.58
CA LEU B 137 -19.72 -24.46 42.15
C LEU B 137 -19.29 -25.55 43.14
N HIS B 138 -18.18 -26.22 42.85
CA HIS B 138 -17.77 -27.42 43.59
C HIS B 138 -16.79 -27.16 44.74
N ASN B 139 -15.82 -26.27 44.53
CA ASN B 139 -14.78 -26.02 45.53
C ASN B 139 -15.21 -25.33 46.83
N PRO B 140 -16.11 -24.30 46.75
CA PRO B 140 -16.61 -23.73 48.00
C PRO B 140 -17.40 -24.75 48.83
N ALA B 141 -18.09 -25.65 48.15
CA ALA B 141 -18.85 -26.70 48.81
C ALA B 141 -17.95 -27.70 49.54
N HIS B 142 -16.84 -28.07 48.90
CA HIS B 142 -15.85 -28.95 49.52
C HIS B 142 -15.33 -28.37 50.83
N LEU B 143 -15.25 -27.05 50.90
CA LEU B 143 -14.73 -26.36 52.08
C LEU B 143 -15.67 -26.50 53.29
N ILE B 144 -16.96 -26.35 53.04
CA ILE B 144 -18.01 -26.58 54.05
C ILE B 144 -17.94 -28.03 54.55
N GLY B 145 -17.70 -28.95 53.62
CA GLY B 145 -17.53 -30.37 53.93
C GLY B 145 -16.36 -30.60 54.86
N ILE B 146 -15.22 -30.00 54.54
CA ILE B 146 -14.03 -30.07 55.39
C ILE B 146 -14.35 -29.47 56.76
N ALA B 147 -14.90 -28.25 56.76
CA ALA B 147 -15.26 -27.53 57.99
C ALA B 147 -16.04 -28.40 58.97
N GLU B 148 -17.07 -29.09 58.48
CA GLU B 148 -17.92 -29.92 59.32
C GLU B 148 -17.25 -31.24 59.71
N ALA B 149 -16.41 -31.77 58.83
CA ALA B 149 -15.67 -33.01 59.10
C ALA B 149 -14.71 -32.85 60.28
N LEU B 150 -14.10 -31.68 60.38
CA LEU B 150 -13.15 -31.39 61.45
C LEU B 150 -13.82 -31.22 62.82
N LYS B 151 -15.03 -30.66 62.83
CA LYS B 151 -15.76 -30.45 64.08
C LYS B 151 -16.62 -31.64 64.50
N SER B 152 -17.22 -32.32 63.53
CA SER B 152 -18.02 -33.53 63.79
C SER B 152 -17.11 -34.70 64.18
N PHE B 153 -15.92 -34.76 63.60
CA PHE B 153 -14.90 -35.73 63.96
C PHE B 153 -13.68 -35.03 64.57
N PRO B 154 -13.77 -34.63 65.86
CA PRO B 154 -12.69 -33.87 66.47
C PRO B 154 -11.40 -34.69 66.54
N GLN B 155 -11.54 -35.97 66.83
CA GLN B 155 -10.41 -36.89 66.99
C GLN B 155 -9.47 -36.92 65.79
N LEU B 156 -10.04 -36.70 64.60
CA LEU B 156 -9.29 -36.81 63.34
C LEU B 156 -8.99 -35.47 62.67
N LYS B 157 -8.93 -34.40 63.46
CA LYS B 157 -8.72 -33.04 62.94
C LYS B 157 -7.39 -32.80 62.23
N ASP B 158 -6.39 -33.63 62.54
CA ASP B 158 -5.08 -33.56 61.89
C ASP B 158 -4.87 -34.70 60.90
N LYS B 159 -5.97 -35.39 60.58
CA LYS B 159 -5.91 -36.57 59.73
C LYS B 159 -6.88 -36.50 58.55
N ASN B 160 -7.22 -35.28 58.13
CA ASN B 160 -8.01 -35.06 56.93
C ASN B 160 -7.09 -34.87 55.72
N VAL B 161 -7.39 -35.60 54.64
CA VAL B 161 -6.57 -35.56 53.43
C VAL B 161 -7.42 -35.16 52.23
N ALA B 162 -6.91 -34.23 51.43
CA ALA B 162 -7.56 -33.78 50.20
C ALA B 162 -6.98 -34.51 48.99
N VAL B 163 -7.87 -35.12 48.21
CA VAL B 163 -7.48 -35.80 46.97
C VAL B 163 -8.11 -35.02 45.82
N PHE B 164 -7.29 -34.63 44.85
CA PHE B 164 -7.71 -33.73 43.79
C PHE B 164 -7.96 -34.45 42.46
N ASP B 165 -9.03 -34.08 41.78
CA ASP B 165 -9.35 -34.64 40.46
C ASP B 165 -8.39 -34.17 39.38
N THR B 166 -7.70 -33.06 39.65
CA THR B 166 -6.77 -32.46 38.70
C THR B 166 -5.31 -32.80 39.00
N ALA B 167 -5.06 -33.42 40.14
CA ALA B 167 -3.68 -33.64 40.61
C ALA B 167 -2.83 -34.47 39.64
N PHE B 168 -3.41 -35.57 39.17
CA PHE B 168 -2.69 -36.54 38.34
C PHE B 168 -2.19 -35.99 37.01
N HIS B 169 -2.87 -34.97 36.50
CA HIS B 169 -2.54 -34.40 35.19
C HIS B 169 -1.50 -33.28 35.28
N GLN B 170 -1.04 -32.97 36.49
CA GLN B 170 -0.09 -31.88 36.68
C GLN B 170 1.33 -32.18 36.21
N THR B 171 1.58 -33.44 35.83
CA THR B 171 2.86 -33.80 35.22
C THR B 171 2.94 -33.39 33.74
N MET B 172 1.84 -32.83 33.22
CA MET B 172 1.76 -32.36 31.83
C MET B 172 2.83 -31.30 31.53
N PRO B 173 3.52 -31.44 30.39
CA PRO B 173 4.43 -30.40 29.94
C PRO B 173 3.65 -29.21 29.39
N GLU B 174 4.30 -28.04 29.27
CA GLU B 174 3.64 -26.85 28.73
C GLU B 174 3.12 -27.09 27.31
N GLU B 175 3.79 -27.99 26.60
CA GLU B 175 3.41 -28.43 25.27
C GLU B 175 1.95 -28.89 25.22
N SER B 176 1.49 -29.53 26.31
CA SER B 176 0.15 -30.07 26.39
C SER B 176 -0.82 -29.16 27.15
N TYR B 177 -0.34 -28.44 28.15
CA TYR B 177 -1.24 -27.70 29.05
C TYR B 177 -1.62 -26.30 28.58
N LEU B 178 -0.90 -25.80 27.59
CA LEU B 178 -1.16 -24.48 27.03
C LEU B 178 -2.11 -24.55 25.85
N TYR B 179 -3.03 -23.58 25.81
CA TYR B 179 -3.86 -23.37 24.64
C TYR B 179 -3.19 -22.31 23.79
N ALA B 180 -3.47 -22.33 22.49
CA ALA B 180 -2.93 -21.32 21.59
C ALA B 180 -3.72 -20.02 21.76
N LEU B 181 -3.69 -19.51 22.99
CA LEU B 181 -4.30 -18.23 23.33
C LEU B 181 -3.19 -17.23 23.67
N PRO B 182 -3.54 -15.95 23.90
CA PRO B 182 -2.53 -15.02 24.42
C PRO B 182 -1.87 -15.58 25.67
N TYR B 183 -0.54 -15.55 25.70
CA TYR B 183 0.23 -16.16 26.79
C TYR B 183 -0.03 -15.50 28.14
N SER B 184 -0.54 -14.28 28.12
CA SER B 184 -0.87 -13.55 29.33
C SER B 184 -2.00 -14.21 30.11
N LEU B 185 -2.89 -14.89 29.40
CA LEU B 185 -4.03 -15.56 30.03
C LEU B 185 -3.58 -16.68 30.97
N TYR B 186 -2.48 -17.34 30.62
CA TYR B 186 -1.84 -18.28 31.52
C TYR B 186 -1.05 -17.52 32.59
N LYS B 187 -0.11 -16.68 32.15
CA LYS B 187 0.73 -15.88 33.04
C LYS B 187 -0.05 -15.22 34.19
N GLU B 188 -1.07 -14.44 33.83
CA GLU B 188 -1.80 -13.63 34.78
C GLU B 188 -3.00 -14.31 35.43
N HIS B 189 -3.63 -15.23 34.70
CA HIS B 189 -4.93 -15.78 35.13
C HIS B 189 -5.01 -17.31 35.26
N GLY B 190 -3.89 -17.98 34.99
CA GLY B 190 -3.79 -19.44 35.12
C GLY B 190 -4.68 -20.25 34.19
N VAL B 191 -4.99 -19.67 33.02
CA VAL B 191 -5.80 -20.35 32.01
C VAL B 191 -4.95 -21.42 31.34
N ARG B 192 -5.39 -22.67 31.50
CA ARG B 192 -4.53 -23.83 31.33
C ARG B 192 -5.38 -25.10 31.23
N ARG B 193 -4.81 -26.16 30.66
CA ARG B 193 -5.45 -27.47 30.73
C ARG B 193 -5.19 -28.08 32.11
N TYR B 194 -6.26 -28.51 32.78
CA TYR B 194 -6.17 -29.11 34.10
C TYR B 194 -6.73 -30.52 34.14
N GLY B 195 -7.86 -30.72 33.47
CA GLY B 195 -8.48 -32.04 33.35
C GLY B 195 -9.34 -32.45 34.52
N ALA B 196 -9.60 -33.76 34.60
CA ALA B 196 -10.42 -34.37 35.65
C ALA B 196 -10.28 -35.92 35.61
N HIS B 197 -11.10 -36.61 36.40
CA HIS B 197 -11.01 -38.07 36.58
C HIS B 197 -9.60 -38.54 36.93
N GLY B 198 -8.80 -37.66 37.54
CA GLY B 198 -7.40 -37.94 37.83
C GLY B 198 -7.21 -39.13 38.75
N THR B 199 -8.04 -39.21 39.77
CA THR B 199 -8.01 -40.33 40.72
C THR B 199 -8.34 -41.65 40.01
N SER B 200 -9.14 -41.57 38.94
CA SER B 200 -9.47 -42.76 38.15
C SER B 200 -8.35 -43.13 37.18
N HIS B 201 -7.85 -42.13 36.45
CA HIS B 201 -6.75 -42.32 35.51
C HIS B 201 -5.52 -42.87 36.22
N PHE B 202 -5.25 -42.33 37.42
CA PHE B 202 -4.17 -42.82 38.27
C PHE B 202 -4.36 -44.28 38.63
N TYR B 203 -5.53 -44.62 39.17
CA TYR B 203 -5.81 -45.99 39.62
C TYR B 203 -5.59 -47.02 38.52
N VAL B 204 -6.27 -46.84 37.40
CA VAL B 204 -6.23 -47.80 36.30
C VAL B 204 -4.85 -47.90 35.64
N THR B 205 -4.08 -46.82 35.69
CA THR B 205 -2.66 -46.86 35.31
C THR B 205 -1.90 -47.88 36.18
N GLN B 206 -2.00 -47.74 37.50
CA GLN B 206 -1.30 -48.63 38.42
C GLN B 206 -1.71 -50.09 38.22
N GLU B 207 -3.02 -50.30 38.00
CA GLU B 207 -3.55 -51.64 37.76
C GLU B 207 -3.06 -52.25 36.44
N ALA B 208 -3.01 -51.42 35.39
CA ALA B 208 -2.57 -51.85 34.06
C ALA B 208 -1.15 -52.41 34.08
N ALA B 209 -0.29 -51.80 34.89
CA ALA B 209 1.07 -52.28 35.11
C ALA B 209 1.05 -53.71 35.64
N LYS B 210 0.18 -53.97 36.61
CA LYS B 210 0.04 -55.28 37.21
C LYS B 210 -0.41 -56.33 36.20
N MET B 211 -1.37 -55.95 35.37
CA MET B 211 -1.94 -56.84 34.35
C MET B 211 -1.01 -57.06 33.18
N LEU B 212 -0.23 -56.03 32.84
CA LEU B 212 0.74 -56.12 31.76
C LEU B 212 2.09 -56.66 32.22
N ASN B 213 2.17 -57.04 33.49
CA ASN B 213 3.38 -57.59 34.11
C ASN B 213 4.66 -56.80 33.82
N LYS B 214 4.57 -55.48 33.99
CA LYS B 214 5.70 -54.58 33.77
C LYS B 214 5.61 -53.38 34.74
N PRO B 215 6.73 -52.67 34.95
CA PRO B 215 6.69 -51.56 35.91
C PRO B 215 5.80 -50.42 35.41
N VAL B 216 5.23 -49.68 36.36
CA VAL B 216 4.46 -48.49 36.02
C VAL B 216 5.37 -47.40 35.42
N GLU B 217 6.62 -47.36 35.86
CA GLU B 217 7.59 -46.36 35.43
C GLU B 217 8.03 -46.52 33.96
N GLU B 218 7.60 -47.62 33.35
CA GLU B 218 7.91 -47.91 31.95
C GLU B 218 6.62 -48.02 31.13
N LEU B 219 5.51 -47.64 31.75
CA LEU B 219 4.19 -47.87 31.19
C LEU B 219 3.75 -46.74 30.26
N ASN B 220 3.57 -47.07 28.99
CA ASN B 220 3.01 -46.15 28.01
C ASN B 220 1.62 -46.59 27.59
N ILE B 221 0.60 -45.96 28.15
CA ILE B 221 -0.80 -46.33 27.87
C ILE B 221 -1.70 -45.13 27.62
N ILE B 222 -2.83 -45.39 26.98
CA ILE B 222 -3.89 -44.42 26.81
C ILE B 222 -5.07 -44.92 27.64
N THR B 223 -5.57 -44.06 28.54
CA THR B 223 -6.62 -44.45 29.47
C THR B 223 -7.94 -43.75 29.16
N CYS B 224 -9.03 -44.50 29.23
CA CYS B 224 -10.35 -43.96 28.90
C CYS B 224 -11.32 -44.13 30.07
N HIS B 225 -11.54 -43.05 30.82
CA HIS B 225 -12.57 -43.04 31.85
C HIS B 225 -13.87 -42.55 31.25
N LEU B 226 -14.80 -43.48 31.10
CA LEU B 226 -16.10 -43.17 30.49
C LEU B 226 -17.19 -43.48 31.49
N GLY B 227 -17.92 -42.45 31.91
CA GLY B 227 -18.98 -42.61 32.88
C GLY B 227 -19.64 -41.27 33.14
N ASN B 228 -19.69 -40.88 34.42
CA ASN B 228 -20.12 -39.54 34.79
C ASN B 228 -19.09 -38.53 34.27
N GLY B 229 -19.28 -38.13 33.03
CA GLY B 229 -18.26 -37.41 32.28
C GLY B 229 -17.32 -38.41 31.62
N GLY B 230 -16.63 -37.97 30.58
CA GLY B 230 -15.73 -38.83 29.82
C GLY B 230 -14.40 -38.16 29.58
N SER B 231 -13.33 -38.89 29.83
CA SER B 231 -12.00 -38.35 29.69
C SER B 231 -11.00 -39.40 29.23
N VAL B 232 -10.15 -38.99 28.29
CA VAL B 232 -9.06 -39.84 27.82
C VAL B 232 -7.77 -39.21 28.28
N SER B 233 -6.80 -40.03 28.68
CA SER B 233 -5.49 -39.53 29.06
C SER B 233 -4.37 -40.27 28.35
N ALA B 234 -3.29 -39.54 28.07
CA ALA B 234 -2.06 -40.11 27.52
C ALA B 234 -1.03 -40.25 28.64
N ILE B 235 -0.62 -41.48 28.89
CA ILE B 235 0.37 -41.76 29.93
C ILE B 235 1.68 -42.23 29.29
N ARG B 236 2.78 -41.55 29.61
CA ARG B 236 4.12 -42.01 29.23
C ARG B 236 5.01 -42.22 30.45
N ASN B 237 5.53 -43.44 30.58
CA ASN B 237 6.36 -43.86 31.71
C ASN B 237 5.68 -43.67 33.07
N GLY B 238 4.38 -44.00 33.12
CA GLY B 238 3.60 -43.87 34.34
C GLY B 238 3.14 -42.47 34.69
N LYS B 239 3.49 -41.50 33.84
CA LYS B 239 3.12 -40.12 34.07
C LYS B 239 2.18 -39.62 32.97
N CYS B 240 1.10 -38.95 33.38
CA CYS B 240 0.18 -38.32 32.45
C CYS B 240 0.88 -37.21 31.68
N VAL B 241 0.79 -37.26 30.35
CA VAL B 241 1.38 -36.21 29.51
C VAL B 241 0.35 -35.42 28.69
N ASP B 242 -0.89 -35.91 28.64
CA ASP B 242 -2.00 -35.18 28.01
C ASP B 242 -3.36 -35.71 28.42
N THR B 243 -4.36 -34.84 28.44
CA THR B 243 -5.70 -35.25 28.85
C THR B 243 -6.80 -34.52 28.04
N SER B 244 -7.92 -35.19 27.83
CA SER B 244 -8.95 -34.72 26.91
C SER B 244 -9.78 -33.56 27.47
N MET B 245 -10.04 -33.57 28.77
CA MET B 245 -10.69 -32.45 29.44
C MET B 245 -9.68 -31.32 29.68
N GLY B 246 -10.18 -30.11 29.91
CA GLY B 246 -9.32 -28.92 29.88
C GLY B 246 -9.29 -28.06 31.12
N LEU B 247 -9.54 -26.77 30.93
CA LEU B 247 -9.69 -25.84 32.04
C LEU B 247 -10.82 -26.35 32.91
N THR B 248 -11.92 -26.74 32.28
CA THR B 248 -13.08 -27.31 32.93
C THR B 248 -13.36 -28.68 32.31
N PRO B 249 -14.34 -29.43 32.84
CA PRO B 249 -14.63 -30.75 32.28
C PRO B 249 -15.39 -30.79 30.94
N LEU B 250 -15.67 -29.62 30.35
CA LEU B 250 -16.50 -29.55 29.15
C LEU B 250 -15.81 -30.17 27.92
N GLU B 251 -14.53 -29.85 27.75
CA GLU B 251 -13.74 -30.21 26.57
C GLU B 251 -13.59 -31.72 26.42
N GLY B 252 -13.48 -32.17 25.16
CA GLY B 252 -13.12 -33.54 24.85
C GLY B 252 -14.24 -34.40 24.31
N LEU B 253 -14.47 -35.54 24.98
CA LEU B 253 -15.37 -36.57 24.50
C LEU B 253 -16.83 -36.14 24.49
N VAL B 254 -17.65 -36.93 23.78
CA VAL B 254 -19.08 -36.83 23.92
C VAL B 254 -19.40 -37.39 25.30
N MET B 255 -20.29 -36.71 26.02
CA MET B 255 -20.71 -37.16 27.36
C MET B 255 -22.23 -37.17 27.45
N GLY B 256 -22.76 -37.42 28.64
CA GLY B 256 -24.20 -37.47 28.85
C GLY B 256 -24.95 -36.26 28.30
N THR B 257 -24.61 -35.09 28.81
CA THR B 257 -25.29 -33.84 28.44
C THR B 257 -24.30 -32.79 27.92
N ARG B 258 -23.01 -33.12 28.02
CA ARG B 258 -21.95 -32.20 27.62
C ARG B 258 -21.48 -32.47 26.19
N SER B 259 -21.29 -31.38 25.44
CA SER B 259 -21.01 -31.43 24.02
C SER B 259 -19.63 -31.95 23.70
N GLY B 260 -18.68 -31.69 24.59
CA GLY B 260 -17.28 -31.95 24.31
C GLY B 260 -16.77 -30.94 23.32
N ASP B 261 -15.80 -31.36 22.50
CA ASP B 261 -15.20 -30.49 21.51
C ASP B 261 -16.22 -29.96 20.53
N ILE B 262 -16.18 -28.65 20.30
CA ILE B 262 -16.94 -28.00 19.25
C ILE B 262 -16.06 -26.93 18.61
N ASP B 263 -16.41 -26.53 17.39
CA ASP B 263 -15.82 -25.34 16.81
C ASP B 263 -16.15 -24.20 17.77
N PRO B 264 -15.11 -23.56 18.34
CA PRO B 264 -15.34 -22.50 19.33
C PRO B 264 -16.30 -21.44 18.80
N ALA B 265 -16.34 -21.26 17.49
CA ALA B 265 -17.15 -20.23 16.84
C ALA B 265 -18.66 -20.50 16.92
N ILE B 266 -19.03 -21.76 17.12
CA ILE B 266 -20.45 -22.11 17.27
C ILE B 266 -21.13 -21.24 18.32
N ILE B 267 -20.43 -21.01 19.44
CA ILE B 267 -20.88 -20.09 20.48
C ILE B 267 -21.18 -18.69 19.92
N PHE B 268 -20.25 -18.14 19.15
CA PHE B 268 -20.43 -16.80 18.57
C PHE B 268 -21.58 -16.78 17.58
N HIS B 269 -21.74 -17.88 16.84
CA HIS B 269 -22.83 -18.03 15.88
C HIS B 269 -24.18 -18.03 16.58
N LEU B 270 -24.32 -18.86 17.61
CA LEU B 270 -25.54 -18.95 18.40
C LEU B 270 -25.89 -17.60 19.02
N HIS B 271 -24.87 -16.92 19.54
CA HIS B 271 -25.05 -15.61 20.18
C HIS B 271 -25.46 -14.53 19.18
N ASP B 272 -24.73 -14.43 18.08
CA ASP B 272 -24.91 -13.33 17.13
C ASP B 272 -25.95 -13.58 16.05
N THR B 273 -26.09 -14.84 15.62
CA THR B 273 -27.03 -15.18 14.56
C THR B 273 -28.39 -15.66 15.10
N LEU B 274 -28.37 -16.52 16.11
CA LEU B 274 -29.60 -17.06 16.69
C LEU B 274 -30.05 -16.34 17.96
N GLY B 275 -29.35 -15.26 18.31
CA GLY B 275 -29.75 -14.38 19.43
C GLY B 275 -29.73 -14.99 20.81
N MET B 276 -29.05 -16.12 20.98
CA MET B 276 -28.96 -16.78 22.27
C MET B 276 -28.05 -16.02 23.23
N SER B 277 -28.40 -16.02 24.51
CA SER B 277 -27.58 -15.45 25.56
C SER B 277 -26.39 -16.36 25.85
N VAL B 278 -25.33 -15.78 26.44
CA VAL B 278 -24.16 -16.53 26.87
C VAL B 278 -24.59 -17.62 27.85
N ASP B 279 -25.44 -17.26 28.81
CA ASP B 279 -26.00 -18.21 29.78
C ASP B 279 -26.77 -19.35 29.11
N GLN B 280 -27.56 -19.03 28.09
CA GLN B 280 -28.38 -20.01 27.37
C GLN B 280 -27.54 -21.02 26.60
N ILE B 281 -26.45 -20.54 25.99
CA ILE B 281 -25.50 -21.40 25.25
C ILE B 281 -24.70 -22.24 26.23
N ASN B 282 -24.33 -21.63 27.36
CA ASN B 282 -23.62 -22.31 28.44
C ASN B 282 -24.45 -23.45 29.02
N LYS B 283 -25.75 -23.20 29.21
CA LYS B 283 -26.67 -24.22 29.67
C LYS B 283 -26.74 -25.35 28.64
N MET B 284 -27.09 -25.00 27.40
CA MET B 284 -27.20 -25.96 26.31
C MET B 284 -25.98 -26.88 26.20
N LEU B 285 -24.79 -26.30 26.14
CA LEU B 285 -23.55 -27.07 25.94
C LEU B 285 -23.28 -28.09 27.03
N THR B 286 -23.76 -27.79 28.24
CA THR B 286 -23.46 -28.58 29.43
C THR B 286 -24.62 -29.46 29.90
N LYS B 287 -25.83 -29.11 29.51
CA LYS B 287 -27.03 -29.80 30.01
C LYS B 287 -28.00 -30.28 28.92
N GLU B 288 -27.79 -29.84 27.69
CA GLU B 288 -28.72 -30.15 26.59
C GLU B 288 -28.02 -30.80 25.39
N SER B 289 -26.74 -31.09 25.54
CA SER B 289 -25.92 -31.60 24.45
C SER B 289 -25.48 -33.05 24.67
N GLY B 290 -24.35 -33.44 24.07
CA GLY B 290 -23.86 -34.81 24.17
C GLY B 290 -24.88 -35.81 23.65
N LEU B 291 -25.00 -36.95 24.35
CA LEU B 291 -25.94 -38.00 23.96
C LEU B 291 -27.39 -37.53 23.99
N LEU B 292 -27.71 -36.64 24.93
CA LEU B 292 -29.04 -36.05 25.01
C LEU B 292 -29.27 -35.17 23.77
N GLY B 293 -28.22 -34.49 23.34
CA GLY B 293 -28.29 -33.65 22.14
C GLY B 293 -28.45 -34.47 20.88
N LEU B 294 -27.57 -35.47 20.71
CA LEU B 294 -27.57 -36.35 19.54
C LEU B 294 -28.85 -37.16 19.44
N THR B 295 -29.13 -37.98 20.45
CA THR B 295 -30.43 -38.64 20.57
C THR B 295 -31.31 -37.63 21.29
N GLU B 296 -32.35 -37.15 20.63
CA GLU B 296 -33.27 -36.22 21.29
C GLU B 296 -34.21 -36.96 22.26
N VAL B 297 -33.62 -37.84 23.08
CA VAL B 297 -34.36 -38.72 23.98
C VAL B 297 -33.79 -38.71 25.42
N THR B 298 -32.52 -39.10 25.56
CA THR B 298 -31.91 -39.26 26.89
C THR B 298 -30.39 -39.13 26.92
N SER B 299 -29.85 -38.82 28.10
CA SER B 299 -28.40 -38.79 28.33
C SER B 299 -27.87 -40.19 28.62
N ASP B 300 -28.77 -41.07 29.03
CA ASP B 300 -28.42 -42.43 29.42
C ASP B 300 -27.76 -43.17 28.26
N CYS B 301 -26.52 -43.60 28.49
CA CYS B 301 -25.74 -44.31 27.49
C CYS B 301 -26.29 -45.71 27.21
N ARG B 302 -26.95 -46.30 28.21
CA ARG B 302 -27.54 -47.63 28.08
C ARG B 302 -28.54 -47.70 26.91
N TYR B 303 -29.22 -46.59 26.67
CA TYR B 303 -30.14 -46.47 25.54
C TYR B 303 -29.40 -46.63 24.22
N VAL B 304 -28.24 -45.99 24.13
CA VAL B 304 -27.40 -46.00 22.93
C VAL B 304 -26.81 -47.40 22.70
N GLU B 305 -26.30 -48.03 23.77
CA GLU B 305 -25.78 -49.39 23.72
C GLU B 305 -26.79 -50.43 23.26
N ASP B 306 -28.05 -50.29 23.68
CA ASP B 306 -29.08 -51.29 23.42
C ASP B 306 -29.80 -51.12 22.08
N ASN B 307 -29.83 -49.90 21.56
CA ASN B 307 -30.69 -49.57 20.42
C ASN B 307 -29.99 -49.07 19.14
N TYR B 308 -28.66 -49.10 19.12
CA TYR B 308 -27.92 -48.53 17.98
C TYR B 308 -28.11 -49.32 16.69
N ALA B 309 -28.64 -50.53 16.80
CA ALA B 309 -28.88 -51.40 15.65
C ALA B 309 -30.32 -51.38 15.17
N THR B 310 -31.21 -50.81 15.99
CA THR B 310 -32.65 -50.79 15.67
C THR B 310 -33.27 -49.39 15.58
N LYS B 311 -32.64 -48.39 16.18
CA LYS B 311 -33.15 -47.02 16.18
C LYS B 311 -32.14 -46.02 15.60
N GLU B 312 -32.64 -45.11 14.76
CA GLU B 312 -31.81 -44.10 14.10
C GLU B 312 -31.11 -43.17 15.09
N ASP B 313 -31.86 -42.67 16.08
CA ASP B 313 -31.32 -41.71 17.05
C ASP B 313 -30.18 -42.30 17.87
N ALA B 314 -30.31 -43.56 18.26
CA ALA B 314 -29.25 -44.25 18.99
C ALA B 314 -28.02 -44.45 18.12
N LYS B 315 -28.24 -44.84 16.86
CA LYS B 315 -27.15 -45.07 15.91
C LYS B 315 -26.33 -43.79 15.68
N ARG B 316 -27.05 -42.70 15.41
CA ARG B 316 -26.49 -41.37 15.26
C ARG B 316 -25.56 -41.05 16.43
N ALA B 317 -26.07 -41.25 17.64
CA ALA B 317 -25.34 -40.96 18.87
C ALA B 317 -24.17 -41.91 19.11
N MET B 318 -24.36 -43.19 18.78
CA MET B 318 -23.29 -44.17 18.92
C MET B 318 -22.11 -43.89 17.99
N ASP B 319 -22.40 -43.65 16.72
CA ASP B 319 -21.38 -43.36 15.73
C ASP B 319 -20.59 -42.11 16.09
N VAL B 320 -21.28 -41.03 16.42
CA VAL B 320 -20.64 -39.78 16.80
C VAL B 320 -19.85 -39.92 18.11
N TYR B 321 -20.39 -40.67 19.06
CA TYR B 321 -19.70 -40.94 20.32
C TYR B 321 -18.39 -41.71 20.06
N CYS B 322 -18.50 -42.81 19.33
CA CYS B 322 -17.36 -43.67 19.04
C CYS B 322 -16.31 -43.01 18.16
N HIS B 323 -16.77 -42.18 17.22
CA HIS B 323 -15.89 -41.37 16.36
C HIS B 323 -15.00 -40.45 17.20
N ARG B 324 -15.60 -39.77 18.17
CA ARG B 324 -14.85 -38.86 19.04
C ARG B 324 -13.85 -39.61 19.92
N LEU B 325 -14.28 -40.74 20.46
CA LEU B 325 -13.42 -41.54 21.32
C LEU B 325 -12.27 -42.13 20.52
N ALA B 326 -12.59 -42.71 19.36
CA ALA B 326 -11.59 -43.36 18.52
C ALA B 326 -10.52 -42.38 18.07
N LYS B 327 -10.93 -41.15 17.75
CA LYS B 327 -9.99 -40.11 17.34
C LYS B 327 -9.09 -39.70 18.48
N TYR B 328 -9.65 -39.56 19.67
CA TYR B 328 -8.87 -39.20 20.86
C TYR B 328 -7.76 -40.22 21.17
N ILE B 329 -8.11 -41.50 21.21
CA ILE B 329 -7.12 -42.57 21.36
C ILE B 329 -6.05 -42.48 20.26
N GLY B 330 -6.49 -42.28 19.03
CA GLY B 330 -5.59 -42.12 17.91
C GLY B 330 -4.66 -40.93 18.06
N SER B 331 -5.22 -39.80 18.52
CA SER B 331 -4.45 -38.56 18.68
C SER B 331 -3.30 -38.69 19.68
N TYR B 332 -3.50 -39.52 20.69
CA TYR B 332 -2.50 -39.67 21.75
C TYR B 332 -1.33 -40.60 21.41
N THR B 333 -1.25 -41.03 20.15
CA THR B 333 -0.05 -41.72 19.66
C THR B 333 1.08 -40.72 19.51
N ALA B 334 0.70 -39.44 19.35
CA ALA B 334 1.62 -38.32 19.31
C ALA B 334 2.31 -38.05 20.65
N LEU B 335 1.85 -38.72 21.71
CA LEU B 335 2.44 -38.55 23.05
C LEU B 335 3.21 -39.78 23.52
N MET B 336 3.09 -40.89 22.79
CA MET B 336 3.66 -42.17 23.22
C MET B 336 5.17 -42.31 22.95
N ASP B 337 5.71 -41.41 22.14
CA ASP B 337 7.13 -41.44 21.75
C ASP B 337 7.57 -42.82 21.21
N GLY B 338 6.75 -43.39 20.33
CA GLY B 338 7.12 -44.61 19.62
C GLY B 338 6.66 -45.94 20.21
N ARG B 339 6.02 -45.90 21.37
CA ARG B 339 5.60 -47.12 22.06
C ARG B 339 4.27 -46.98 22.78
N LEU B 340 3.29 -47.80 22.38
CA LEU B 340 2.00 -47.85 23.04
C LEU B 340 1.77 -49.26 23.56
N ASP B 341 1.63 -49.39 24.88
CA ASP B 341 1.53 -50.69 25.53
C ASP B 341 0.11 -51.23 25.53
N ALA B 342 -0.85 -50.36 25.81
CA ALA B 342 -2.27 -50.75 25.86
C ALA B 342 -3.21 -49.56 25.87
N VAL B 343 -4.48 -49.82 25.58
CA VAL B 343 -5.55 -48.86 25.83
C VAL B 343 -6.44 -49.43 26.95
N VAL B 344 -6.85 -48.55 27.86
CA VAL B 344 -7.57 -48.96 29.05
C VAL B 344 -8.98 -48.39 29.01
N PHE B 345 -9.97 -49.20 29.37
CA PHE B 345 -11.34 -48.72 29.50
C PHE B 345 -11.84 -48.84 30.93
N THR B 346 -12.39 -47.75 31.44
CA THR B 346 -12.91 -47.71 32.80
C THR B 346 -14.10 -46.77 32.96
N GLY B 347 -14.70 -46.77 34.14
CA GLY B 347 -15.85 -45.93 34.44
C GLY B 347 -17.14 -46.69 34.25
N GLY B 348 -18.26 -46.07 34.60
CA GLY B 348 -19.59 -46.66 34.45
C GLY B 348 -19.85 -47.17 33.04
N ILE B 349 -19.65 -46.29 32.06
CA ILE B 349 -19.76 -46.65 30.66
C ILE B 349 -18.66 -47.62 30.24
N GLY B 350 -17.41 -47.22 30.47
CA GLY B 350 -16.23 -47.96 30.02
C GLY B 350 -16.12 -49.41 30.47
N GLU B 351 -16.61 -49.69 31.67
CA GLU B 351 -16.55 -51.04 32.23
C GLU B 351 -17.64 -51.94 31.67
N ASN B 352 -18.75 -51.33 31.25
CA ASN B 352 -19.97 -52.09 30.96
C ASN B 352 -20.47 -52.03 29.52
N ALA B 353 -20.07 -50.99 28.77
CA ALA B 353 -20.54 -50.83 27.40
C ALA B 353 -19.62 -51.52 26.41
N ALA B 354 -19.83 -52.82 26.23
CA ALA B 354 -19.01 -53.64 25.35
C ALA B 354 -18.92 -53.11 23.92
N MET B 355 -20.06 -52.74 23.34
CA MET B 355 -20.09 -52.32 21.94
C MET B 355 -19.50 -50.94 21.70
N VAL B 356 -19.57 -50.06 22.71
CA VAL B 356 -18.89 -48.77 22.64
C VAL B 356 -17.39 -49.03 22.48
N ARG B 357 -16.84 -49.91 23.31
CA ARG B 357 -15.44 -50.28 23.25
C ARG B 357 -15.07 -50.88 21.89
N GLU B 358 -15.94 -51.76 21.40
CA GLU B 358 -15.72 -52.50 20.15
C GLU B 358 -15.78 -51.63 18.89
N LEU B 359 -16.79 -50.77 18.82
CA LEU B 359 -16.98 -49.93 17.64
C LEU B 359 -15.91 -48.86 17.48
N SER B 360 -15.45 -48.29 18.58
CA SER B 360 -14.40 -47.27 18.51
C SER B 360 -13.03 -47.88 18.21
N LEU B 361 -12.64 -48.92 18.96
CA LEU B 361 -11.40 -49.64 18.66
C LEU B 361 -11.38 -50.31 17.28
N GLY B 362 -12.58 -50.58 16.74
CA GLY B 362 -12.71 -51.11 15.38
C GLY B 362 -12.39 -50.09 14.29
N LYS B 363 -12.36 -48.81 14.66
CA LYS B 363 -11.99 -47.74 13.74
C LYS B 363 -10.48 -47.51 13.72
N LEU B 364 -9.76 -48.15 14.65
CA LEU B 364 -8.33 -47.94 14.79
C LEU B 364 -7.49 -49.14 14.32
N GLY B 365 -7.91 -49.74 13.23
CA GLY B 365 -7.23 -50.90 12.66
C GLY B 365 -5.81 -50.64 12.18
N VAL B 366 -5.55 -49.43 11.70
CA VAL B 366 -4.22 -49.01 11.26
C VAL B 366 -3.22 -49.20 12.39
N LEU B 367 -3.67 -48.93 13.61
CA LEU B 367 -2.85 -49.02 14.82
C LEU B 367 -2.64 -50.46 15.30
N GLY B 368 -3.43 -51.39 14.77
CA GLY B 368 -3.30 -52.82 15.11
C GLY B 368 -4.29 -53.32 16.14
N PHE B 369 -5.35 -52.54 16.38
CA PHE B 369 -6.40 -52.91 17.33
C PHE B 369 -7.45 -53.81 16.72
N GLU B 370 -7.73 -54.91 17.41
CA GLU B 370 -8.69 -55.89 16.93
C GLU B 370 -9.41 -56.48 18.14
N VAL B 371 -10.66 -56.07 18.35
CA VAL B 371 -11.44 -56.52 19.51
C VAL B 371 -11.88 -57.98 19.37
N ASP B 372 -11.64 -58.75 20.43
CA ASP B 372 -12.16 -60.11 20.53
C ASP B 372 -13.52 -60.04 21.22
N HIS B 373 -14.58 -60.29 20.46
CA HIS B 373 -15.95 -60.10 20.94
C HIS B 373 -16.27 -60.95 22.17
N GLU B 374 -15.82 -62.21 22.16
CA GLU B 374 -16.01 -63.13 23.28
C GLU B 374 -15.33 -62.61 24.54
N ARG B 375 -14.12 -62.09 24.39
CA ARG B 375 -13.37 -61.47 25.48
C ARG B 375 -14.03 -60.17 25.92
N ASN B 376 -14.54 -59.42 24.95
CA ASN B 376 -15.20 -58.13 25.19
C ASN B 376 -16.43 -58.28 26.08
N LEU B 377 -17.24 -59.29 25.79
CA LEU B 377 -18.49 -59.51 26.51
C LEU B 377 -18.27 -59.99 27.93
N ALA B 378 -17.21 -60.77 28.13
CA ALA B 378 -16.85 -61.29 29.43
C ALA B 378 -16.40 -60.19 30.38
N ALA B 379 -15.61 -59.24 29.86
CA ALA B 379 -15.13 -58.12 30.65
C ALA B 379 -16.20 -57.05 30.85
N ARG B 380 -17.25 -57.42 31.59
CA ARG B 380 -18.32 -56.50 31.94
C ARG B 380 -18.77 -56.68 33.39
N PHE B 381 -19.41 -55.65 33.93
CA PHE B 381 -20.01 -55.64 35.27
C PHE B 381 -18.99 -55.93 36.38
N GLY B 382 -18.06 -55.00 36.56
CA GLY B 382 -17.05 -55.10 37.61
C GLY B 382 -15.93 -56.10 37.35
N LYS B 383 -15.96 -56.72 36.18
CA LYS B 383 -14.95 -57.71 35.77
C LYS B 383 -13.87 -57.11 34.87
N SER B 384 -12.61 -57.38 35.21
CA SER B 384 -11.48 -56.94 34.41
C SER B 384 -11.13 -57.96 33.34
N GLY B 385 -10.37 -57.54 32.33
CA GLY B 385 -9.86 -58.45 31.31
C GLY B 385 -9.32 -57.79 30.06
N PHE B 386 -8.46 -58.51 29.35
CA PHE B 386 -8.00 -58.11 28.03
C PHE B 386 -9.10 -58.41 27.02
N ILE B 387 -9.49 -57.40 26.25
CA ILE B 387 -10.56 -57.55 25.27
C ILE B 387 -10.03 -57.59 23.83
N ASN B 388 -8.71 -57.62 23.69
CA ASN B 388 -8.05 -57.71 22.40
C ASN B 388 -7.88 -59.15 21.93
N LYS B 389 -7.72 -59.35 20.61
CA LYS B 389 -7.39 -60.66 20.05
C LYS B 389 -5.94 -61.01 20.36
N GLU B 390 -5.61 -62.30 20.31
CA GLU B 390 -4.37 -62.81 20.92
C GLU B 390 -3.05 -62.20 20.41
N GLY B 391 -2.92 -62.02 19.11
CA GLY B 391 -1.69 -61.45 18.56
C GLY B 391 -1.68 -59.94 18.38
N THR B 392 -2.75 -59.29 18.85
CA THR B 392 -2.97 -57.88 18.55
C THR B 392 -2.66 -56.95 19.74
N ARG B 393 -2.63 -55.65 19.46
CA ARG B 393 -2.26 -54.64 20.44
C ARG B 393 -3.21 -54.68 21.64
N PRO B 394 -2.65 -54.77 22.87
CA PRO B 394 -3.46 -54.96 24.07
C PRO B 394 -4.50 -53.86 24.33
N ALA B 395 -5.70 -54.31 24.68
CA ALA B 395 -6.77 -53.44 25.13
C ALA B 395 -7.35 -54.09 26.39
N VAL B 396 -7.39 -53.33 27.48
CA VAL B 396 -7.84 -53.83 28.77
C VAL B 396 -9.00 -53.06 29.37
N VAL B 397 -9.91 -53.80 30.02
CA VAL B 397 -10.95 -53.20 30.85
C VAL B 397 -10.53 -53.37 32.31
N ILE B 398 -10.41 -52.25 33.02
CA ILE B 398 -10.10 -52.24 34.45
C ILE B 398 -11.14 -51.42 35.20
N PRO B 399 -11.92 -52.04 36.09
CA PRO B 399 -12.88 -51.31 36.91
C PRO B 399 -12.18 -50.34 37.86
N THR B 400 -12.54 -49.06 37.77
CA THR B 400 -11.93 -48.05 38.61
C THR B 400 -12.45 -48.13 40.04
N ASN B 401 -11.65 -47.62 40.98
CA ASN B 401 -12.02 -47.57 42.39
C ASN B 401 -11.45 -46.29 43.01
N GLU B 402 -12.16 -45.20 42.81
CA GLU B 402 -11.66 -43.88 43.21
C GLU B 402 -11.72 -43.65 44.73
N GLU B 403 -12.66 -44.34 45.38
CA GLU B 403 -12.83 -44.24 46.83
C GLU B 403 -11.67 -44.93 47.54
N LEU B 404 -11.20 -46.04 47.00
CA LEU B 404 -10.05 -46.76 47.54
C LEU B 404 -8.76 -45.94 47.44
N VAL B 405 -8.56 -45.28 46.30
CA VAL B 405 -7.41 -44.40 46.12
C VAL B 405 -7.45 -43.26 47.12
N ILE B 406 -8.66 -42.72 47.37
CA ILE B 406 -8.84 -41.71 48.42
C ILE B 406 -8.45 -42.29 49.79
N ALA B 407 -9.00 -43.47 50.11
CA ALA B 407 -8.69 -44.16 51.36
C ALA B 407 -7.19 -44.41 51.53
N GLN B 408 -6.55 -44.93 50.49
CA GLN B 408 -5.11 -45.19 50.48
C GLN B 408 -4.30 -43.91 50.72
N ASP B 409 -4.52 -42.90 49.88
CA ASP B 409 -3.83 -41.61 50.03
C ASP B 409 -4.02 -41.02 51.44
N ALA B 410 -5.26 -41.07 51.93
CA ALA B 410 -5.58 -40.57 53.27
C ALA B 410 -4.83 -41.33 54.36
N SER B 411 -4.81 -42.66 54.25
CA SER B 411 -4.15 -43.52 55.22
C SER B 411 -2.62 -43.47 55.14
N ARG B 412 -2.09 -43.47 53.93
CA ARG B 412 -0.64 -43.47 53.71
C ARG B 412 0.01 -42.19 54.19
N LEU B 413 -0.67 -41.07 54.02
CA LEU B 413 -0.11 -39.76 54.40
C LEU B 413 -0.31 -39.46 55.89
N THR B 414 -0.94 -40.39 56.60
CA THR B 414 -1.15 -40.30 58.04
C THR B 414 -0.95 -41.68 58.71
N ALA B 415 0.31 -42.05 58.93
CA ALA B 415 0.64 -43.36 59.49
C ALA B 415 1.61 -43.27 60.66
N SER C 18 25.11 -4.35 3.98
CA SER C 18 25.27 -4.51 5.46
C SER C 18 25.36 -3.16 6.18
N LYS C 19 25.45 -2.08 5.41
CA LYS C 19 25.58 -0.72 5.94
C LYS C 19 24.27 0.07 5.86
N LEU C 20 23.63 0.22 7.01
CA LEU C 20 22.32 0.88 7.07
C LEU C 20 22.44 2.38 7.40
N VAL C 21 21.43 3.14 6.97
CA VAL C 21 21.35 4.58 7.25
C VAL C 21 19.89 5.03 7.25
N LEU C 22 19.54 5.87 8.23
CA LEU C 22 18.18 6.37 8.36
C LEU C 22 18.04 7.71 7.63
N VAL C 23 17.28 7.69 6.54
CA VAL C 23 17.03 8.88 5.74
C VAL C 23 15.87 9.68 6.30
N LEU C 24 16.16 10.92 6.70
CA LEU C 24 15.16 11.81 7.29
C LEU C 24 14.76 12.92 6.34
N ASN C 25 13.51 13.38 6.48
CA ASN C 25 12.98 14.48 5.68
C ASN C 25 12.02 15.30 6.52
N CYS C 26 12.47 16.47 6.95
CA CYS C 26 11.75 17.27 7.94
C CYS C 26 11.01 18.48 7.36
N GLY C 27 9.68 18.42 7.45
CA GLY C 27 8.82 19.58 7.16
C GLY C 27 8.57 20.37 8.43
N SER C 28 7.79 21.44 8.32
CA SER C 28 7.48 22.30 9.47
C SER C 28 6.49 21.64 10.44
N SER C 29 5.57 20.85 9.90
CA SER C 29 4.57 20.15 10.72
C SER C 29 4.55 18.64 10.45
N SER C 30 5.54 18.16 9.71
CA SER C 30 5.64 16.75 9.34
C SER C 30 7.07 16.24 9.28
N LEU C 31 7.22 14.91 9.29
CA LEU C 31 8.52 14.26 9.22
C LEU C 31 8.37 12.94 8.45
N LYS C 32 9.30 12.69 7.54
CA LYS C 32 9.32 11.44 6.78
C LYS C 32 10.64 10.71 6.99
N PHE C 33 10.56 9.48 7.50
CA PHE C 33 11.74 8.69 7.84
C PHE C 33 11.75 7.32 7.18
N ALA C 34 12.95 6.80 6.92
CA ALA C 34 13.12 5.47 6.33
C ALA C 34 14.50 4.90 6.60
N ILE C 35 14.55 3.67 7.11
CA ILE C 35 15.81 2.96 7.31
C ILE C 35 16.14 2.20 6.02
N ILE C 36 17.29 2.51 5.45
CA ILE C 36 17.69 1.93 4.16
C ILE C 36 19.16 1.51 4.14
N ASP C 37 19.45 0.45 3.40
CA ASP C 37 20.81 -0.01 3.18
C ASP C 37 21.34 0.63 1.90
N ALA C 38 22.58 1.11 1.96
CA ALA C 38 23.21 1.78 0.83
C ALA C 38 23.82 0.78 -0.15
N VAL C 39 24.35 -0.32 0.39
CA VAL C 39 25.00 -1.36 -0.41
C VAL C 39 24.03 -2.05 -1.36
N ASN C 40 22.92 -2.54 -0.82
CA ASN C 40 21.91 -3.26 -1.61
C ASN C 40 20.77 -2.34 -2.07
N GLY C 41 20.34 -1.46 -1.19
CA GLY C 41 19.18 -0.62 -1.45
C GLY C 41 17.93 -1.16 -0.76
N ASP C 42 18.13 -2.11 0.15
CA ASP C 42 17.04 -2.79 0.86
C ASP C 42 16.29 -1.85 1.81
N GLU C 43 14.96 -1.91 1.75
CA GLU C 43 14.10 -1.06 2.59
C GLU C 43 13.74 -1.76 3.90
N TYR C 44 13.73 -0.99 4.99
CA TYR C 44 13.45 -1.53 6.31
C TYR C 44 12.30 -0.85 7.05
N LEU C 45 12.34 0.49 7.10
CA LEU C 45 11.36 1.24 7.90
C LEU C 45 10.70 2.40 7.14
N SER C 46 9.59 2.86 7.69
CA SER C 46 8.83 4.01 7.21
C SER C 46 7.79 4.31 8.28
N GLY C 47 7.49 5.58 8.56
CA GLY C 47 8.16 6.71 7.92
C GLY C 47 7.23 7.88 7.67
N LEU C 48 6.30 8.11 8.59
CA LEU C 48 5.36 9.23 8.47
C LEU C 48 4.92 9.75 9.85
N ALA C 49 4.91 11.06 10.00
CA ALA C 49 4.43 11.72 11.21
C ALA C 49 3.58 12.93 10.85
N GLU C 50 2.26 12.74 10.85
CA GLU C 50 1.31 13.78 10.43
C GLU C 50 0.85 14.66 11.59
N CYS C 51 0.53 15.92 11.24
CA CYS C 51 -0.11 16.88 12.15
C CYS C 51 0.68 17.18 13.43
N PHE C 52 1.99 17.37 13.29
CA PHE C 52 2.82 17.78 14.43
C PHE C 52 2.48 19.20 14.86
N HIS C 53 2.76 19.51 16.12
CA HIS C 53 2.42 20.81 16.75
C HIS C 53 0.94 20.95 17.14
N LEU C 54 0.14 19.97 16.74
CA LEU C 54 -1.29 19.93 17.07
C LEU C 54 -1.62 18.63 17.80
N PRO C 55 -2.59 18.66 18.74
CA PRO C 55 -2.95 17.48 19.53
C PRO C 55 -3.24 16.22 18.71
N GLU C 56 -3.96 16.39 17.60
CA GLU C 56 -4.20 15.29 16.66
C GLU C 56 -2.89 14.94 15.96
N ALA C 57 -2.49 13.67 16.05
CA ALA C 57 -1.29 13.19 15.36
C ALA C 57 -1.35 11.68 15.11
N ARG C 58 -0.68 11.25 14.04
CA ARG C 58 -0.65 9.83 13.67
C ARG C 58 0.74 9.40 13.16
N ILE C 59 1.53 8.82 14.05
CA ILE C 59 2.87 8.32 13.71
C ILE C 59 2.75 7.03 12.89
N LYS C 60 2.46 7.18 11.60
CA LYS C 60 2.24 6.06 10.71
C LYS C 60 3.56 5.37 10.33
N TRP C 61 3.62 4.07 10.57
CA TRP C 61 4.84 3.29 10.33
C TRP C 61 4.60 1.97 9.60
N LYS C 62 5.56 1.59 8.76
CA LYS C 62 5.51 0.35 7.99
C LYS C 62 6.78 -0.46 8.20
N MET C 63 6.66 -1.53 8.99
CA MET C 63 7.79 -2.42 9.29
C MET C 63 7.38 -3.87 9.04
N ASP C 64 8.35 -4.70 8.64
CA ASP C 64 8.10 -6.11 8.30
C ASP C 64 7.56 -6.91 9.49
N GLY C 65 6.35 -7.45 9.35
CA GLY C 65 5.55 -7.30 8.13
C GLY C 65 4.34 -6.41 8.29
N SER C 66 3.82 -6.32 9.51
CA SER C 66 2.57 -5.60 9.80
C SER C 66 2.69 -4.08 9.70
N LYS C 67 1.71 -3.48 9.00
CA LYS C 67 1.61 -2.02 8.89
C LYS C 67 0.60 -1.48 9.90
N GLN C 68 0.90 -0.32 10.47
CA GLN C 68 0.08 0.28 11.52
C GLN C 68 0.15 1.81 11.58
N GLU C 69 -0.75 2.40 12.36
CA GLU C 69 -0.72 3.83 12.68
C GLU C 69 -0.63 3.99 14.20
N ALA C 70 0.50 4.52 14.67
CA ALA C 70 0.80 4.58 16.11
C ALA C 70 0.11 5.72 16.86
N ALA C 71 0.25 5.72 18.18
CA ALA C 71 -0.37 6.71 19.05
C ALA C 71 0.34 8.07 18.97
N LEU C 72 -0.43 9.14 19.12
CA LEU C 72 0.09 10.51 19.10
C LEU C 72 0.89 10.80 20.36
N LEU C 90 10.58 1.97 17.04
CA LEU C 90 11.42 0.90 16.49
C LEU C 90 11.86 -0.08 17.56
N ALA C 91 11.08 -0.17 18.64
CA ALA C 91 11.41 -1.04 19.77
C ALA C 91 11.19 -2.52 19.49
N GLN C 92 10.36 -2.83 18.50
CA GLN C 92 10.00 -4.20 18.16
C GLN C 92 11.17 -5.04 17.64
N LYS C 93 12.03 -4.43 16.83
CA LYS C 93 13.21 -5.11 16.29
C LYS C 93 14.52 -4.43 16.73
N PRO C 94 15.09 -4.87 17.87
CA PRO C 94 16.33 -4.30 18.40
C PRO C 94 17.60 -4.93 17.79
N GLU C 95 17.42 -5.87 16.86
CA GLU C 95 18.55 -6.54 16.21
C GLU C 95 19.22 -5.66 15.15
N LEU C 96 18.41 -4.86 14.46
CA LEU C 96 18.91 -3.94 13.44
C LEU C 96 19.14 -2.54 14.00
N SER C 97 19.04 -2.41 15.32
CA SER C 97 19.17 -1.11 16.00
C SER C 97 20.60 -0.58 15.99
N ALA C 98 21.56 -1.47 16.23
CA ALA C 98 22.98 -1.10 16.28
C ALA C 98 23.60 -0.93 14.89
N GLN C 99 22.91 -1.42 13.86
CA GLN C 99 23.42 -1.45 12.50
C GLN C 99 23.55 -0.07 11.84
N LEU C 100 22.75 0.90 12.30
CA LEU C 100 22.74 2.24 11.72
C LEU C 100 24.07 2.97 11.93
N THR C 101 24.66 3.45 10.83
CA THR C 101 25.99 4.05 10.84
C THR C 101 26.02 5.53 10.46
N ALA C 102 24.93 6.02 9.88
CA ALA C 102 24.84 7.41 9.42
C ALA C 102 23.42 7.96 9.43
N ILE C 103 23.31 9.28 9.62
CA ILE C 103 22.02 9.97 9.59
C ILE C 103 21.91 10.79 8.31
N GLY C 104 20.92 10.47 7.49
CA GLY C 104 20.72 11.15 6.21
C GLY C 104 19.66 12.26 6.25
N HIS C 105 20.14 13.49 6.32
CA HIS C 105 19.26 14.67 6.40
C HIS C 105 19.02 15.28 5.02
N ARG C 106 17.76 15.46 4.64
CA ARG C 106 17.45 16.19 3.42
C ARG C 106 17.38 17.69 3.71
N ILE C 107 17.97 18.48 2.80
CA ILE C 107 17.85 19.94 2.84
C ILE C 107 17.43 20.44 1.45
N VAL C 108 16.39 21.25 1.42
CA VAL C 108 15.82 21.76 0.17
C VAL C 108 16.74 22.78 -0.52
N HIS C 109 17.43 23.60 0.26
CA HIS C 109 18.32 24.61 -0.30
C HIS C 109 19.71 24.61 0.31
N GLY C 110 20.71 24.35 -0.51
CA GLY C 110 22.11 24.33 -0.10
C GLY C 110 22.91 25.53 -0.55
N GLY C 111 22.29 26.36 -1.39
CA GLY C 111 22.91 27.59 -1.88
C GLY C 111 24.08 27.36 -2.82
N GLU C 112 24.98 28.32 -2.87
CA GLU C 112 26.17 28.24 -3.71
C GLU C 112 27.28 27.42 -3.08
N LYS C 113 27.38 27.48 -1.75
CA LYS C 113 28.50 26.89 -1.02
C LYS C 113 28.55 25.36 -1.12
N TYR C 114 27.39 24.71 -1.04
CA TYR C 114 27.34 23.25 -0.98
C TYR C 114 27.03 22.58 -2.32
N THR C 115 28.10 22.19 -3.01
CA THR C 115 28.04 21.55 -4.32
C THR C 115 27.73 20.05 -4.21
N SER C 116 28.09 19.46 -3.07
CA SER C 116 27.86 18.04 -2.84
C SER C 116 27.40 17.77 -1.41
N SER C 117 27.11 16.50 -1.12
CA SER C 117 26.71 16.05 0.22
C SER C 117 27.81 16.30 1.24
N VAL C 118 27.44 16.77 2.42
CA VAL C 118 28.40 17.16 3.45
C VAL C 118 28.13 16.51 4.81
N VAL C 119 29.21 16.11 5.48
CA VAL C 119 29.13 15.61 6.85
C VAL C 119 28.79 16.79 7.76
N ILE C 120 27.70 16.65 8.52
CA ILE C 120 27.16 17.76 9.31
C ILE C 120 28.05 18.14 10.50
N ASP C 121 28.52 19.37 10.46
CA ASP C 121 29.24 20.00 11.57
C ASP C 121 28.73 21.44 11.72
N GLU C 122 29.38 22.21 12.59
CA GLU C 122 29.03 23.62 12.82
C GLU C 122 29.00 24.44 11.52
N SER C 123 29.94 24.14 10.63
CA SER C 123 30.04 24.78 9.32
C SER C 123 28.78 24.52 8.49
N VAL C 124 28.34 23.27 8.48
CA VAL C 124 27.13 22.86 7.76
C VAL C 124 25.89 23.58 8.32
N ILE C 125 25.72 23.53 9.65
CA ILE C 125 24.61 24.18 10.35
C ILE C 125 24.41 25.62 9.89
N GLN C 126 25.47 26.42 10.00
CA GLN C 126 25.41 27.86 9.66
C GLN C 126 25.23 28.12 8.16
N GLY C 127 25.73 27.20 7.33
CA GLY C 127 25.56 27.29 5.88
C GLY C 127 24.13 27.08 5.42
N ILE C 128 23.40 26.21 6.12
CA ILE C 128 21.97 25.99 5.90
C ILE C 128 21.20 27.25 6.26
N LYS C 129 21.54 27.83 7.42
CA LYS C 129 20.90 29.05 7.93
C LYS C 129 21.01 30.22 6.96
N ASP C 130 22.12 30.27 6.21
CA ASP C 130 22.33 31.29 5.16
C ASP C 130 21.39 31.06 3.98
N SER C 131 21.29 29.80 3.55
CA SER C 131 20.45 29.42 2.43
C SER C 131 18.96 29.48 2.77
N ALA C 132 18.67 29.61 4.07
CA ALA C 132 17.31 29.71 4.58
C ALA C 132 16.59 30.98 4.11
N SER C 133 17.36 32.00 3.72
CA SER C 133 16.81 33.23 3.14
C SER C 133 16.04 32.96 1.85
N PHE C 134 16.42 31.89 1.16
CA PHE C 134 15.73 31.46 -0.07
C PHE C 134 14.63 30.46 0.22
N ALA C 135 14.84 29.59 1.21
CA ALA C 135 13.82 28.64 1.65
C ALA C 135 13.45 28.90 3.12
N PRO C 136 12.53 29.86 3.36
CA PRO C 136 12.23 30.35 4.71
C PRO C 136 11.35 29.42 5.55
N LEU C 137 10.73 28.43 4.90
CA LEU C 137 9.83 27.51 5.57
C LEU C 137 10.44 26.11 5.73
N HIS C 138 11.17 25.66 4.71
CA HIS C 138 11.74 24.31 4.66
C HIS C 138 13.06 24.17 5.43
N ASN C 139 13.99 25.11 5.23
CA ASN C 139 15.32 25.05 5.84
C ASN C 139 15.40 25.18 7.37
N PRO C 140 14.61 26.09 7.99
CA PRO C 140 14.66 26.14 9.46
C PRO C 140 14.03 24.90 10.08
N ALA C 141 13.15 24.24 9.33
CA ALA C 141 12.55 22.98 9.74
C ALA C 141 13.54 21.82 9.61
N HIS C 142 14.50 21.95 8.69
CA HIS C 142 15.58 20.98 8.55
C HIS C 142 16.59 21.13 9.70
N LEU C 143 16.72 22.36 10.19
CA LEU C 143 17.66 22.68 11.26
C LEU C 143 17.20 22.20 12.65
N ILE C 144 15.91 21.94 12.81
CA ILE C 144 15.40 21.41 14.10
C ILE C 144 15.58 19.90 14.20
N GLY C 145 15.46 19.21 13.06
CA GLY C 145 15.70 17.76 13.01
C GLY C 145 17.16 17.42 13.17
N ILE C 146 18.02 18.41 12.94
CA ILE C 146 19.47 18.24 13.03
C ILE C 146 19.96 18.22 14.48
N ALA C 147 19.40 19.09 15.31
CA ALA C 147 19.72 19.14 16.73
C ALA C 147 19.05 17.99 17.47
N GLU C 148 17.93 17.53 16.92
CA GLU C 148 17.21 16.38 17.44
C GLU C 148 18.00 15.10 17.21
N ALA C 149 18.68 15.02 16.06
CA ALA C 149 19.50 13.87 15.70
C ALA C 149 20.76 13.75 16.56
N LEU C 150 21.28 14.89 17.03
CA LEU C 150 22.43 14.93 17.91
C LEU C 150 22.07 14.46 19.32
N LYS C 151 20.79 14.62 19.68
CA LYS C 151 20.31 14.30 21.03
C LYS C 151 19.55 12.96 21.10
N SER C 152 18.72 12.69 20.09
CA SER C 152 17.97 11.43 20.02
C SER C 152 18.87 10.26 19.61
N PHE C 153 19.93 10.57 18.89
CA PHE C 153 20.93 9.59 18.48
C PHE C 153 22.34 10.14 18.76
N PRO C 154 22.76 10.11 20.05
CA PRO C 154 24.03 10.71 20.48
C PRO C 154 25.27 10.10 19.81
N GLN C 155 25.22 8.79 19.57
CA GLN C 155 26.35 8.05 18.99
C GLN C 155 26.71 8.47 17.56
N LEU C 156 25.74 9.04 16.85
CA LEU C 156 25.93 9.46 15.46
C LEU C 156 25.91 10.99 15.32
N LYS C 157 26.35 11.68 16.37
CA LYS C 157 26.39 13.14 16.40
C LYS C 157 27.41 13.72 15.41
N ASP C 158 28.46 12.94 15.13
CA ASP C 158 29.48 13.33 14.17
C ASP C 158 29.47 12.46 12.92
N LYS C 159 28.39 11.70 12.74
CA LYS C 159 28.21 10.87 11.55
C LYS C 159 26.86 11.13 10.87
N ASN C 160 26.47 12.40 10.81
CA ASN C 160 25.24 12.82 10.14
C ASN C 160 25.57 13.54 8.82
N VAL C 161 24.93 13.13 7.74
CA VAL C 161 25.20 13.67 6.40
C VAL C 161 23.97 14.33 5.79
N ALA C 162 24.18 15.48 5.14
CA ALA C 162 23.10 16.24 4.52
C ALA C 162 23.12 16.15 2.99
N VAL C 163 21.95 15.88 2.41
CA VAL C 163 21.79 15.82 0.95
C VAL C 163 20.92 16.99 0.47
N PHE C 164 21.48 17.79 -0.42
CA PHE C 164 20.86 19.04 -0.84
C PHE C 164 20.10 18.91 -2.17
N ASP C 165 18.90 19.46 -2.22
CA ASP C 165 18.06 19.44 -3.41
C ASP C 165 18.58 20.33 -4.54
N THR C 166 19.53 21.21 -4.21
CA THR C 166 20.12 22.12 -5.19
C THR C 166 21.52 21.70 -5.62
N ALA C 167 22.19 20.92 -4.78
CA ALA C 167 23.60 20.55 -4.93
C ALA C 167 24.00 20.09 -6.34
N PHE C 168 23.24 19.14 -6.89
CA PHE C 168 23.51 18.60 -8.23
C PHE C 168 23.56 19.68 -9.33
N HIS C 169 22.74 20.72 -9.18
CA HIS C 169 22.62 21.79 -10.17
C HIS C 169 23.72 22.85 -10.11
N GLN C 170 24.66 22.67 -9.18
CA GLN C 170 25.72 23.67 -8.98
C GLN C 170 26.85 23.57 -10.01
N THR C 171 26.69 22.66 -10.97
CA THR C 171 27.62 22.55 -12.09
C THR C 171 27.28 23.51 -13.22
N MET C 172 26.12 24.15 -13.12
CA MET C 172 25.66 25.14 -14.10
C MET C 172 26.68 26.25 -14.27
N PRO C 173 26.95 26.64 -15.54
CA PRO C 173 27.87 27.74 -15.81
C PRO C 173 27.19 29.11 -15.62
N GLU C 174 27.99 30.17 -15.64
CA GLU C 174 27.50 31.52 -15.39
C GLU C 174 26.30 31.90 -16.29
N GLU C 175 26.36 31.46 -17.55
CA GLU C 175 25.32 31.79 -18.52
C GLU C 175 24.00 31.04 -18.30
N SER C 176 24.00 30.06 -17.41
CA SER C 176 22.78 29.35 -17.05
C SER C 176 22.16 29.84 -15.76
N TYR C 177 23.00 30.09 -14.75
CA TYR C 177 22.46 30.41 -13.42
C TYR C 177 22.10 31.88 -13.22
N LEU C 178 22.60 32.76 -14.09
CA LEU C 178 22.30 34.19 -13.97
C LEU C 178 21.02 34.57 -14.69
N TYR C 179 20.27 35.47 -14.07
CA TYR C 179 19.13 36.11 -14.69
C TYR C 179 19.56 37.49 -15.17
N ALA C 180 18.88 37.98 -16.21
CA ALA C 180 19.19 39.30 -16.76
C ALA C 180 18.66 40.40 -15.86
N LEU C 181 19.11 40.37 -14.61
CA LEU C 181 18.75 41.36 -13.61
C LEU C 181 20.02 42.13 -13.26
N PRO C 182 19.89 43.25 -12.50
CA PRO C 182 21.07 43.96 -12.01
C PRO C 182 22.04 42.98 -11.35
N TYR C 183 23.30 43.02 -11.77
CA TYR C 183 24.27 42.01 -11.32
C TYR C 183 24.55 42.08 -9.82
N SER C 184 24.35 43.25 -9.23
CA SER C 184 24.52 43.43 -7.80
C SER C 184 23.68 42.43 -7.01
N LEU C 185 22.49 42.12 -7.53
CA LEU C 185 21.57 41.16 -6.92
C LEU C 185 22.18 39.77 -6.72
N TYR C 186 23.09 39.38 -7.61
CA TYR C 186 23.79 38.10 -7.47
C TYR C 186 24.94 38.18 -6.46
N LYS C 187 25.78 39.20 -6.60
CA LYS C 187 26.97 39.36 -5.75
C LYS C 187 26.64 39.69 -4.29
N GLU C 188 25.68 40.59 -4.08
CA GLU C 188 25.33 41.04 -2.74
C GLU C 188 24.32 40.15 -2.03
N HIS C 189 23.38 39.58 -2.79
CA HIS C 189 22.26 38.86 -2.19
C HIS C 189 22.06 37.44 -2.73
N GLY C 190 22.95 36.99 -3.61
CA GLY C 190 22.92 35.62 -4.12
C GLY C 190 21.70 35.22 -4.93
N VAL C 191 21.03 36.20 -5.55
CA VAL C 191 19.90 35.92 -6.43
C VAL C 191 20.43 35.21 -7.67
N ARG C 192 19.90 34.02 -7.91
CA ARG C 192 20.53 33.05 -8.81
C ARG C 192 19.60 31.86 -9.04
N ARG C 193 19.86 31.09 -10.09
CA ARG C 193 19.18 29.82 -10.30
C ARG C 193 19.80 28.72 -9.43
N TYR C 194 18.96 27.96 -8.73
CA TYR C 194 19.43 26.85 -7.90
C TYR C 194 18.72 25.55 -8.26
N GLY C 195 17.46 25.65 -8.67
CA GLY C 195 16.67 24.51 -9.11
C GLY C 195 16.28 23.57 -7.99
N ALA C 196 15.69 22.44 -8.36
CA ALA C 196 15.23 21.44 -7.40
C ALA C 196 15.30 20.05 -8.01
N HIS C 197 15.03 19.04 -7.19
CA HIS C 197 15.12 17.63 -7.57
C HIS C 197 16.54 17.22 -7.98
N GLY C 198 17.52 17.83 -7.32
CA GLY C 198 18.93 17.54 -7.59
C GLY C 198 19.28 16.09 -7.37
N THR C 199 18.77 15.52 -6.29
CA THR C 199 18.99 14.13 -5.95
C THR C 199 18.40 13.16 -7.00
N SER C 200 17.20 13.48 -7.48
CA SER C 200 16.52 12.64 -8.47
C SER C 200 17.13 12.77 -9.87
N HIS C 201 17.42 14.00 -10.29
CA HIS C 201 18.10 14.24 -11.56
C HIS C 201 19.46 13.55 -11.58
N PHE C 202 20.16 13.62 -10.44
CA PHE C 202 21.44 12.94 -10.26
C PHE C 202 21.30 11.43 -10.42
N TYR C 203 20.36 10.84 -9.69
CA TYR C 203 20.11 9.41 -9.73
C TYR C 203 19.88 8.90 -11.15
N VAL C 204 18.88 9.45 -11.83
CA VAL C 204 18.51 8.97 -13.16
C VAL C 204 19.61 9.19 -14.20
N THR C 205 20.49 10.16 -13.94
CA THR C 205 21.62 10.43 -14.82
C THR C 205 22.61 9.27 -14.74
N GLN C 206 23.07 8.97 -13.53
CA GLN C 206 23.98 7.84 -13.31
C GLN C 206 23.40 6.55 -13.87
N GLU C 207 22.08 6.40 -13.75
CA GLU C 207 21.37 5.20 -14.21
C GLU C 207 21.24 5.11 -15.73
N ALA C 208 20.95 6.25 -16.37
CA ALA C 208 20.82 6.31 -17.83
C ALA C 208 22.08 5.89 -18.58
N ALA C 209 23.23 6.09 -17.92
CA ALA C 209 24.52 5.68 -18.46
C ALA C 209 24.60 4.16 -18.61
N LYS C 210 24.02 3.45 -17.64
CA LYS C 210 24.02 1.99 -17.63
C LYS C 210 23.07 1.44 -18.70
N MET C 211 21.98 2.15 -18.94
CA MET C 211 20.99 1.77 -19.94
C MET C 211 21.44 2.07 -21.37
N LEU C 212 22.39 3.00 -21.52
CA LEU C 212 22.91 3.38 -22.84
C LEU C 212 24.33 2.88 -23.11
N ASN C 213 24.81 1.98 -22.25
CA ASN C 213 26.11 1.32 -22.40
C ASN C 213 27.30 2.27 -22.59
N LYS C 214 27.28 3.41 -21.91
CA LYS C 214 28.35 4.41 -22.03
C LYS C 214 28.72 5.04 -20.67
N PRO C 215 29.94 5.59 -20.56
CA PRO C 215 30.37 6.25 -19.32
C PRO C 215 29.47 7.41 -18.89
N VAL C 216 29.42 7.68 -17.59
CA VAL C 216 28.66 8.80 -17.05
C VAL C 216 29.27 10.13 -17.51
N GLU C 217 30.60 10.19 -17.52
CA GLU C 217 31.34 11.40 -17.89
C GLU C 217 31.13 11.83 -19.35
N GLU C 218 30.53 10.95 -20.15
CA GLU C 218 30.27 11.21 -21.57
C GLU C 218 28.77 11.24 -21.88
N LEU C 219 27.95 11.48 -20.85
CA LEU C 219 26.51 11.40 -21.02
C LEU C 219 25.85 12.74 -21.32
N ASN C 220 25.14 12.81 -22.44
CA ASN C 220 24.37 13.99 -22.82
C ASN C 220 22.88 13.68 -22.87
N ILE C 221 22.14 14.16 -21.87
CA ILE C 221 20.70 13.87 -21.75
C ILE C 221 19.85 15.06 -21.29
N ILE C 222 18.54 14.93 -21.48
CA ILE C 222 17.57 15.90 -20.99
C ILE C 222 16.64 15.18 -19.99
N THR C 223 16.89 15.40 -18.70
CA THR C 223 16.16 14.70 -17.64
C THR C 223 14.93 15.46 -17.19
N CYS C 224 13.77 14.80 -17.26
CA CYS C 224 12.49 15.42 -16.91
C CYS C 224 11.88 14.78 -15.68
N HIS C 225 12.01 15.46 -14.54
CA HIS C 225 11.40 15.01 -13.28
C HIS C 225 10.00 15.60 -13.13
N LEU C 226 9.00 14.73 -13.07
CA LEU C 226 7.61 15.15 -12.94
C LEU C 226 6.94 14.45 -11.76
N GLY C 227 6.85 15.15 -10.63
CA GLY C 227 6.26 14.61 -9.41
C GLY C 227 5.73 15.72 -8.52
N ASN C 228 6.35 15.92 -7.36
CA ASN C 228 6.06 17.05 -6.49
C ASN C 228 6.58 18.36 -7.09
N GLY C 229 5.88 18.82 -8.12
CA GLY C 229 6.40 19.84 -9.02
C GLY C 229 7.06 19.15 -10.20
N GLY C 230 7.45 19.93 -11.19
CA GLY C 230 8.07 19.39 -12.40
C GLY C 230 9.32 20.16 -12.79
N SER C 231 10.45 19.45 -12.81
CA SER C 231 11.74 20.04 -13.14
C SER C 231 12.40 19.33 -14.32
N VAL C 232 12.90 20.11 -15.27
CA VAL C 232 13.66 19.57 -16.40
C VAL C 232 15.11 20.05 -16.31
N SER C 233 16.06 19.13 -16.42
CA SER C 233 17.47 19.49 -16.42
C SER C 233 18.15 19.14 -17.73
N ALA C 234 19.09 20.00 -18.14
CA ALA C 234 19.96 19.72 -19.27
C ALA C 234 21.28 19.15 -18.74
N ILE C 235 21.60 17.92 -19.16
CA ILE C 235 22.83 17.27 -18.72
C ILE C 235 23.80 17.10 -19.89
N ARG C 236 24.98 17.70 -19.77
CA ARG C 236 26.04 17.54 -20.76
C ARG C 236 27.29 16.93 -20.10
N ASN C 237 27.76 15.84 -20.68
CA ASN C 237 28.92 15.09 -20.18
C ASN C 237 28.80 14.67 -18.71
N GLY C 238 27.57 14.28 -18.33
CA GLY C 238 27.29 13.79 -16.98
C GLY C 238 27.05 14.87 -15.94
N LYS C 239 27.05 16.13 -16.38
CA LYS C 239 26.89 17.25 -15.46
C LYS C 239 25.78 18.22 -15.89
N CYS C 240 25.01 18.69 -14.92
CA CYS C 240 23.89 19.61 -15.17
C CYS C 240 24.39 20.97 -15.61
N VAL C 241 23.95 21.38 -16.80
CA VAL C 241 24.38 22.65 -17.37
C VAL C 241 23.24 23.67 -17.45
N ASP C 242 22.03 23.24 -17.09
CA ASP C 242 20.85 24.10 -17.02
C ASP C 242 19.68 23.32 -16.43
N THR C 243 18.78 24.03 -15.75
CA THR C 243 17.60 23.42 -15.11
C THR C 243 16.42 24.40 -15.09
N SER C 244 15.20 23.88 -15.16
CA SER C 244 14.01 24.72 -15.35
C SER C 244 13.69 25.64 -14.16
N MET C 245 13.49 25.05 -12.99
CA MET C 245 13.28 25.80 -11.75
C MET C 245 14.49 26.67 -11.45
N GLY C 246 14.27 27.82 -10.80
CA GLY C 246 15.33 28.78 -10.55
C GLY C 246 15.68 28.95 -9.08
N LEU C 247 15.49 30.17 -8.58
CA LEU C 247 15.70 30.47 -7.17
C LEU C 247 14.74 29.64 -6.32
N THR C 248 13.53 29.48 -6.84
CA THR C 248 12.41 28.85 -6.16
C THR C 248 11.94 27.65 -7.00
N PRO C 249 11.23 26.70 -6.37
CA PRO C 249 10.55 25.65 -7.15
C PRO C 249 9.37 26.17 -7.98
N LEU C 250 9.21 27.48 -8.09
CA LEU C 250 8.08 28.09 -8.80
C LEU C 250 8.28 28.12 -10.32
N GLU C 251 9.49 28.47 -10.77
CA GLU C 251 9.81 28.62 -12.18
C GLU C 251 9.69 27.31 -12.96
N GLY C 252 9.48 27.41 -14.27
CA GLY C 252 9.61 26.27 -15.17
C GLY C 252 8.32 25.71 -15.71
N LEU C 253 8.11 24.42 -15.48
CA LEU C 253 6.98 23.69 -16.04
C LEU C 253 5.66 24.05 -15.39
N VAL C 254 4.57 23.69 -16.07
CA VAL C 254 3.25 23.65 -15.46
C VAL C 254 3.32 22.56 -14.38
N MET C 255 2.69 22.83 -13.23
CA MET C 255 2.71 21.88 -12.12
C MET C 255 1.31 21.63 -11.57
N GLY C 256 1.22 20.92 -10.45
CA GLY C 256 -0.06 20.67 -9.79
C GLY C 256 -0.72 21.96 -9.34
N THR C 257 -0.15 22.59 -8.32
CA THR C 257 -0.70 23.85 -7.81
C THR C 257 0.15 25.07 -8.19
N ARG C 258 1.22 24.83 -8.96
CA ARG C 258 2.12 25.89 -9.37
C ARG C 258 1.94 26.30 -10.82
N SER C 259 2.25 27.56 -11.11
CA SER C 259 2.00 28.18 -12.42
C SER C 259 3.12 27.98 -13.43
N GLY C 260 4.35 27.81 -12.93
CA GLY C 260 5.53 27.74 -13.79
C GLY C 260 5.84 29.10 -14.39
N ASP C 261 6.36 29.11 -15.62
CA ASP C 261 6.71 30.35 -16.32
C ASP C 261 5.51 31.25 -16.60
N ILE C 262 5.63 32.52 -16.21
CA ILE C 262 4.64 33.55 -16.53
C ILE C 262 5.35 34.83 -16.97
N ASP C 263 4.63 35.70 -17.66
CA ASP C 263 5.08 37.06 -17.90
C ASP C 263 5.16 37.73 -16.52
N PRO C 264 6.39 38.07 -16.07
CA PRO C 264 6.54 38.67 -14.75
C PRO C 264 5.59 39.85 -14.53
N ALA C 265 5.20 40.50 -15.63
CA ALA C 265 4.32 41.67 -15.58
C ALA C 265 2.89 41.33 -15.18
N ILE C 266 2.51 40.06 -15.33
CA ILE C 266 1.19 39.59 -14.92
C ILE C 266 0.98 39.85 -13.43
N ILE C 267 2.01 39.58 -12.63
CA ILE C 267 2.01 39.90 -11.21
C ILE C 267 1.64 41.37 -10.96
N PHE C 268 2.33 42.26 -11.66
CA PHE C 268 2.08 43.70 -11.53
C PHE C 268 0.67 44.07 -11.99
N HIS C 269 0.20 43.43 -13.05
CA HIS C 269 -1.16 43.65 -13.54
C HIS C 269 -2.18 43.28 -12.46
N LEU C 270 -2.05 42.08 -11.90
CA LEU C 270 -2.90 41.61 -10.81
C LEU C 270 -2.87 42.53 -9.60
N HIS C 271 -1.70 43.13 -9.35
CA HIS C 271 -1.54 44.09 -8.25
C HIS C 271 -2.19 45.43 -8.58
N ASP C 272 -1.81 46.00 -9.72
CA ASP C 272 -2.23 47.36 -10.09
C ASP C 272 -3.69 47.45 -10.54
N THR C 273 -4.09 46.50 -11.39
CA THR C 273 -5.40 46.55 -12.03
C THR C 273 -6.48 45.80 -11.23
N LEU C 274 -6.09 44.71 -10.57
CA LEU C 274 -7.06 43.84 -9.89
C LEU C 274 -7.08 43.96 -8.36
N GLY C 275 -6.12 44.71 -7.81
CA GLY C 275 -6.09 45.02 -6.38
C GLY C 275 -5.67 43.90 -5.44
N MET C 276 -5.03 42.87 -5.98
CA MET C 276 -4.54 41.77 -5.18
C MET C 276 -3.25 42.16 -4.46
N SER C 277 -3.09 41.72 -3.21
CA SER C 277 -1.86 41.94 -2.47
C SER C 277 -0.75 41.01 -2.96
N VAL C 278 0.49 41.38 -2.68
CA VAL C 278 1.66 40.54 -3.03
C VAL C 278 1.50 39.13 -2.44
N ASP C 279 0.87 39.05 -1.27
CA ASP C 279 0.53 37.78 -0.64
C ASP C 279 -0.48 36.98 -1.46
N GLN C 280 -1.58 37.64 -1.85
CA GLN C 280 -2.67 36.99 -2.59
C GLN C 280 -2.26 36.52 -3.99
N ILE C 281 -1.43 37.31 -4.66
CA ILE C 281 -0.88 36.92 -5.96
C ILE C 281 0.06 35.74 -5.74
N ASN C 282 0.89 35.82 -4.70
CA ASN C 282 1.83 34.75 -4.36
C ASN C 282 1.13 33.42 -4.06
N LYS C 283 0.04 33.48 -3.30
CA LYS C 283 -0.73 32.28 -3.00
C LYS C 283 -1.38 31.69 -4.25
N MET C 284 -1.90 32.57 -5.11
CA MET C 284 -2.54 32.15 -6.37
C MET C 284 -1.60 31.30 -7.24
N LEU C 285 -0.37 31.78 -7.41
CA LEU C 285 0.61 31.07 -8.24
C LEU C 285 1.10 29.77 -7.58
N THR C 286 1.08 29.74 -6.25
CA THR C 286 1.60 28.61 -5.48
C THR C 286 0.54 27.53 -5.20
N LYS C 287 -0.72 27.94 -5.05
CA LYS C 287 -1.79 27.03 -4.59
C LYS C 287 -2.97 26.88 -5.54
N GLU C 288 -3.24 27.89 -6.36
CA GLU C 288 -4.46 27.95 -7.18
C GLU C 288 -4.24 27.81 -8.69
N SER C 289 -2.97 27.80 -9.11
CA SER C 289 -2.56 27.41 -10.45
C SER C 289 -2.15 25.93 -10.33
N GLY C 290 -1.62 25.27 -11.35
CA GLY C 290 -1.69 25.66 -12.76
C GLY C 290 -2.55 24.63 -13.47
N LEU C 291 -2.36 23.36 -13.12
CA LEU C 291 -3.29 22.30 -13.52
C LEU C 291 -4.64 22.53 -12.85
N LEU C 292 -4.61 22.86 -11.56
CA LEU C 292 -5.79 23.29 -10.80
C LEU C 292 -6.36 24.58 -11.37
N GLY C 293 -5.49 25.39 -11.97
CA GLY C 293 -5.92 26.64 -12.61
C GLY C 293 -6.59 26.42 -13.95
N LEU C 294 -5.93 25.65 -14.81
CA LEU C 294 -6.42 25.38 -16.16
C LEU C 294 -7.66 24.49 -16.14
N THR C 295 -7.60 23.36 -15.44
CA THR C 295 -8.80 22.60 -15.12
C THR C 295 -9.37 23.21 -13.85
N GLU C 296 -10.56 23.78 -13.94
CA GLU C 296 -11.21 24.33 -12.77
C GLU C 296 -11.78 23.21 -11.88
N VAL C 297 -11.23 22.02 -12.03
CA VAL C 297 -11.68 20.84 -11.31
C VAL C 297 -10.69 20.38 -10.25
N THR C 298 -9.46 20.05 -10.65
CA THR C 298 -8.46 19.48 -9.73
C THR C 298 -7.00 19.65 -10.14
N SER C 299 -6.12 19.42 -9.17
CA SER C 299 -4.67 19.45 -9.35
C SER C 299 -4.15 18.14 -9.93
N ASP C 300 -4.88 17.05 -9.67
CA ASP C 300 -4.45 15.70 -10.00
C ASP C 300 -4.17 15.50 -11.49
N CYS C 301 -3.01 14.93 -11.80
CA CYS C 301 -2.57 14.67 -13.16
C CYS C 301 -3.30 13.47 -13.77
N ARG C 302 -3.70 12.53 -12.93
CA ARG C 302 -4.45 11.34 -13.36
C ARG C 302 -5.82 11.69 -13.94
N TYR C 303 -6.43 12.77 -13.42
CA TYR C 303 -7.70 13.29 -13.93
C TYR C 303 -7.54 13.78 -15.37
N VAL C 304 -6.44 14.48 -15.62
CA VAL C 304 -6.14 15.10 -16.90
C VAL C 304 -5.94 14.04 -18.00
N GLU C 305 -5.17 12.99 -17.68
CA GLU C 305 -4.83 11.94 -18.64
C GLU C 305 -6.04 11.07 -18.98
N ASP C 306 -6.83 10.72 -17.97
CA ASP C 306 -7.97 9.81 -18.15
C ASP C 306 -9.21 10.51 -18.74
N ASN C 307 -9.20 11.83 -18.80
CA ASN C 307 -10.35 12.59 -19.28
C ASN C 307 -10.08 13.48 -20.49
N TYR C 308 -8.85 13.43 -21.02
CA TYR C 308 -8.42 14.25 -22.15
C TYR C 308 -9.44 14.28 -23.30
N ALA C 309 -9.88 13.09 -23.71
CA ALA C 309 -10.81 12.96 -24.82
C ALA C 309 -12.26 13.07 -24.37
N THR C 310 -12.49 13.03 -23.06
CA THR C 310 -13.86 13.00 -22.51
C THR C 310 -14.37 14.38 -22.07
N LYS C 311 -13.45 15.26 -21.68
CA LYS C 311 -13.81 16.58 -21.16
C LYS C 311 -12.88 17.68 -21.65
N GLU C 312 -13.43 18.87 -21.87
CA GLU C 312 -12.67 20.01 -22.40
C GLU C 312 -11.66 20.62 -21.43
N ASP C 313 -12.01 20.68 -20.14
CA ASP C 313 -11.13 21.26 -19.13
C ASP C 313 -9.84 20.44 -18.96
N ALA C 314 -9.98 19.11 -19.02
CA ALA C 314 -8.84 18.21 -18.96
C ALA C 314 -7.92 18.37 -20.18
N LYS C 315 -8.54 18.42 -21.37
CA LYS C 315 -7.80 18.58 -22.62
C LYS C 315 -6.95 19.86 -22.63
N ARG C 316 -7.58 20.96 -22.21
CA ARG C 316 -6.96 22.28 -22.20
C ARG C 316 -5.73 22.33 -21.30
N ALA C 317 -5.84 21.74 -20.10
CA ALA C 317 -4.74 21.70 -19.14
C ALA C 317 -3.63 20.75 -19.59
N MET C 318 -4.02 19.69 -20.30
CA MET C 318 -3.08 18.74 -20.87
C MET C 318 -2.26 19.40 -21.97
N ASP C 319 -2.95 20.09 -22.86
CA ASP C 319 -2.33 20.79 -23.97
C ASP C 319 -1.26 21.77 -23.49
N VAL C 320 -1.62 22.62 -22.53
CA VAL C 320 -0.70 23.63 -21.99
C VAL C 320 0.47 22.97 -21.25
N TYR C 321 0.18 21.93 -20.46
CA TYR C 321 1.22 21.20 -19.72
C TYR C 321 2.26 20.57 -20.66
N CYS C 322 1.78 19.78 -21.62
CA CYS C 322 2.64 19.13 -22.60
C CYS C 322 3.31 20.14 -23.51
N HIS C 323 2.58 21.21 -23.83
CA HIS C 323 3.13 22.31 -24.61
C HIS C 323 4.36 22.86 -23.90
N ARG C 324 4.19 23.24 -22.64
CA ARG C 324 5.27 23.73 -21.79
C ARG C 324 6.45 22.76 -21.76
N LEU C 325 6.16 21.46 -21.64
CA LEU C 325 7.17 20.42 -21.54
C LEU C 325 7.95 20.22 -22.83
N ALA C 326 7.23 20.11 -23.94
CA ALA C 326 7.83 19.93 -25.26
C ALA C 326 8.76 21.08 -25.63
N LYS C 327 8.39 22.30 -25.22
CA LYS C 327 9.21 23.48 -25.40
C LYS C 327 10.48 23.40 -24.56
N TYR C 328 10.34 22.91 -23.33
CA TYR C 328 11.50 22.80 -22.44
C TYR C 328 12.53 21.74 -22.85
N ILE C 329 12.06 20.65 -23.44
CA ILE C 329 12.97 19.63 -23.97
C ILE C 329 13.66 20.17 -25.21
N GLY C 330 12.89 20.82 -26.08
CA GLY C 330 13.41 21.45 -27.30
C GLY C 330 14.39 22.57 -27.01
N SER C 331 14.17 23.30 -25.93
CA SER C 331 15.04 24.40 -25.51
C SER C 331 16.43 23.92 -25.10
N TYR C 332 16.48 22.77 -24.42
CA TYR C 332 17.74 22.25 -23.89
C TYR C 332 18.68 21.62 -24.92
N THR C 333 18.24 21.56 -26.17
CA THR C 333 19.13 21.21 -27.28
C THR C 333 20.25 22.24 -27.39
N ALA C 334 19.97 23.45 -26.90
CA ALA C 334 20.94 24.55 -26.86
C ALA C 334 21.99 24.39 -25.75
N LEU C 335 21.99 23.26 -25.06
CA LEU C 335 23.00 22.94 -24.07
C LEU C 335 23.71 21.65 -24.44
N MET C 336 23.16 20.95 -25.43
CA MET C 336 23.65 19.62 -25.82
C MET C 336 24.91 19.62 -26.68
N ASP C 337 25.38 20.80 -27.07
CA ASP C 337 26.57 20.97 -27.90
C ASP C 337 26.64 20.02 -29.10
N GLY C 338 25.58 20.01 -29.89
CA GLY C 338 25.55 19.23 -31.13
C GLY C 338 25.13 17.78 -31.00
N ARG C 339 25.07 17.28 -29.76
CA ARG C 339 24.74 15.87 -29.52
C ARG C 339 23.77 15.64 -28.36
N LEU C 340 22.64 15.01 -28.67
CA LEU C 340 21.68 14.56 -27.66
C LEU C 340 21.52 13.04 -27.75
N ASP C 341 21.86 12.36 -26.66
CA ASP C 341 21.73 10.90 -26.62
C ASP C 341 20.31 10.44 -26.33
N ALA C 342 19.70 11.01 -25.29
CA ALA C 342 18.37 10.57 -24.84
C ALA C 342 17.61 11.60 -24.01
N VAL C 343 16.30 11.40 -23.90
CA VAL C 343 15.46 12.12 -22.94
C VAL C 343 14.99 11.13 -21.85
N VAL C 344 15.01 11.58 -20.60
CA VAL C 344 14.65 10.76 -19.45
C VAL C 344 13.40 11.30 -18.76
N PHE C 345 12.55 10.39 -18.30
CA PHE C 345 11.36 10.74 -17.52
C PHE C 345 11.40 10.08 -16.16
N THR C 346 10.98 10.81 -15.13
CA THR C 346 10.93 10.28 -13.76
C THR C 346 9.99 11.07 -12.84
N GLY C 347 9.80 10.57 -11.62
CA GLY C 347 8.85 11.14 -10.67
C GLY C 347 7.49 10.49 -10.82
N GLY C 348 6.59 10.76 -9.88
CA GLY C 348 5.23 10.21 -9.91
C GLY C 348 4.57 10.26 -11.28
N ILE C 349 4.45 11.47 -11.84
CA ILE C 349 3.88 11.70 -13.16
C ILE C 349 4.79 11.14 -14.26
N GLY C 350 6.08 11.46 -14.19
CA GLY C 350 7.05 11.07 -15.20
C GLY C 350 7.18 9.57 -15.43
N GLU C 351 6.94 8.79 -14.38
CA GLU C 351 7.03 7.33 -14.45
C GLU C 351 5.75 6.67 -14.94
N ASN C 352 4.61 7.27 -14.62
CA ASN C 352 3.30 6.62 -14.79
C ASN C 352 2.39 7.23 -15.86
N ALA C 353 2.57 8.52 -16.14
CA ALA C 353 1.73 9.22 -17.11
C ALA C 353 2.29 9.09 -18.53
N ALA C 354 1.81 8.07 -19.25
CA ALA C 354 2.27 7.77 -20.60
C ALA C 354 1.81 8.80 -21.63
N MET C 355 0.60 9.32 -21.47
CA MET C 355 0.03 10.30 -22.40
C MET C 355 0.82 11.60 -22.42
N VAL C 356 1.27 12.05 -21.24
CA VAL C 356 2.10 13.25 -21.12
C VAL C 356 3.39 13.09 -21.92
N ARG C 357 4.00 11.91 -21.80
CA ARG C 357 5.19 11.54 -22.56
C ARG C 357 4.91 11.50 -24.06
N GLU C 358 3.77 10.95 -24.43
CA GLU C 358 3.39 10.75 -25.82
C GLU C 358 3.01 12.07 -26.51
N LEU C 359 2.16 12.86 -25.85
CA LEU C 359 1.67 14.12 -26.41
C LEU C 359 2.75 15.19 -26.57
N SER C 360 3.70 15.21 -25.63
CA SER C 360 4.77 16.21 -25.64
C SER C 360 5.89 15.86 -26.63
N LEU C 361 6.36 14.61 -26.59
CA LEU C 361 7.37 14.14 -27.55
C LEU C 361 6.88 14.14 -28.98
N GLY C 362 5.56 14.06 -29.15
CA GLY C 362 4.92 14.10 -30.47
C GLY C 362 4.98 15.47 -31.13
N LYS C 363 5.24 16.50 -30.33
CA LYS C 363 5.41 17.86 -30.82
C LYS C 363 6.83 18.12 -31.29
N LEU C 364 7.73 17.16 -31.02
CA LEU C 364 9.16 17.34 -31.28
C LEU C 364 9.67 16.46 -32.43
N GLY C 365 8.87 16.33 -33.47
CA GLY C 365 9.24 15.53 -34.65
C GLY C 365 10.48 16.02 -35.37
N VAL C 366 10.67 17.33 -35.37
CA VAL C 366 11.84 17.98 -35.97
C VAL C 366 13.14 17.46 -35.36
N LEU C 367 13.06 17.08 -34.09
CA LEU C 367 14.19 16.53 -33.35
C LEU C 367 14.38 15.02 -33.56
N GLY C 368 13.51 14.42 -34.38
CA GLY C 368 13.60 13.00 -34.69
C GLY C 368 13.10 12.08 -33.59
N PHE C 369 12.31 12.63 -32.67
CA PHE C 369 11.66 11.84 -31.63
C PHE C 369 10.45 11.11 -32.21
N GLU C 370 10.35 9.81 -31.92
CA GLU C 370 9.18 9.03 -32.30
C GLU C 370 8.84 8.00 -31.23
N VAL C 371 7.59 8.05 -30.77
CA VAL C 371 7.14 7.22 -29.67
C VAL C 371 6.47 5.94 -30.17
N ASP C 372 6.89 4.81 -29.61
CA ASP C 372 6.22 3.54 -29.82
C ASP C 372 5.20 3.37 -28.70
N HIS C 373 3.92 3.31 -29.06
CA HIS C 373 2.84 3.22 -28.07
C HIS C 373 2.92 1.94 -27.24
N GLU C 374 3.33 0.84 -27.87
CA GLU C 374 3.52 -0.42 -27.17
C GLU C 374 4.56 -0.25 -26.05
N ARG C 375 5.71 0.30 -26.43
CA ARG C 375 6.81 0.51 -25.49
C ARG C 375 6.47 1.57 -24.45
N ASN C 376 5.71 2.59 -24.88
CA ASN C 376 5.25 3.66 -24.00
C ASN C 376 4.43 3.12 -22.84
N LEU C 377 3.42 2.31 -23.15
CA LEU C 377 2.57 1.71 -22.13
C LEU C 377 3.35 0.76 -21.22
N ALA C 378 4.30 0.04 -21.79
CA ALA C 378 5.13 -0.91 -21.05
C ALA C 378 5.82 -0.27 -19.85
N ALA C 379 6.49 0.87 -20.09
CA ALA C 379 7.23 1.56 -19.05
C ALA C 379 6.29 2.36 -18.15
N ARG C 380 5.82 1.71 -17.09
CA ARG C 380 4.82 2.28 -16.19
C ARG C 380 4.80 1.62 -14.82
N PHE C 381 4.42 2.40 -13.81
CA PHE C 381 4.16 1.92 -12.44
C PHE C 381 5.32 1.16 -11.80
N GLY C 382 6.55 1.62 -12.04
CA GLY C 382 7.74 1.02 -11.46
C GLY C 382 8.67 0.37 -12.47
N LYS C 383 8.13 0.07 -13.66
CA LYS C 383 8.91 -0.54 -14.71
C LYS C 383 9.67 0.51 -15.52
N SER C 384 10.98 0.33 -15.60
CA SER C 384 11.83 1.17 -16.46
C SER C 384 11.83 0.59 -17.87
N GLY C 385 12.22 1.41 -18.85
CA GLY C 385 12.33 0.94 -20.23
C GLY C 385 12.49 2.02 -21.28
N PHE C 386 12.71 1.59 -22.51
CA PHE C 386 12.80 2.48 -23.67
C PHE C 386 11.41 2.63 -24.28
N ILE C 387 10.97 3.88 -24.43
CA ILE C 387 9.65 4.17 -25.00
C ILE C 387 9.76 4.68 -26.45
N ASN C 388 11.00 4.91 -26.89
CA ASN C 388 11.26 5.34 -28.26
C ASN C 388 11.03 4.22 -29.27
N LYS C 389 10.65 4.62 -30.49
CA LYS C 389 10.58 3.70 -31.62
C LYS C 389 11.99 3.26 -31.98
N GLU C 390 12.14 1.99 -32.35
CA GLU C 390 13.43 1.44 -32.78
C GLU C 390 13.93 2.19 -34.01
N GLY C 391 15.15 2.71 -33.90
CA GLY C 391 15.79 3.46 -34.99
C GLY C 391 15.71 4.97 -34.85
N THR C 392 14.88 5.44 -33.92
CA THR C 392 14.70 6.88 -33.69
C THR C 392 15.42 7.32 -32.41
N ARG C 393 15.43 8.62 -32.16
CA ARG C 393 16.13 9.18 -30.99
C ARG C 393 15.57 8.60 -29.69
N PRO C 394 16.47 8.07 -28.84
CA PRO C 394 16.11 7.40 -27.58
C PRO C 394 15.31 8.24 -26.60
N ALA C 395 14.30 7.61 -26.01
CA ALA C 395 13.48 8.19 -24.96
C ALA C 395 13.27 7.12 -23.89
N VAL C 396 13.77 7.38 -22.68
CA VAL C 396 13.75 6.39 -21.61
C VAL C 396 12.97 6.82 -20.37
N VAL C 397 12.47 5.82 -19.64
CA VAL C 397 11.79 6.02 -18.37
C VAL C 397 12.62 5.31 -17.31
N ILE C 398 13.02 6.06 -16.28
CA ILE C 398 13.81 5.51 -15.18
C ILE C 398 13.22 5.96 -13.85
N PRO C 399 12.53 5.04 -13.14
CA PRO C 399 12.03 5.32 -11.79
C PRO C 399 13.15 5.79 -10.87
N THR C 400 12.87 6.84 -10.10
CA THR C 400 13.87 7.45 -9.23
C THR C 400 13.86 6.88 -7.82
N ASN C 401 15.01 6.96 -7.16
CA ASN C 401 15.15 6.54 -5.77
C ASN C 401 16.04 7.52 -5.02
N GLU C 402 15.46 8.68 -4.71
CA GLU C 402 16.19 9.75 -4.02
C GLU C 402 16.49 9.42 -2.55
N GLU C 403 15.69 8.54 -1.96
CA GLU C 403 15.94 8.06 -0.60
C GLU C 403 17.19 7.17 -0.53
N LEU C 404 17.48 6.46 -1.63
CA LEU C 404 18.67 5.61 -1.71
C LEU C 404 19.96 6.41 -1.82
N VAL C 405 19.96 7.44 -2.68
CA VAL C 405 21.10 8.33 -2.85
C VAL C 405 21.52 8.90 -1.49
N ILE C 406 20.54 9.40 -0.74
CA ILE C 406 20.75 9.92 0.62
C ILE C 406 21.50 8.91 1.48
N ALA C 407 21.04 7.66 1.49
CA ALA C 407 21.68 6.58 2.22
C ALA C 407 23.08 6.30 1.68
N GLN C 408 23.24 6.40 0.36
CA GLN C 408 24.52 6.13 -0.28
C GLN C 408 25.50 7.28 -0.12
N ASP C 409 24.99 8.50 -0.01
CA ASP C 409 25.82 9.67 0.26
C ASP C 409 26.26 9.67 1.72
N ALA C 410 25.35 9.22 2.59
CA ALA C 410 25.62 9.15 4.02
C ALA C 410 26.56 8.01 4.38
N SER C 411 26.53 6.94 3.59
CA SER C 411 27.40 5.78 3.83
C SER C 411 28.81 5.97 3.27
N ARG C 412 28.91 6.66 2.14
CA ARG C 412 30.22 6.94 1.53
C ARG C 412 31.00 7.98 2.35
N LEU C 413 30.28 8.91 2.97
CA LEU C 413 30.90 10.00 3.71
C LEU C 413 31.33 9.63 5.13
N THR C 414 30.69 8.61 5.71
CA THR C 414 30.95 8.21 7.10
C THR C 414 31.80 6.93 7.23
N ALA C 415 31.98 6.23 6.11
CA ALA C 415 32.77 4.99 6.10
C ALA C 415 34.27 5.26 6.21
N SER D 18 1.92 56.23 -57.43
CA SER D 18 2.56 56.55 -56.12
C SER D 18 1.51 56.76 -55.03
N LYS D 19 1.61 55.96 -53.96
CA LYS D 19 0.66 56.01 -52.84
C LYS D 19 1.39 56.36 -51.54
N LEU D 20 1.34 57.64 -51.16
CA LEU D 20 2.09 58.15 -50.01
C LEU D 20 1.28 58.10 -48.71
N VAL D 21 1.88 57.47 -47.69
CA VAL D 21 1.25 57.33 -46.38
C VAL D 21 2.14 57.91 -45.28
N LEU D 22 1.57 58.79 -44.47
CA LEU D 22 2.25 59.28 -43.28
C LEU D 22 2.14 58.25 -42.17
N VAL D 23 3.28 57.72 -41.75
CA VAL D 23 3.33 56.69 -40.72
C VAL D 23 3.73 57.33 -39.39
N LEU D 24 2.85 57.21 -38.40
CA LEU D 24 3.11 57.78 -37.07
C LEU D 24 3.31 56.70 -36.00
N ASN D 25 4.35 56.88 -35.20
CA ASN D 25 4.61 56.02 -34.06
C ASN D 25 4.74 56.87 -32.80
N CYS D 26 3.71 56.82 -31.96
CA CYS D 26 3.65 57.65 -30.75
C CYS D 26 3.94 56.87 -29.47
N GLY D 27 4.82 57.42 -28.65
CA GLY D 27 5.05 56.95 -27.29
C GLY D 27 4.74 58.07 -26.33
N SER D 28 4.96 57.84 -25.04
CA SER D 28 4.69 58.84 -24.01
C SER D 28 5.68 59.99 -24.04
N SER D 29 6.92 59.69 -24.41
CA SER D 29 8.00 60.67 -24.42
C SER D 29 8.49 61.02 -25.83
N SER D 30 7.97 60.34 -26.85
CA SER D 30 8.48 60.50 -28.22
C SER D 30 7.42 60.38 -29.31
N LEU D 31 7.76 60.88 -30.50
CA LEU D 31 6.93 60.77 -31.68
C LEU D 31 7.81 60.46 -32.89
N LYS D 32 7.64 59.27 -33.46
CA LYS D 32 8.40 58.88 -34.65
C LYS D 32 7.49 58.95 -35.88
N PHE D 33 8.02 59.53 -36.96
CA PHE D 33 7.22 59.79 -38.16
C PHE D 33 7.95 59.53 -39.47
N ALA D 34 7.20 59.05 -40.46
CA ALA D 34 7.75 58.81 -41.80
C ALA D 34 6.68 58.99 -42.88
N ILE D 35 7.10 59.47 -44.04
CA ILE D 35 6.26 59.48 -45.24
C ILE D 35 6.77 58.45 -46.24
N ILE D 36 5.94 57.43 -46.49
CA ILE D 36 6.34 56.27 -47.26
C ILE D 36 5.43 56.05 -48.46
N ASP D 37 6.05 55.75 -49.59
CA ASP D 37 5.35 55.26 -50.77
C ASP D 37 5.03 53.79 -50.52
N ALA D 38 3.75 53.47 -50.41
CA ALA D 38 3.31 52.09 -50.19
C ALA D 38 3.48 51.20 -51.43
N VAL D 39 3.86 51.83 -52.55
CA VAL D 39 4.05 51.14 -53.82
C VAL D 39 5.44 50.53 -53.98
N ASN D 40 6.48 51.29 -53.62
CA ASN D 40 7.87 50.84 -53.78
C ASN D 40 8.73 50.96 -52.53
N GLY D 41 8.19 51.58 -51.48
CA GLY D 41 8.87 51.71 -50.20
C GLY D 41 9.72 52.96 -50.04
N ASP D 42 9.62 53.87 -51.00
CA ASP D 42 10.41 55.12 -50.98
C ASP D 42 10.13 56.03 -49.77
N GLU D 43 11.16 56.77 -49.36
CA GLU D 43 11.09 57.58 -48.15
C GLU D 43 11.32 59.07 -48.44
N TYR D 44 10.23 59.85 -48.39
CA TYR D 44 10.29 61.28 -48.66
C TYR D 44 10.59 62.09 -47.41
N LEU D 45 10.28 61.50 -46.26
CA LEU D 45 10.54 62.10 -44.94
C LEU D 45 10.59 61.02 -43.88
N SER D 46 11.56 61.13 -42.98
CA SER D 46 11.59 60.35 -41.75
C SER D 46 12.10 61.25 -40.63
N GLY D 47 11.72 60.94 -39.40
CA GLY D 47 12.16 61.76 -38.27
C GLY D 47 11.75 61.26 -36.91
N LEU D 48 12.13 62.03 -35.89
CA LEU D 48 11.85 61.69 -34.50
C LEU D 48 11.79 62.94 -33.62
N ALA D 49 10.67 63.08 -32.91
CA ALA D 49 10.53 64.09 -31.87
C ALA D 49 10.64 63.39 -30.51
N GLU D 50 11.36 64.00 -29.58
CA GLU D 50 11.73 63.32 -28.34
C GLU D 50 11.92 64.25 -27.15
N CYS D 51 12.11 63.64 -25.97
CA CYS D 51 12.30 64.35 -24.69
C CYS D 51 11.09 65.23 -24.35
N PHE D 52 9.90 64.69 -24.60
CA PHE D 52 8.64 65.39 -24.32
C PHE D 52 8.52 65.65 -22.83
N HIS D 53 7.80 66.73 -22.48
CA HIS D 53 7.54 67.11 -21.10
C HIS D 53 8.82 67.50 -20.32
N LEU D 54 9.87 67.76 -21.08
CA LEU D 54 11.17 68.18 -20.52
C LEU D 54 11.64 69.42 -21.30
N PRO D 55 12.63 70.16 -20.75
CA PRO D 55 13.04 71.40 -21.40
C PRO D 55 13.75 71.18 -22.74
N GLU D 56 14.38 70.01 -22.89
CA GLU D 56 15.21 69.71 -24.06
C GLU D 56 14.42 68.97 -25.14
N ALA D 57 13.14 69.34 -25.29
CA ALA D 57 12.28 68.73 -26.30
C ALA D 57 12.67 69.19 -27.70
N ARG D 58 12.99 68.23 -28.55
CA ARG D 58 13.56 68.49 -29.88
C ARG D 58 12.92 67.61 -30.96
N ILE D 59 13.11 68.02 -32.21
CA ILE D 59 12.65 67.26 -33.36
C ILE D 59 13.75 67.16 -34.44
N LYS D 60 14.19 65.93 -34.70
CA LYS D 60 15.15 65.66 -35.76
C LYS D 60 14.42 65.08 -36.96
N TRP D 61 14.80 65.51 -38.16
CA TRP D 61 14.19 65.01 -39.39
C TRP D 61 15.14 65.01 -40.59
N LYS D 62 15.00 63.99 -41.44
CA LYS D 62 15.79 63.87 -42.66
C LYS D 62 14.87 63.99 -43.89
N MET D 63 15.22 64.89 -44.79
CA MET D 63 14.41 65.17 -45.99
C MET D 63 15.08 64.69 -47.29
N ASP D 64 15.08 65.56 -48.30
CA ASP D 64 15.38 65.19 -49.70
C ASP D 64 16.82 64.85 -50.11
N GLY D 65 17.84 65.49 -49.55
CA GLY D 65 17.73 66.47 -48.45
C GLY D 65 18.65 66.08 -47.32
N SER D 66 18.63 66.87 -46.25
CA SER D 66 19.59 66.70 -45.15
C SER D 66 18.91 66.55 -43.79
N LYS D 67 19.71 66.15 -42.80
CA LYS D 67 19.26 66.03 -41.42
C LYS D 67 19.30 67.39 -40.73
N GLN D 68 18.15 67.81 -40.21
CA GLN D 68 18.05 69.07 -39.46
C GLN D 68 17.53 68.79 -38.05
N GLU D 69 17.85 69.68 -37.11
CA GLU D 69 17.33 69.57 -35.75
C GLU D 69 16.74 70.91 -35.33
N ALA D 70 15.67 70.84 -34.55
CA ALA D 70 15.02 72.04 -34.02
C ALA D 70 14.44 71.78 -32.64
N ALA D 71 14.42 72.81 -31.80
CA ALA D 71 13.83 72.71 -30.46
C ALA D 71 12.36 73.07 -30.53
N LEU D 72 11.51 72.17 -30.02
CA LEU D 72 10.06 72.38 -30.01
C LEU D 72 9.65 73.34 -28.90
N GLY D 73 10.47 73.44 -27.86
CA GLY D 73 10.21 74.31 -26.72
C GLY D 73 10.21 73.51 -25.42
N ALA D 74 10.39 74.20 -24.31
CA ALA D 74 10.35 73.57 -22.99
C ALA D 74 8.95 73.07 -22.66
N GLY D 75 8.86 71.81 -22.27
CA GLY D 75 7.58 71.20 -21.90
C GLY D 75 6.70 70.77 -23.05
N ALA D 76 7.23 70.86 -24.28
CA ALA D 76 6.48 70.51 -25.49
C ALA D 76 6.24 69.00 -25.62
N ALA D 77 5.25 68.64 -26.44
CA ALA D 77 4.91 67.23 -26.68
C ALA D 77 4.37 66.95 -28.09
N HIS D 78 3.43 66.01 -28.18
CA HIS D 78 2.88 65.54 -29.45
C HIS D 78 2.27 66.65 -30.31
N SER D 79 1.43 67.48 -29.68
CA SER D 79 0.77 68.60 -30.35
C SER D 79 1.76 69.54 -31.02
N GLU D 80 2.87 69.82 -30.33
CA GLU D 80 3.91 70.70 -30.85
C GLU D 80 4.70 70.05 -31.98
N ALA D 81 4.89 68.74 -31.88
CA ALA D 81 5.60 67.97 -32.91
C ALA D 81 4.84 67.98 -34.23
N LEU D 82 3.58 67.57 -34.20
CA LEU D 82 2.73 67.58 -35.39
C LEU D 82 2.46 68.98 -35.91
N ASN D 83 2.48 69.97 -35.02
CA ASN D 83 2.41 71.37 -35.42
C ASN D 83 3.66 71.79 -36.19
N PHE D 84 4.82 71.31 -35.74
CA PHE D 84 6.09 71.59 -36.40
C PHE D 84 6.18 70.88 -37.74
N ILE D 85 5.77 69.61 -37.76
CA ILE D 85 5.78 68.81 -38.98
C ILE D 85 4.96 69.45 -40.09
N VAL D 86 3.82 70.03 -39.72
CA VAL D 86 2.93 70.72 -40.66
C VAL D 86 3.41 72.14 -40.98
N ASN D 87 3.70 72.92 -39.94
CA ASN D 87 4.01 74.36 -40.09
C ASN D 87 5.45 74.71 -40.45
N THR D 88 6.36 73.74 -40.34
CA THR D 88 7.75 73.99 -40.68
C THR D 88 8.24 73.04 -41.77
N ILE D 89 8.22 71.74 -41.48
CA ILE D 89 8.75 70.72 -42.39
C ILE D 89 7.96 70.65 -43.70
N LEU D 90 6.69 70.29 -43.61
CA LEU D 90 5.83 70.13 -44.80
C LEU D 90 5.35 71.46 -45.39
N ALA D 91 5.40 72.53 -44.59
CA ALA D 91 5.04 73.86 -45.06
C ALA D 91 6.02 74.35 -46.14
N GLN D 92 7.24 73.85 -46.06
CA GLN D 92 8.26 74.10 -47.08
C GLN D 92 7.91 73.42 -48.41
N LYS D 93 7.27 72.25 -48.32
CA LYS D 93 6.95 71.43 -49.49
C LYS D 93 5.45 71.06 -49.53
N PRO D 94 4.61 71.97 -50.07
CA PRO D 94 3.16 71.81 -50.08
C PRO D 94 2.64 70.67 -50.96
N GLU D 95 3.39 70.35 -52.02
CA GLU D 95 3.02 69.27 -52.94
C GLU D 95 3.10 67.89 -52.30
N LEU D 96 3.94 67.76 -51.27
CA LEU D 96 4.05 66.52 -50.50
C LEU D 96 2.77 66.25 -49.71
N SER D 97 2.20 67.31 -49.14
CA SER D 97 0.97 67.21 -48.36
C SER D 97 -0.19 66.71 -49.21
N ALA D 98 -0.31 67.26 -50.42
CA ALA D 98 -1.38 66.90 -51.35
C ALA D 98 -1.26 65.48 -51.88
N GLN D 99 -0.05 64.91 -51.76
CA GLN D 99 0.23 63.55 -52.23
C GLN D 99 -0.09 62.46 -51.18
N LEU D 100 -0.42 62.89 -49.96
CA LEU D 100 -0.75 61.94 -48.89
C LEU D 100 -2.15 61.37 -49.06
N THR D 101 -2.27 60.05 -48.96
CA THR D 101 -3.53 59.36 -49.19
C THR D 101 -4.08 58.66 -47.95
N ALA D 102 -3.25 58.55 -46.91
CA ALA D 102 -3.65 57.90 -45.65
C ALA D 102 -2.66 58.16 -44.52
N ILE D 103 -3.12 57.93 -43.29
CA ILE D 103 -2.26 58.03 -42.11
C ILE D 103 -2.29 56.70 -41.34
N GLY D 104 -1.12 56.14 -41.09
CA GLY D 104 -1.00 54.88 -40.36
C GLY D 104 -0.51 55.09 -38.95
N HIS D 105 -1.23 54.53 -37.99
CA HIS D 105 -0.88 54.65 -36.57
C HIS D 105 -0.39 53.34 -35.97
N ARG D 106 0.81 53.38 -35.41
CA ARG D 106 1.39 52.24 -34.75
C ARG D 106 0.76 52.10 -33.36
N ILE D 107 0.13 50.95 -33.13
CA ILE D 107 -0.52 50.67 -31.84
C ILE D 107 0.13 49.46 -31.20
N VAL D 108 0.50 49.63 -29.92
CA VAL D 108 1.16 48.58 -29.14
C VAL D 108 0.24 47.40 -28.83
N HIS D 109 -0.98 47.68 -28.38
CA HIS D 109 -1.89 46.63 -27.92
C HIS D 109 -3.28 46.68 -28.54
N GLY D 110 -3.67 45.58 -29.18
CA GLY D 110 -4.98 45.46 -29.81
C GLY D 110 -5.87 44.43 -29.14
N GLY D 111 -5.32 43.72 -28.17
CA GLY D 111 -6.04 42.67 -27.45
C GLY D 111 -6.47 41.54 -28.36
N GLU D 112 -7.63 40.96 -28.06
CA GLU D 112 -8.19 39.90 -28.89
C GLU D 112 -9.01 40.47 -30.04
N LYS D 113 -9.65 41.62 -29.80
CA LYS D 113 -10.59 42.22 -30.73
C LYS D 113 -10.01 42.46 -32.13
N TYR D 114 -8.76 42.92 -32.19
CA TYR D 114 -8.17 43.33 -33.47
C TYR D 114 -7.11 42.35 -33.99
N THR D 115 -7.54 41.54 -34.96
CA THR D 115 -6.71 40.49 -35.56
C THR D 115 -6.02 40.95 -36.85
N SER D 116 -6.35 42.16 -37.28
CA SER D 116 -5.71 42.79 -38.45
C SER D 116 -5.80 44.32 -38.34
N SER D 117 -5.17 45.01 -39.29
CA SER D 117 -5.29 46.47 -39.39
C SER D 117 -6.71 46.85 -39.78
N VAL D 118 -7.23 47.89 -39.14
CA VAL D 118 -8.60 48.34 -39.35
C VAL D 118 -8.61 49.88 -39.47
N VAL D 119 -9.51 50.40 -40.31
CA VAL D 119 -9.69 51.84 -40.48
C VAL D 119 -10.28 52.43 -39.19
N ILE D 120 -9.69 53.52 -38.72
CA ILE D 120 -10.03 54.11 -37.42
C ILE D 120 -11.36 54.87 -37.44
N ASP D 121 -12.28 54.43 -36.59
CA ASP D 121 -13.52 55.17 -36.32
C ASP D 121 -13.77 55.24 -34.81
N GLU D 122 -14.99 55.60 -34.42
CA GLU D 122 -15.34 55.73 -33.00
C GLU D 122 -15.28 54.42 -32.21
N SER D 123 -15.61 53.30 -32.86
CA SER D 123 -15.53 51.98 -32.22
C SER D 123 -14.09 51.49 -32.08
N VAL D 124 -13.19 52.04 -32.91
CA VAL D 124 -11.77 51.72 -32.85
C VAL D 124 -11.07 52.54 -31.75
N ILE D 125 -11.42 53.81 -31.63
CA ILE D 125 -10.91 54.66 -30.55
C ILE D 125 -11.20 54.01 -29.20
N GLN D 126 -12.44 53.53 -29.04
CA GLN D 126 -12.87 52.85 -27.82
C GLN D 126 -12.09 51.56 -27.58
N GLY D 127 -11.96 50.75 -28.63
CA GLY D 127 -11.22 49.49 -28.57
C GLY D 127 -9.79 49.67 -28.09
N ILE D 128 -9.17 50.77 -28.53
CA ILE D 128 -7.83 51.13 -28.08
C ILE D 128 -7.83 51.55 -26.61
N LYS D 129 -8.82 52.35 -26.21
CA LYS D 129 -9.04 52.72 -24.82
C LYS D 129 -9.26 51.49 -23.93
N ASP D 130 -9.95 50.49 -24.48
CA ASP D 130 -10.26 49.26 -23.75
C ASP D 130 -9.06 48.30 -23.62
N SER D 131 -8.09 48.46 -24.51
CA SER D 131 -6.86 47.67 -24.49
C SER D 131 -5.74 48.39 -23.72
N ALA D 132 -6.04 49.61 -23.27
CA ALA D 132 -5.08 50.40 -22.49
C ALA D 132 -4.81 49.79 -21.11
N SER D 133 -5.66 48.84 -20.70
CA SER D 133 -5.46 48.10 -19.46
C SER D 133 -4.21 47.24 -19.52
N PHE D 134 -3.91 46.70 -20.70
CA PHE D 134 -2.74 45.82 -20.89
C PHE D 134 -1.49 46.60 -21.34
N ALA D 135 -1.70 47.84 -21.79
CA ALA D 135 -0.60 48.75 -22.12
C ALA D 135 -0.94 50.15 -21.60
N PRO D 136 -0.72 50.38 -20.30
CA PRO D 136 -1.20 51.57 -19.59
C PRO D 136 -0.58 52.89 -20.01
N LEU D 137 0.58 52.84 -20.66
CA LEU D 137 1.35 54.05 -20.93
C LEU D 137 1.33 54.46 -22.42
N HIS D 138 1.56 53.49 -23.31
CA HIS D 138 1.65 53.77 -24.74
C HIS D 138 0.32 53.96 -25.46
N ASN D 139 -0.70 53.17 -25.09
CA ASN D 139 -2.01 53.31 -25.73
C ASN D 139 -2.68 54.68 -25.56
N PRO D 140 -2.54 55.32 -24.38
CA PRO D 140 -3.04 56.70 -24.27
C PRO D 140 -2.25 57.70 -25.12
N ALA D 141 -0.97 57.43 -25.34
CA ALA D 141 -0.13 58.25 -26.21
C ALA D 141 -0.57 58.10 -27.67
N HIS D 142 -0.89 56.87 -28.06
CA HIS D 142 -1.42 56.58 -29.39
C HIS D 142 -2.68 57.38 -29.68
N LEU D 143 -3.53 57.54 -28.67
CA LEU D 143 -4.82 58.22 -28.82
C LEU D 143 -4.69 59.73 -29.01
N ILE D 144 -3.60 60.30 -28.50
CA ILE D 144 -3.28 61.70 -28.72
C ILE D 144 -2.85 61.90 -30.17
N GLY D 145 -1.93 61.07 -30.64
CA GLY D 145 -1.45 61.10 -32.02
C GLY D 145 -2.56 60.99 -33.04
N ILE D 146 -3.52 60.09 -32.78
CA ILE D 146 -4.72 59.96 -33.60
C ILE D 146 -5.54 61.26 -33.55
N ALA D 147 -5.80 61.74 -32.34
CA ALA D 147 -6.56 62.99 -32.13
C ALA D 147 -5.90 64.19 -32.81
N GLU D 148 -4.57 64.22 -32.78
CA GLU D 148 -3.80 65.30 -33.36
C GLU D 148 -3.69 65.22 -34.89
N ALA D 149 -3.58 64.00 -35.41
CA ALA D 149 -3.48 63.78 -36.86
C ALA D 149 -4.73 64.24 -37.60
N LEU D 150 -5.89 63.99 -37.00
CA LEU D 150 -7.17 64.37 -37.59
C LEU D 150 -7.35 65.89 -37.65
N LYS D 151 -6.86 66.59 -36.64
CA LYS D 151 -6.91 68.05 -36.59
C LYS D 151 -5.96 68.68 -37.61
N SER D 152 -4.78 68.09 -37.77
CA SER D 152 -3.75 68.61 -38.65
C SER D 152 -3.95 68.23 -40.12
N PHE D 153 -4.61 67.10 -40.36
CA PHE D 153 -4.90 66.65 -41.72
C PHE D 153 -6.39 66.33 -41.88
N PRO D 154 -7.22 67.37 -42.09
CA PRO D 154 -8.67 67.18 -42.25
C PRO D 154 -9.01 66.39 -43.50
N GLN D 155 -8.19 66.53 -44.55
CA GLN D 155 -8.39 65.83 -45.82
C GLN D 155 -8.34 64.30 -45.67
N LEU D 156 -7.64 63.83 -44.63
CA LEU D 156 -7.50 62.40 -44.38
C LEU D 156 -8.28 61.95 -43.15
N LYS D 157 -9.27 62.76 -42.77
CA LYS D 157 -10.13 62.51 -41.61
C LYS D 157 -10.70 61.09 -41.56
N ASP D 158 -11.19 60.62 -42.70
CA ASP D 158 -11.81 59.29 -42.77
C ASP D 158 -10.85 58.24 -43.35
N LYS D 159 -9.57 58.58 -43.45
CA LYS D 159 -8.57 57.69 -44.07
C LYS D 159 -7.39 57.36 -43.16
N ASN D 160 -7.66 57.25 -41.86
CA ASN D 160 -6.66 56.86 -40.86
C ASN D 160 -6.78 55.38 -40.49
N VAL D 161 -5.63 54.72 -40.28
CA VAL D 161 -5.59 53.28 -40.02
C VAL D 161 -4.72 52.93 -38.81
N ALA D 162 -5.23 52.04 -37.96
CA ALA D 162 -4.49 51.55 -36.80
C ALA D 162 -3.85 50.21 -37.10
N VAL D 163 -2.54 50.11 -36.83
CA VAL D 163 -1.77 48.89 -37.06
C VAL D 163 -1.18 48.42 -35.73
N PHE D 164 -1.60 47.24 -35.29
CA PHE D 164 -1.30 46.73 -33.94
C PHE D 164 -0.12 45.76 -33.94
N ASP D 165 0.74 45.87 -32.93
CA ASP D 165 1.87 44.95 -32.74
C ASP D 165 1.41 43.56 -32.29
N THR D 166 0.15 43.46 -31.88
CA THR D 166 -0.40 42.23 -31.32
C THR D 166 -1.24 41.44 -32.31
N ALA D 167 -1.51 42.06 -33.46
CA ALA D 167 -2.41 41.49 -34.47
C ALA D 167 -1.92 40.15 -35.01
N PHE D 168 -0.66 40.12 -35.47
CA PHE D 168 -0.08 38.95 -36.12
C PHE D 168 -0.10 37.68 -35.25
N HIS D 169 0.01 37.87 -33.93
CA HIS D 169 0.06 36.76 -32.98
C HIS D 169 -1.31 36.21 -32.61
N GLN D 170 -2.37 36.88 -33.04
CA GLN D 170 -3.74 36.47 -32.69
C GLN D 170 -4.09 35.06 -33.17
N THR D 171 -3.33 34.56 -34.15
CA THR D 171 -3.52 33.22 -34.70
C THR D 171 -3.06 32.12 -33.76
N MET D 172 -2.30 32.48 -32.72
CA MET D 172 -1.87 31.54 -31.70
C MET D 172 -3.05 30.71 -31.19
N PRO D 173 -2.87 29.38 -31.08
CA PRO D 173 -3.91 28.51 -30.52
C PRO D 173 -4.02 28.64 -29.00
N GLU D 174 -5.09 28.08 -28.42
CA GLU D 174 -5.34 28.12 -26.98
C GLU D 174 -4.18 27.55 -26.16
N GLU D 175 -3.55 26.52 -26.73
CA GLU D 175 -2.43 25.81 -26.13
C GLU D 175 -1.24 26.74 -25.86
N SER D 176 -1.13 27.81 -26.63
CA SER D 176 -0.03 28.75 -26.50
C SER D 176 -0.39 30.05 -25.79
N TYR D 177 -1.60 30.55 -25.99
CA TYR D 177 -1.97 31.84 -25.38
C TYR D 177 -2.38 31.77 -23.90
N LEU D 178 -2.71 30.57 -23.44
CA LEU D 178 -3.06 30.36 -22.03
C LEU D 178 -1.84 30.19 -21.14
N TYR D 179 -1.91 30.80 -19.97
CA TYR D 179 -0.93 30.58 -18.92
C TYR D 179 -1.50 29.56 -17.95
N ALA D 180 -0.60 28.86 -17.24
CA ALA D 180 -1.02 27.92 -16.21
C ALA D 180 -1.52 28.69 -14.99
N LEU D 181 -2.57 29.48 -15.19
CA LEU D 181 -3.20 30.28 -14.16
C LEU D 181 -4.66 29.91 -14.05
N PRO D 182 -5.34 30.30 -12.95
CA PRO D 182 -6.78 30.16 -12.86
C PRO D 182 -7.44 30.67 -14.14
N TYR D 183 -8.15 29.77 -14.83
CA TYR D 183 -8.74 30.05 -16.14
C TYR D 183 -9.64 31.29 -16.18
N SER D 184 -10.18 31.68 -15.04
CA SER D 184 -11.05 32.85 -14.91
C SER D 184 -10.34 34.16 -15.29
N LEU D 185 -9.02 34.18 -15.12
CA LEU D 185 -8.21 35.34 -15.48
C LEU D 185 -8.25 35.62 -16.98
N TYR D 186 -8.41 34.55 -17.78
CA TYR D 186 -8.63 34.71 -19.21
C TYR D 186 -10.08 35.02 -19.53
N LYS D 187 -10.99 34.22 -18.98
CA LYS D 187 -12.42 34.37 -19.25
C LYS D 187 -12.98 35.75 -18.92
N GLU D 188 -12.54 36.33 -17.80
CA GLU D 188 -13.12 37.59 -17.31
C GLU D 188 -12.22 38.82 -17.48
N HIS D 189 -10.91 38.66 -17.31
CA HIS D 189 -9.98 39.78 -17.37
C HIS D 189 -9.06 39.75 -18.60
N GLY D 190 -9.14 38.67 -19.37
CA GLY D 190 -8.39 38.54 -20.61
C GLY D 190 -6.89 38.42 -20.44
N VAL D 191 -6.47 37.70 -19.40
CA VAL D 191 -5.04 37.46 -19.16
C VAL D 191 -4.58 36.36 -20.10
N ARG D 192 -3.65 36.73 -20.98
CA ARG D 192 -3.38 35.99 -22.18
C ARG D 192 -2.02 36.39 -22.72
N ARG D 193 -1.47 35.56 -23.61
CA ARG D 193 -0.28 35.90 -24.36
C ARG D 193 -0.67 36.76 -25.57
N TYR D 194 -0.03 37.91 -25.72
CA TYR D 194 -0.34 38.85 -26.80
C TYR D 194 0.87 39.20 -27.69
N GLY D 195 2.05 39.30 -27.08
CA GLY D 195 3.28 39.59 -27.81
C GLY D 195 3.41 41.01 -28.34
N ALA D 196 4.46 41.25 -29.11
CA ALA D 196 4.69 42.54 -29.77
C ALA D 196 5.40 42.29 -31.10
N HIS D 197 5.99 43.33 -31.67
CA HIS D 197 6.69 43.25 -32.97
C HIS D 197 5.92 42.47 -34.04
N GLY D 198 4.59 42.43 -33.93
CA GLY D 198 3.75 41.67 -34.85
C GLY D 198 3.90 42.13 -36.28
N THR D 199 4.04 43.44 -36.44
CA THR D 199 4.25 44.07 -37.75
C THR D 199 5.60 43.68 -38.34
N SER D 200 6.60 43.49 -37.47
CA SER D 200 7.91 43.04 -37.92
C SER D 200 7.92 41.54 -38.20
N HIS D 201 7.40 40.76 -37.26
CA HIS D 201 7.31 39.30 -37.44
C HIS D 201 6.53 38.93 -38.69
N PHE D 202 5.52 39.72 -39.03
CA PHE D 202 4.76 39.56 -40.25
C PHE D 202 5.63 39.85 -41.48
N TYR D 203 6.30 40.99 -41.46
CA TYR D 203 7.10 41.44 -42.61
C TYR D 203 8.17 40.44 -43.02
N VAL D 204 9.02 40.06 -42.07
CA VAL D 204 10.10 39.10 -42.32
C VAL D 204 9.59 37.72 -42.75
N THR D 205 8.38 37.36 -42.29
CA THR D 205 7.70 36.14 -42.71
C THR D 205 7.38 36.19 -44.19
N GLN D 206 6.87 37.33 -44.67
CA GLN D 206 6.59 37.51 -46.10
C GLN D 206 7.88 37.44 -46.91
N GLU D 207 8.91 38.14 -46.43
CA GLU D 207 10.18 38.20 -47.14
C GLU D 207 10.93 36.87 -47.13
N ALA D 208 10.77 36.10 -46.06
CA ALA D 208 11.34 34.75 -45.96
C ALA D 208 10.76 33.83 -47.03
N ALA D 209 9.48 34.02 -47.35
CA ALA D 209 8.81 33.26 -48.39
C ALA D 209 9.40 33.56 -49.77
N LYS D 210 9.73 34.83 -50.01
CA LYS D 210 10.37 35.27 -51.25
C LYS D 210 11.79 34.73 -51.36
N MET D 211 12.51 34.72 -50.24
CA MET D 211 13.90 34.28 -50.18
C MET D 211 14.07 32.76 -50.22
N LEU D 212 13.20 32.06 -49.50
CA LEU D 212 13.15 30.60 -49.54
C LEU D 212 12.43 30.06 -50.78
N ASN D 213 11.90 30.99 -51.59
CA ASN D 213 11.30 30.68 -52.88
C ASN D 213 10.17 29.64 -52.76
N LYS D 214 9.25 29.91 -51.84
CA LYS D 214 8.11 29.03 -51.58
C LYS D 214 6.88 29.85 -51.15
N PRO D 215 5.67 29.26 -51.27
CA PRO D 215 4.47 29.93 -50.77
C PRO D 215 4.51 30.16 -49.26
N VAL D 216 4.10 31.35 -48.83
CA VAL D 216 4.06 31.74 -47.42
C VAL D 216 3.15 30.80 -46.60
N GLU D 217 2.21 30.17 -47.27
CA GLU D 217 1.23 29.26 -46.66
C GLU D 217 1.84 27.93 -46.19
N GLU D 218 3.07 27.66 -46.63
CA GLU D 218 3.76 26.41 -46.29
C GLU D 218 5.07 26.70 -45.55
N LEU D 219 5.18 27.91 -45.04
CA LEU D 219 6.41 28.40 -44.43
C LEU D 219 6.46 28.07 -42.95
N ASN D 220 7.48 27.30 -42.55
CA ASN D 220 7.71 26.95 -41.15
C ASN D 220 9.03 27.52 -40.65
N ILE D 221 8.97 28.77 -40.21
CA ILE D 221 10.18 29.46 -39.76
C ILE D 221 10.09 29.86 -38.29
N ILE D 222 11.26 30.16 -37.71
CA ILE D 222 11.32 30.79 -36.40
C ILE D 222 11.92 32.18 -36.61
N THR D 223 11.18 33.20 -36.19
CA THR D 223 11.58 34.59 -36.44
C THR D 223 12.07 35.28 -35.17
N CYS D 224 13.22 35.93 -35.28
CA CYS D 224 13.82 36.65 -34.16
C CYS D 224 13.91 38.15 -34.45
N HIS D 225 13.17 38.94 -33.68
CA HIS D 225 13.27 40.39 -33.73
C HIS D 225 14.05 40.90 -32.52
N LEU D 226 15.26 41.39 -32.77
CA LEU D 226 16.17 41.81 -31.71
C LEU D 226 16.61 43.25 -31.91
N GLY D 227 16.19 44.14 -31.01
CA GLY D 227 16.54 45.55 -31.09
C GLY D 227 15.90 46.37 -30.00
N ASN D 228 14.96 47.23 -30.38
CA ASN D 228 14.11 47.94 -29.42
C ASN D 228 13.11 46.95 -28.85
N GLY D 229 13.55 46.23 -27.83
CA GLY D 229 12.84 45.03 -27.36
C GLY D 229 13.30 43.83 -28.16
N GLY D 230 13.08 42.63 -27.61
CA GLY D 230 13.53 41.40 -28.26
C GLY D 230 12.47 40.32 -28.23
N SER D 231 12.04 39.90 -29.41
CA SER D 231 10.94 38.94 -29.52
C SER D 231 11.21 37.84 -30.54
N VAL D 232 10.94 36.60 -30.12
CA VAL D 232 11.00 35.44 -31.02
C VAL D 232 9.58 34.91 -31.23
N SER D 233 9.26 34.59 -32.47
CA SER D 233 7.97 34.00 -32.80
C SER D 233 8.14 32.65 -33.49
N ALA D 234 7.14 31.79 -33.31
CA ALA D 234 7.08 30.51 -34.01
C ALA D 234 6.05 30.59 -35.11
N ILE D 235 6.45 30.30 -36.34
CA ILE D 235 5.56 30.34 -37.49
C ILE D 235 5.37 28.95 -38.06
N ARG D 236 4.11 28.56 -38.22
CA ARG D 236 3.75 27.29 -38.84
C ARG D 236 2.72 27.56 -39.93
N ASN D 237 3.03 27.13 -41.15
CA ASN D 237 2.20 27.36 -42.33
C ASN D 237 1.86 28.84 -42.56
N GLY D 238 2.86 29.70 -42.41
CA GLY D 238 2.71 31.13 -42.63
C GLY D 238 1.97 31.88 -41.53
N LYS D 239 1.65 31.18 -40.44
CA LYS D 239 0.91 31.77 -39.33
C LYS D 239 1.60 31.58 -37.98
N CYS D 240 1.53 32.61 -37.15
CA CYS D 240 2.14 32.58 -35.83
C CYS D 240 1.37 31.66 -34.91
N VAL D 241 2.10 30.77 -34.24
CA VAL D 241 1.49 29.81 -33.31
C VAL D 241 2.05 29.96 -31.90
N ASP D 242 3.14 30.72 -31.77
CA ASP D 242 3.72 31.03 -30.46
C ASP D 242 4.64 32.25 -30.57
N THR D 243 4.73 33.04 -29.49
CA THR D 243 5.66 34.17 -29.43
C THR D 243 6.20 34.39 -28.02
N SER D 244 7.44 34.90 -27.94
CA SER D 244 8.18 34.98 -26.67
C SER D 244 7.63 35.98 -25.67
N MET D 245 7.14 37.12 -26.17
CA MET D 245 6.51 38.10 -25.30
C MET D 245 5.11 37.64 -24.91
N GLY D 246 4.66 38.08 -23.74
CA GLY D 246 3.39 37.61 -23.20
C GLY D 246 2.30 38.65 -23.17
N LEU D 247 1.76 38.92 -21.97
CA LEU D 247 0.74 39.95 -21.78
C LEU D 247 1.31 41.34 -22.11
N THR D 248 2.59 41.52 -21.78
CA THR D 248 3.32 42.75 -22.10
C THR D 248 4.60 42.38 -22.87
N PRO D 249 5.38 43.39 -23.30
CA PRO D 249 6.71 43.13 -23.86
C PRO D 249 7.80 42.80 -22.82
N LEU D 250 7.42 42.43 -21.60
CA LEU D 250 8.41 42.09 -20.57
C LEU D 250 8.93 40.66 -20.70
N GLU D 251 8.03 39.71 -20.91
CA GLU D 251 8.40 38.28 -20.98
C GLU D 251 9.35 37.98 -22.15
N GLY D 252 10.15 36.93 -22.00
CA GLY D 252 10.92 36.37 -23.11
C GLY D 252 12.42 36.54 -23.04
N LEU D 253 12.98 37.13 -24.10
CA LEU D 253 14.43 37.28 -24.25
C LEU D 253 15.04 38.32 -23.32
N VAL D 254 16.36 38.28 -23.20
CA VAL D 254 17.12 39.36 -22.62
C VAL D 254 17.03 40.53 -23.59
N MET D 255 16.63 41.69 -23.08
CA MET D 255 16.56 42.90 -23.89
C MET D 255 17.55 43.93 -23.36
N GLY D 256 17.62 45.09 -24.00
CA GLY D 256 18.56 46.13 -23.59
C GLY D 256 18.39 46.52 -22.14
N THR D 257 17.13 46.64 -21.73
CA THR D 257 16.79 47.21 -20.44
C THR D 257 15.77 46.36 -19.65
N ARG D 258 15.01 45.54 -20.36
CA ARG D 258 14.01 44.63 -19.76
C ARG D 258 14.60 43.26 -19.46
N SER D 259 14.16 42.67 -18.35
CA SER D 259 14.73 41.42 -17.81
C SER D 259 14.46 40.15 -18.62
N GLY D 260 13.27 40.06 -19.20
CA GLY D 260 12.82 38.81 -19.81
C GLY D 260 12.46 37.80 -18.75
N ASP D 261 12.50 36.52 -19.11
CA ASP D 261 12.07 35.42 -18.23
C ASP D 261 12.85 35.39 -16.93
N ILE D 262 12.09 35.28 -15.85
CA ILE D 262 12.65 35.18 -14.50
C ILE D 262 11.87 34.15 -13.72
N ASP D 263 12.36 33.83 -12.53
CA ASP D 263 11.57 33.09 -11.55
C ASP D 263 10.58 34.10 -10.96
N PRO D 264 9.26 33.86 -11.16
CA PRO D 264 8.22 34.74 -10.63
C PRO D 264 8.39 35.05 -9.15
N ALA D 265 9.01 34.14 -8.40
CA ALA D 265 9.20 34.31 -6.97
C ALA D 265 10.31 35.30 -6.62
N ILE D 266 11.13 35.67 -7.62
CA ILE D 266 12.15 36.71 -7.45
C ILE D 266 11.48 38.02 -7.08
N ILE D 267 10.33 38.30 -7.69
CA ILE D 267 9.53 39.48 -7.35
C ILE D 267 9.07 39.41 -5.89
N PHE D 268 8.65 38.22 -5.45
CA PHE D 268 8.22 38.01 -4.07
C PHE D 268 9.39 38.06 -3.11
N HIS D 269 10.53 37.48 -3.51
CA HIS D 269 11.75 37.50 -2.69
C HIS D 269 12.24 38.93 -2.47
N LEU D 270 12.19 39.74 -3.52
CA LEU D 270 12.63 41.14 -3.45
C LEU D 270 11.70 42.01 -2.61
N HIS D 271 10.40 41.70 -2.64
CA HIS D 271 9.42 42.44 -1.86
C HIS D 271 9.45 42.05 -0.38
N ASP D 272 9.53 40.75 -0.11
CA ASP D 272 9.48 40.23 1.26
C ASP D 272 10.82 40.31 1.99
N THR D 273 11.90 39.91 1.32
CA THR D 273 13.21 39.83 1.96
C THR D 273 14.06 41.09 1.76
N LEU D 274 14.05 41.62 0.53
CA LEU D 274 14.82 42.82 0.19
C LEU D 274 14.09 44.12 0.51
N GLY D 275 12.81 44.03 0.85
CA GLY D 275 12.00 45.18 1.26
C GLY D 275 11.74 46.22 0.17
N MET D 276 11.67 45.75 -1.08
CA MET D 276 11.43 46.64 -2.22
C MET D 276 9.96 46.86 -2.50
N SER D 277 9.64 48.03 -3.04
CA SER D 277 8.29 48.37 -3.46
C SER D 277 7.94 47.64 -4.75
N VAL D 278 6.65 47.35 -4.93
CA VAL D 278 6.13 46.75 -6.15
C VAL D 278 6.55 47.59 -7.36
N ASP D 279 6.29 48.89 -7.27
CA ASP D 279 6.65 49.84 -8.33
C ASP D 279 8.16 49.91 -8.59
N GLN D 280 8.94 49.79 -7.52
CA GLN D 280 10.41 49.76 -7.62
C GLN D 280 10.91 48.48 -8.30
N ILE D 281 10.29 47.36 -7.97
CA ILE D 281 10.59 46.07 -8.61
C ILE D 281 10.20 46.13 -10.08
N ASN D 282 8.98 46.64 -10.33
CA ASN D 282 8.50 46.86 -11.69
C ASN D 282 9.50 47.68 -12.48
N LYS D 283 9.93 48.80 -11.90
CA LYS D 283 10.90 49.71 -12.51
C LYS D 283 12.24 49.04 -12.76
N MET D 284 12.70 48.24 -11.80
CA MET D 284 13.96 47.50 -11.94
C MET D 284 13.92 46.50 -13.09
N LEU D 285 12.89 45.66 -13.12
CA LEU D 285 12.73 44.68 -14.19
C LEU D 285 12.64 45.32 -15.57
N THR D 286 12.01 46.49 -15.62
CA THR D 286 11.68 47.18 -16.87
C THR D 286 12.75 48.17 -17.33
N LYS D 287 13.37 48.88 -16.38
CA LYS D 287 14.30 49.97 -16.70
C LYS D 287 15.74 49.80 -16.23
N GLU D 288 15.98 48.80 -15.35
CA GLU D 288 17.30 48.65 -14.72
C GLU D 288 17.89 47.24 -14.87
N SER D 289 17.27 46.41 -15.72
CA SER D 289 17.68 45.02 -15.85
C SER D 289 18.53 44.76 -17.10
N GLY D 290 19.31 43.66 -17.05
CA GLY D 290 20.25 43.27 -18.11
C GLY D 290 19.62 43.34 -19.48
N LEU D 291 20.38 43.67 -20.53
CA LEU D 291 21.84 43.84 -20.53
C LEU D 291 22.40 44.98 -19.69
N LEU D 292 21.59 46.02 -19.48
CA LEU D 292 21.98 47.15 -18.63
C LEU D 292 22.32 46.68 -17.22
N GLY D 293 21.55 45.72 -16.72
CA GLY D 293 21.80 45.12 -15.40
C GLY D 293 22.92 44.09 -15.39
N LEU D 294 23.07 43.36 -16.50
CA LEU D 294 24.13 42.35 -16.63
C LEU D 294 25.50 43.01 -16.77
N THR D 295 25.70 43.78 -17.84
CA THR D 295 26.84 44.66 -17.96
C THR D 295 26.47 45.89 -17.15
N GLU D 296 26.94 45.97 -15.90
CA GLU D 296 26.58 47.08 -15.02
C GLU D 296 26.99 48.45 -15.60
N VAL D 297 27.12 48.50 -16.92
CA VAL D 297 27.59 49.69 -17.61
C VAL D 297 26.53 50.30 -18.54
N THR D 298 25.97 49.48 -19.42
CA THR D 298 25.10 49.98 -20.50
C THR D 298 24.13 48.93 -21.08
N SER D 299 23.09 49.42 -21.74
CA SER D 299 22.09 48.58 -22.41
C SER D 299 22.44 48.28 -23.86
N ASP D 300 23.44 49.00 -24.38
CA ASP D 300 23.80 48.92 -25.79
C ASP D 300 24.52 47.62 -26.12
N CYS D 301 24.00 46.92 -27.13
CA CYS D 301 24.52 45.62 -27.54
C CYS D 301 25.88 45.66 -28.24
N ARG D 302 26.20 46.82 -28.84
CA ARG D 302 27.50 47.02 -29.48
C ARG D 302 28.67 47.03 -28.48
N TYR D 303 28.39 47.47 -27.25
CA TYR D 303 29.36 47.38 -26.16
C TYR D 303 29.65 45.92 -25.84
N VAL D 304 28.61 45.10 -25.94
CA VAL D 304 28.70 43.69 -25.61
C VAL D 304 29.49 42.92 -26.69
N GLU D 305 29.25 43.24 -27.97
CA GLU D 305 29.97 42.62 -29.08
C GLU D 305 31.45 42.97 -29.11
N ASP D 306 31.75 44.27 -29.06
CA ASP D 306 33.11 44.76 -29.27
C ASP D 306 34.06 44.45 -28.12
N ASN D 307 33.52 44.32 -26.91
CA ASN D 307 34.33 44.10 -25.72
C ASN D 307 34.22 42.69 -25.14
N TYR D 308 33.68 41.77 -25.94
CA TYR D 308 33.48 40.38 -25.53
C TYR D 308 34.76 39.70 -25.00
N ALA D 309 35.87 39.91 -25.70
CA ALA D 309 37.16 39.31 -25.32
C ALA D 309 37.92 40.17 -24.32
N THR D 310 37.66 41.48 -24.35
CA THR D 310 38.41 42.46 -23.59
C THR D 310 37.88 42.64 -22.16
N LYS D 311 36.60 42.29 -21.92
CA LYS D 311 35.93 42.61 -20.65
C LYS D 311 35.08 41.47 -20.07
N GLU D 312 35.09 41.33 -18.74
CA GLU D 312 34.30 40.30 -18.06
C GLU D 312 32.80 40.57 -18.10
N ASP D 313 32.41 41.81 -17.80
CA ASP D 313 31.00 42.18 -17.77
C ASP D 313 30.29 42.00 -19.12
N ALA D 314 31.03 42.25 -20.20
CA ALA D 314 30.53 42.11 -21.57
C ALA D 314 30.29 40.65 -21.94
N LYS D 315 31.23 39.78 -21.59
CA LYS D 315 31.10 38.34 -21.84
C LYS D 315 29.91 37.75 -21.08
N ARG D 316 29.82 38.10 -19.80
CA ARG D 316 28.73 37.68 -18.92
C ARG D 316 27.34 37.98 -19.49
N ALA D 317 27.17 39.17 -20.06
CA ALA D 317 25.91 39.60 -20.63
C ALA D 317 25.61 38.93 -21.97
N MET D 318 26.64 38.81 -22.82
CA MET D 318 26.52 38.14 -24.12
C MET D 318 26.20 36.65 -23.96
N ASP D 319 26.87 36.00 -23.02
CA ASP D 319 26.65 34.59 -22.73
C ASP D 319 25.19 34.35 -22.40
N VAL D 320 24.67 35.08 -21.41
CA VAL D 320 23.27 34.98 -21.01
C VAL D 320 22.34 35.36 -22.18
N TYR D 321 22.66 36.45 -22.87
CA TYR D 321 21.84 36.91 -23.99
C TYR D 321 21.66 35.85 -25.07
N CYS D 322 22.77 35.24 -25.49
CA CYS D 322 22.74 34.22 -26.53
C CYS D 322 22.22 32.88 -26.03
N HIS D 323 22.42 32.61 -24.74
CA HIS D 323 21.89 31.42 -24.10
C HIS D 323 20.36 31.44 -24.12
N ARG D 324 19.79 32.58 -23.71
CA ARG D 324 18.35 32.77 -23.66
C ARG D 324 17.75 32.72 -25.06
N LEU D 325 18.48 33.26 -26.04
CA LEU D 325 18.05 33.31 -27.43
C LEU D 325 18.13 31.92 -28.08
N ALA D 326 19.22 31.20 -27.82
CA ALA D 326 19.37 29.84 -28.34
C ALA D 326 18.28 28.93 -27.78
N LYS D 327 18.07 29.01 -26.47
CA LYS D 327 17.02 28.23 -25.80
C LYS D 327 15.64 28.50 -26.40
N TYR D 328 15.38 29.74 -26.80
CA TYR D 328 14.09 30.08 -27.39
C TYR D 328 13.90 29.53 -28.80
N ILE D 329 14.90 29.73 -29.67
CA ILE D 329 14.86 29.15 -31.02
C ILE D 329 14.64 27.63 -30.93
N GLY D 330 15.39 26.99 -30.04
CA GLY D 330 15.27 25.54 -29.82
C GLY D 330 13.89 25.13 -29.33
N SER D 331 13.31 25.92 -28.42
CA SER D 331 12.04 25.58 -27.80
C SER D 331 10.89 25.56 -28.80
N TYR D 332 11.01 26.38 -29.85
CA TYR D 332 9.94 26.49 -30.83
C TYR D 332 9.91 25.37 -31.86
N THR D 333 10.86 24.43 -31.75
CA THR D 333 10.81 23.16 -32.48
C THR D 333 9.57 22.36 -32.08
N ALA D 334 9.03 22.66 -30.90
CA ALA D 334 7.79 22.02 -30.41
C ALA D 334 6.55 22.54 -31.12
N LEU D 335 6.74 23.54 -32.00
CA LEU D 335 5.65 24.17 -32.72
C LEU D 335 5.72 23.88 -34.22
N MET D 336 6.84 23.28 -34.65
CA MET D 336 7.15 23.14 -36.07
C MET D 336 6.51 21.93 -36.76
N ASP D 337 5.99 20.97 -35.98
CA ASP D 337 5.29 19.80 -36.51
C ASP D 337 6.13 18.95 -37.48
N GLY D 338 7.42 18.81 -37.16
CA GLY D 338 8.31 17.95 -37.95
C GLY D 338 9.02 18.60 -39.13
N ARG D 339 8.95 19.93 -39.21
CA ARG D 339 9.60 20.67 -40.28
C ARG D 339 9.97 22.09 -39.88
N LEU D 340 11.25 22.43 -40.02
CA LEU D 340 11.74 23.78 -39.80
C LEU D 340 12.47 24.27 -41.04
N ASP D 341 11.87 25.22 -41.74
CA ASP D 341 12.41 25.76 -42.99
C ASP D 341 13.64 26.63 -42.79
N ALA D 342 13.63 27.47 -41.75
CA ALA D 342 14.72 28.39 -41.46
C ALA D 342 14.55 29.10 -40.12
N VAL D 343 15.62 29.74 -39.66
CA VAL D 343 15.55 30.75 -38.59
C VAL D 343 15.84 32.12 -39.21
N VAL D 344 15.20 33.16 -38.67
CA VAL D 344 15.31 34.52 -39.23
C VAL D 344 15.78 35.53 -38.19
N PHE D 345 16.73 36.37 -38.55
CA PHE D 345 17.21 37.45 -37.67
C PHE D 345 16.87 38.83 -38.21
N THR D 346 16.33 39.68 -37.34
CA THR D 346 15.93 41.03 -37.71
C THR D 346 15.98 42.00 -36.52
N GLY D 347 15.90 43.29 -36.80
CA GLY D 347 15.96 44.34 -35.79
C GLY D 347 17.35 44.93 -35.68
N GLY D 348 17.47 46.01 -34.90
CA GLY D 348 18.75 46.68 -34.69
C GLY D 348 19.92 45.76 -34.36
N ILE D 349 19.67 44.79 -33.47
CA ILE D 349 20.66 43.78 -33.11
C ILE D 349 20.71 42.69 -34.18
N GLY D 350 19.54 42.22 -34.60
CA GLY D 350 19.44 41.10 -35.53
C GLY D 350 20.08 41.31 -36.88
N GLU D 351 20.11 42.56 -37.34
CA GLU D 351 20.65 42.91 -38.65
C GLU D 351 22.16 43.11 -38.62
N ASN D 352 22.65 43.61 -37.48
CA ASN D 352 24.01 44.11 -37.40
C ASN D 352 24.96 43.31 -36.51
N ALA D 353 24.41 42.62 -35.52
CA ALA D 353 25.21 41.89 -34.55
C ALA D 353 25.56 40.47 -34.98
N ALA D 354 26.66 40.34 -35.70
CA ALA D 354 27.13 39.04 -36.20
C ALA D 354 27.43 38.03 -35.08
N MET D 355 28.08 38.50 -34.01
CA MET D 355 28.42 37.65 -32.86
C MET D 355 27.22 37.02 -32.16
N VAL D 356 26.16 37.81 -31.97
CA VAL D 356 24.94 37.31 -31.36
C VAL D 356 24.41 36.10 -32.14
N ARG D 357 24.42 36.21 -33.47
CA ARG D 357 23.93 35.14 -34.34
C ARG D 357 24.88 33.93 -34.34
N GLU D 358 26.17 34.21 -34.22
CA GLU D 358 27.22 33.19 -34.19
C GLU D 358 27.21 32.36 -32.91
N LEU D 359 27.15 33.03 -31.77
CA LEU D 359 27.19 32.34 -30.48
C LEU D 359 25.90 31.61 -30.17
N SER D 360 24.77 32.21 -30.52
CA SER D 360 23.47 31.61 -30.26
C SER D 360 23.16 30.42 -31.17
N LEU D 361 23.42 30.58 -32.47
CA LEU D 361 23.25 29.47 -33.41
C LEU D 361 24.30 28.39 -33.20
N GLY D 362 25.51 28.81 -32.85
CA GLY D 362 26.60 27.89 -32.51
C GLY D 362 26.25 26.94 -31.38
N LYS D 363 25.16 27.21 -30.67
CA LYS D 363 24.66 26.36 -29.60
C LYS D 363 23.61 25.36 -30.10
N LEU D 364 23.13 25.55 -31.32
CA LEU D 364 22.01 24.76 -31.85
C LEU D 364 22.41 23.80 -32.96
N GLY D 365 23.57 23.17 -32.83
CA GLY D 365 24.05 22.17 -33.78
C GLY D 365 23.16 20.94 -33.90
N VAL D 366 22.51 20.55 -32.79
CA VAL D 366 21.55 19.44 -32.77
C VAL D 366 20.37 19.69 -33.72
N LEU D 367 20.06 20.97 -33.95
CA LEU D 367 19.03 21.37 -34.91
C LEU D 367 19.53 21.40 -36.35
N GLY D 368 20.84 21.21 -36.54
CA GLY D 368 21.43 21.24 -37.88
C GLY D 368 21.92 22.62 -38.31
N PHE D 369 22.01 23.54 -37.35
CA PHE D 369 22.51 24.89 -37.61
C PHE D 369 24.02 24.94 -37.59
N GLU D 370 24.58 25.60 -38.61
CA GLU D 370 26.01 25.82 -38.74
C GLU D 370 26.21 27.12 -39.52
N VAL D 371 26.86 28.08 -38.88
CA VAL D 371 27.02 29.42 -39.43
C VAL D 371 28.27 29.51 -40.32
N ASP D 372 28.09 30.10 -41.51
CA ASP D 372 29.19 30.44 -42.39
C ASP D 372 29.70 31.81 -41.97
N HIS D 373 30.98 31.89 -41.59
CA HIS D 373 31.55 33.12 -41.06
C HIS D 373 31.61 34.24 -42.09
N GLU D 374 32.02 33.90 -43.31
CA GLU D 374 32.15 34.87 -44.40
C GLU D 374 30.78 35.46 -44.78
N ARG D 375 29.75 34.62 -44.76
CA ARG D 375 28.38 35.05 -45.02
C ARG D 375 27.86 35.89 -43.85
N ASN D 376 28.21 35.50 -42.63
CA ASN D 376 27.73 36.18 -41.43
C ASN D 376 28.21 37.62 -41.30
N LEU D 377 29.44 37.89 -41.73
CA LEU D 377 29.98 39.24 -41.73
C LEU D 377 29.37 40.08 -42.85
N ALA D 378 29.14 39.44 -43.99
CA ALA D 378 28.57 40.12 -45.15
C ALA D 378 27.14 40.60 -44.89
N ALA D 379 26.37 39.81 -44.16
CA ALA D 379 24.97 40.17 -43.87
C ALA D 379 24.82 41.14 -42.70
N ARG D 380 25.32 42.36 -42.90
CA ARG D 380 25.24 43.42 -41.89
C ARG D 380 24.90 44.78 -42.50
N PHE D 381 24.59 45.74 -41.62
CA PHE D 381 24.40 47.16 -41.98
C PHE D 381 23.38 47.39 -43.09
N GLY D 382 22.22 46.74 -42.96
CA GLY D 382 21.13 46.91 -43.90
C GLY D 382 21.07 45.88 -45.01
N LYS D 383 22.09 45.03 -45.10
CA LYS D 383 22.12 43.97 -46.12
C LYS D 383 21.54 42.64 -45.65
N SER D 384 20.75 42.04 -46.53
CA SER D 384 20.10 40.76 -46.29
C SER D 384 20.93 39.62 -46.89
N GLY D 385 20.67 38.41 -46.42
CA GLY D 385 21.30 37.21 -46.98
C GLY D 385 21.28 36.02 -46.04
N PHE D 386 21.61 34.85 -46.59
CA PHE D 386 21.78 33.64 -45.81
C PHE D 386 23.11 33.71 -45.08
N ILE D 387 23.13 33.28 -43.82
CA ILE D 387 24.35 33.28 -43.01
C ILE D 387 24.76 31.85 -42.59
N ASN D 388 23.98 30.88 -43.06
CA ASN D 388 24.25 29.47 -42.79
C ASN D 388 25.25 28.87 -43.76
N LYS D 389 26.00 27.89 -43.30
CA LYS D 389 26.85 27.08 -44.16
C LYS D 389 25.97 26.41 -45.22
N GLU D 390 26.54 26.20 -46.41
CA GLU D 390 25.78 25.60 -47.50
C GLU D 390 25.51 24.12 -47.19
N GLY D 391 24.26 23.71 -47.34
CA GLY D 391 23.86 22.34 -47.05
C GLY D 391 23.36 22.11 -45.62
N THR D 392 23.47 23.13 -44.78
CA THR D 392 22.93 23.06 -43.42
C THR D 392 21.58 23.76 -43.37
N ARG D 393 20.93 23.77 -42.22
CA ARG D 393 19.62 24.39 -42.07
C ARG D 393 19.70 25.88 -42.35
N PRO D 394 18.83 26.38 -43.26
CA PRO D 394 18.85 27.80 -43.63
C PRO D 394 18.73 28.75 -42.45
N ALA D 395 19.49 29.84 -42.53
CA ALA D 395 19.45 30.92 -41.54
C ALA D 395 19.62 32.24 -42.28
N VAL D 396 18.63 33.13 -42.14
CA VAL D 396 18.59 34.35 -42.93
C VAL D 396 18.51 35.63 -42.11
N VAL D 397 19.24 36.65 -42.58
CA VAL D 397 19.12 38.00 -42.06
C VAL D 397 18.21 38.80 -43.00
N ILE D 398 17.08 39.26 -42.48
CA ILE D 398 16.14 40.05 -43.25
C ILE D 398 15.87 41.35 -42.50
N PRO D 399 16.39 42.48 -43.01
CA PRO D 399 16.08 43.77 -42.38
C PRO D 399 14.58 44.05 -42.47
N THR D 400 13.99 44.43 -41.34
CA THR D 400 12.55 44.69 -41.25
C THR D 400 12.19 46.11 -41.69
N ASN D 401 10.91 46.30 -41.99
CA ASN D 401 10.39 47.59 -42.42
C ASN D 401 8.95 47.79 -41.95
N GLU D 402 8.78 47.85 -40.63
CA GLU D 402 7.47 48.03 -40.00
C GLU D 402 6.71 49.24 -40.55
N GLU D 403 7.46 50.31 -40.83
CA GLU D 403 6.89 51.53 -41.40
C GLU D 403 6.15 51.25 -42.72
N LEU D 404 6.76 50.43 -43.57
CA LEU D 404 6.19 50.09 -44.88
C LEU D 404 4.91 49.26 -44.76
N VAL D 405 4.90 48.28 -43.85
CA VAL D 405 3.71 47.48 -43.62
C VAL D 405 2.56 48.39 -43.19
N ILE D 406 2.79 49.16 -42.14
CA ILE D 406 1.86 50.20 -41.70
C ILE D 406 1.33 50.97 -42.91
N ALA D 407 2.25 51.47 -43.75
CA ALA D 407 1.90 52.24 -44.94
C ALA D 407 1.04 51.43 -45.92
N GLN D 408 1.44 50.19 -46.19
CA GLN D 408 0.74 49.30 -47.11
C GLN D 408 -0.68 48.99 -46.64
N ASP D 409 -0.84 48.75 -45.34
CA ASP D 409 -2.15 48.51 -44.74
C ASP D 409 -3.05 49.73 -44.83
N ALA D 410 -2.48 50.90 -44.57
CA ALA D 410 -3.20 52.17 -44.63
C ALA D 410 -3.68 52.47 -46.05
N SER D 411 -2.85 52.14 -47.05
CA SER D 411 -3.20 52.37 -48.45
C SER D 411 -4.21 51.35 -48.98
N ARG D 412 -3.99 50.08 -48.65
CA ARG D 412 -4.89 48.99 -49.06
C ARG D 412 -6.31 49.15 -48.50
N LEU D 413 -6.42 49.72 -47.30
CA LEU D 413 -7.70 49.87 -46.61
C LEU D 413 -8.48 51.14 -46.97
N THR D 414 -7.79 52.13 -47.53
CA THR D 414 -8.41 53.45 -47.79
C THR D 414 -8.52 53.82 -49.28
N ALA D 415 -8.17 52.89 -50.16
CA ALA D 415 -8.19 53.13 -51.60
C ALA D 415 -9.58 52.95 -52.22
C1 EDO E . -18.07 -15.75 13.27
O1 EDO E . -18.25 -15.15 14.55
C2 EDO E . -19.02 -16.92 13.12
O2 EDO E . -20.21 -16.50 12.43
C1 EDO F . -17.30 -49.48 42.21
O1 EDO F . -17.60 -50.42 43.26
C2 EDO F . -17.28 -48.07 42.77
O2 EDO F . -16.52 -48.03 43.98
C1 EDO G . -22.22 -36.94 32.12
O1 EDO G . -21.61 -37.84 31.20
C2 EDO G . -21.87 -35.50 31.72
O2 EDO G . -22.71 -35.09 30.64
C1 EDO H . -14.90 59.18 -37.84
O1 EDO H . -14.82 59.17 -39.27
C2 EDO H . -13.52 59.38 -37.23
O2 EDO H . -12.97 60.63 -37.68
#